data_1UFI
# 
_entry.id   1UFI 
# 
_audit_conform.dict_name       mmcif_pdbx.dic 
_audit_conform.dict_version    5.383 
_audit_conform.dict_location   http://mmcif.pdb.org/dictionaries/ascii/mmcif_pdbx.dic 
# 
loop_
_database_2.database_id 
_database_2.database_code 
_database_2.pdbx_database_accession 
_database_2.pdbx_DOI 
PDB   1UFI         pdb_00001ufi 10.2210/pdb1ufi/pdb 
RCSB  RCSB005769   ?            ?                   
WWPDB D_1000005769 ?            ?                   
# 
loop_
_pdbx_audit_revision_history.ordinal 
_pdbx_audit_revision_history.data_content_type 
_pdbx_audit_revision_history.major_revision 
_pdbx_audit_revision_history.minor_revision 
_pdbx_audit_revision_history.revision_date 
1 'Structure model' 1 0 2004-02-17 
2 'Structure model' 1 1 2008-04-27 
3 'Structure model' 1 2 2011-07-13 
4 'Structure model' 1 3 2023-12-27 
# 
_pdbx_audit_revision_details.ordinal             1 
_pdbx_audit_revision_details.revision_ordinal    1 
_pdbx_audit_revision_details.data_content_type   'Structure model' 
_pdbx_audit_revision_details.provider            repository 
_pdbx_audit_revision_details.type                'Initial release' 
_pdbx_audit_revision_details.description         ? 
_pdbx_audit_revision_details.details             ? 
# 
loop_
_pdbx_audit_revision_group.ordinal 
_pdbx_audit_revision_group.revision_ordinal 
_pdbx_audit_revision_group.data_content_type 
_pdbx_audit_revision_group.group 
1 2 'Structure model' 'Version format compliance' 
2 3 'Structure model' 'Version format compliance' 
3 4 'Structure model' 'Data collection'           
4 4 'Structure model' 'Database references'       
# 
loop_
_pdbx_audit_revision_category.ordinal 
_pdbx_audit_revision_category.revision_ordinal 
_pdbx_audit_revision_category.data_content_type 
_pdbx_audit_revision_category.category 
1 4 'Structure model' chem_comp_atom     
2 4 'Structure model' chem_comp_bond     
3 4 'Structure model' database_2         
4 4 'Structure model' struct_ref_seq_dif 
# 
loop_
_pdbx_audit_revision_item.ordinal 
_pdbx_audit_revision_item.revision_ordinal 
_pdbx_audit_revision_item.data_content_type 
_pdbx_audit_revision_item.item 
1 4 'Structure model' '_database_2.pdbx_DOI'                
2 4 'Structure model' '_database_2.pdbx_database_accession' 
3 4 'Structure model' '_struct_ref_seq_dif.details'         
# 
_pdbx_database_status.status_code                     REL 
_pdbx_database_status.entry_id                        1UFI 
_pdbx_database_status.recvd_initial_deposition_date   2003-05-30 
_pdbx_database_status.deposit_site                    PDBJ 
_pdbx_database_status.process_site                    PDBJ 
_pdbx_database_status.status_code_sf                  REL 
_pdbx_database_status.SG_entry                        Y 
_pdbx_database_status.pdb_format_compatible           Y 
_pdbx_database_status.status_code_mr                  ? 
_pdbx_database_status.status_code_cs                  ? 
_pdbx_database_status.status_code_nmr_data            ? 
_pdbx_database_status.methods_development_category    ? 
# 
_pdbx_database_related.db_name        TargetDB 
_pdbx_database_related.db_id          trt001000147.1 
_pdbx_database_related.details        . 
_pdbx_database_related.content_type   unspecified 
# 
loop_
_audit_author.name 
_audit_author.pdbx_ordinal 
'Tawaramoto, M.S.'                                       1 
'Kurumizaka, H.'                                         2 
'Tanaka, Y.'                                             3 
'Park, S.-Y.'                                            4 
'Yokoyama, S.'                                           5 
'RIKEN Structural Genomics/Proteomics Initiative (RSGI)' 6 
# 
_citation.id                        primary 
_citation.title                     
'Crystal structure of the human centromere protein B (CENP-B) dimerization domain at 1.65-A resolution' 
_citation.journal_abbrev            J.Biol.Chem. 
_citation.journal_volume            278 
_citation.page_first                51454 
_citation.page_last                 51461 
_citation.year                      2003 
_citation.journal_id_ASTM           JBCHA3 
_citation.country                   US 
_citation.journal_id_ISSN           0021-9258 
_citation.journal_id_CSD            0071 
_citation.book_publisher            ? 
_citation.pdbx_database_id_PubMed   14522975 
_citation.pdbx_database_id_DOI      10.1074/jbc.M310388200 
# 
loop_
_citation_author.citation_id 
_citation_author.name 
_citation_author.ordinal 
_citation_author.identifier_ORCID 
primary 'Tawaramoto, M.S.' 1 ? 
primary 'Park, S.-Y.'      2 ? 
primary 'Tanaka, Y.'       3 ? 
primary 'Nureki, O.'       4 ? 
primary 'Kurumizaka, H.'   5 ? 
primary 'Yokoyama, S.'     6 ? 
# 
loop_
_entity.id 
_entity.type 
_entity.src_method 
_entity.pdbx_description 
_entity.formula_weight 
_entity.pdbx_number_of_molecules 
_entity.pdbx_ec 
_entity.pdbx_mutation 
_entity.pdbx_fragment 
_entity.details 
1 polymer man 'Major centromere autoantigen B' 7249.285 4   ? ? 'dimerization domain' ? 
2 water   nat water                            18.015   147 ? ? ?                     ? 
# 
_entity_name_com.entity_id   1 
_entity_name_com.name        CENP-B 
# 
_entity_poly.entity_id                      1 
_entity_poly.type                           'polypeptide(L)' 
_entity_poly.nstd_linkage                   no 
_entity_poly.nstd_monomer                   no 
_entity_poly.pdbx_seq_one_letter_code       GSHMPVPSFGEAMAYFAMVKRYLTSFPIDDRVQSHILHLEHDLVHVTRKNHARQAGVRGLGHQS 
_entity_poly.pdbx_seq_one_letter_code_can   GSHMPVPSFGEAMAYFAMVKRYLTSFPIDDRVQSHILHLEHDLVHVTRKNHARQAGVRGLGHQS 
_entity_poly.pdbx_strand_id                 A,B,C,D 
_entity_poly.pdbx_target_identifier         trt001000147.1 
# 
_pdbx_entity_nonpoly.entity_id   2 
_pdbx_entity_nonpoly.name        water 
_pdbx_entity_nonpoly.comp_id     HOH 
# 
loop_
_entity_poly_seq.entity_id 
_entity_poly_seq.num 
_entity_poly_seq.mon_id 
_entity_poly_seq.hetero 
1 1  GLY n 
1 2  SER n 
1 3  HIS n 
1 4  MET n 
1 5  PRO n 
1 6  VAL n 
1 7  PRO n 
1 8  SER n 
1 9  PHE n 
1 10 GLY n 
1 11 GLU n 
1 12 ALA n 
1 13 MET n 
1 14 ALA n 
1 15 TYR n 
1 16 PHE n 
1 17 ALA n 
1 18 MET n 
1 19 VAL n 
1 20 LYS n 
1 21 ARG n 
1 22 TYR n 
1 23 LEU n 
1 24 THR n 
1 25 SER n 
1 26 PHE n 
1 27 PRO n 
1 28 ILE n 
1 29 ASP n 
1 30 ASP n 
1 31 ARG n 
1 32 VAL n 
1 33 GLN n 
1 34 SER n 
1 35 HIS n 
1 36 ILE n 
1 37 LEU n 
1 38 HIS n 
1 39 LEU n 
1 40 GLU n 
1 41 HIS n 
1 42 ASP n 
1 43 LEU n 
1 44 VAL n 
1 45 HIS n 
1 46 VAL n 
1 47 THR n 
1 48 ARG n 
1 49 LYS n 
1 50 ASN n 
1 51 HIS n 
1 52 ALA n 
1 53 ARG n 
1 54 GLN n 
1 55 ALA n 
1 56 GLY n 
1 57 VAL n 
1 58 ARG n 
1 59 GLY n 
1 60 LEU n 
1 61 GLY n 
1 62 HIS n 
1 63 GLN n 
1 64 SER n 
# 
_entity_src_gen.entity_id                          1 
_entity_src_gen.pdbx_src_id                        1 
_entity_src_gen.pdbx_alt_source_flag               sample 
_entity_src_gen.pdbx_seq_type                      ? 
_entity_src_gen.pdbx_beg_seq_num                   ? 
_entity_src_gen.pdbx_end_seq_num                   ? 
_entity_src_gen.gene_src_common_name               human 
_entity_src_gen.gene_src_genus                     Homo 
_entity_src_gen.pdbx_gene_src_gene                 CENPB 
_entity_src_gen.gene_src_species                   ? 
_entity_src_gen.gene_src_strain                    ? 
_entity_src_gen.gene_src_tissue                    ? 
_entity_src_gen.gene_src_tissue_fraction           ? 
_entity_src_gen.gene_src_details                   ? 
_entity_src_gen.pdbx_gene_src_fragment             ? 
_entity_src_gen.pdbx_gene_src_scientific_name      'Homo sapiens' 
_entity_src_gen.pdbx_gene_src_ncbi_taxonomy_id     9606 
_entity_src_gen.pdbx_gene_src_variant              ? 
_entity_src_gen.pdbx_gene_src_cell_line            ? 
_entity_src_gen.pdbx_gene_src_atcc                 ? 
_entity_src_gen.pdbx_gene_src_organ                ? 
_entity_src_gen.pdbx_gene_src_organelle            ? 
_entity_src_gen.pdbx_gene_src_cell                 ? 
_entity_src_gen.pdbx_gene_src_cellular_location    ? 
_entity_src_gen.host_org_common_name               ? 
_entity_src_gen.pdbx_host_org_scientific_name      'Escherichia coli BL21(DE3)' 
_entity_src_gen.pdbx_host_org_ncbi_taxonomy_id     469008 
_entity_src_gen.host_org_genus                     Escherichia 
_entity_src_gen.pdbx_host_org_gene                 ? 
_entity_src_gen.pdbx_host_org_organ                ? 
_entity_src_gen.host_org_species                   'Escherichia coli' 
_entity_src_gen.pdbx_host_org_tissue               ? 
_entity_src_gen.pdbx_host_org_tissue_fraction      ? 
_entity_src_gen.pdbx_host_org_strain               'BL21(DE3)' 
_entity_src_gen.pdbx_host_org_variant              ? 
_entity_src_gen.pdbx_host_org_cell_line            ? 
_entity_src_gen.pdbx_host_org_atcc                 ? 
_entity_src_gen.pdbx_host_org_culture_collection   ? 
_entity_src_gen.pdbx_host_org_cell                 ? 
_entity_src_gen.pdbx_host_org_organelle            ? 
_entity_src_gen.pdbx_host_org_cellular_location    ? 
_entity_src_gen.pdbx_host_org_vector_type          PLASMID 
_entity_src_gen.pdbx_host_org_vector               ? 
_entity_src_gen.host_org_details                   ? 
_entity_src_gen.expression_system_id               ? 
_entity_src_gen.plasmid_name                       pET-15B 
_entity_src_gen.plasmid_details                    ? 
_entity_src_gen.pdbx_description                   ? 
# 
loop_
_chem_comp.id 
_chem_comp.type 
_chem_comp.mon_nstd_flag 
_chem_comp.name 
_chem_comp.pdbx_synonyms 
_chem_comp.formula 
_chem_comp.formula_weight 
ALA 'L-peptide linking' y ALANINE         ? 'C3 H7 N O2'     89.093  
ARG 'L-peptide linking' y ARGININE        ? 'C6 H15 N4 O2 1' 175.209 
ASN 'L-peptide linking' y ASPARAGINE      ? 'C4 H8 N2 O3'    132.118 
ASP 'L-peptide linking' y 'ASPARTIC ACID' ? 'C4 H7 N O4'     133.103 
GLN 'L-peptide linking' y GLUTAMINE       ? 'C5 H10 N2 O3'   146.144 
GLU 'L-peptide linking' y 'GLUTAMIC ACID' ? 'C5 H9 N O4'     147.129 
GLY 'peptide linking'   y GLYCINE         ? 'C2 H5 N O2'     75.067  
HIS 'L-peptide linking' y HISTIDINE       ? 'C6 H10 N3 O2 1' 156.162 
HOH non-polymer         . WATER           ? 'H2 O'           18.015  
ILE 'L-peptide linking' y ISOLEUCINE      ? 'C6 H13 N O2'    131.173 
LEU 'L-peptide linking' y LEUCINE         ? 'C6 H13 N O2'    131.173 
LYS 'L-peptide linking' y LYSINE          ? 'C6 H15 N2 O2 1' 147.195 
MET 'L-peptide linking' y METHIONINE      ? 'C5 H11 N O2 S'  149.211 
PHE 'L-peptide linking' y PHENYLALANINE   ? 'C9 H11 N O2'    165.189 
PRO 'L-peptide linking' y PROLINE         ? 'C5 H9 N O2'     115.130 
SER 'L-peptide linking' y SERINE          ? 'C3 H7 N O3'     105.093 
THR 'L-peptide linking' y THREONINE       ? 'C4 H9 N O3'     119.119 
TYR 'L-peptide linking' y TYROSINE        ? 'C9 H11 N O3'    181.189 
VAL 'L-peptide linking' y VALINE          ? 'C5 H11 N O2'    117.146 
# 
loop_
_pdbx_poly_seq_scheme.asym_id 
_pdbx_poly_seq_scheme.entity_id 
_pdbx_poly_seq_scheme.seq_id 
_pdbx_poly_seq_scheme.mon_id 
_pdbx_poly_seq_scheme.ndb_seq_num 
_pdbx_poly_seq_scheme.pdb_seq_num 
_pdbx_poly_seq_scheme.auth_seq_num 
_pdbx_poly_seq_scheme.pdb_mon_id 
_pdbx_poly_seq_scheme.auth_mon_id 
_pdbx_poly_seq_scheme.pdb_strand_id 
_pdbx_poly_seq_scheme.pdb_ins_code 
_pdbx_poly_seq_scheme.hetero 
A 1 1  GLY 1  1  ?  ?   ?   A . n 
A 1 2  SER 2  2  ?  ?   ?   A . n 
A 1 3  HIS 3  3  3  HIS HIS A . n 
A 1 4  MET 4  4  4  MET MET A . n 
A 1 5  PRO 5  5  5  PRO PRO A . n 
A 1 6  VAL 6  6  6  VAL VAL A . n 
A 1 7  PRO 7  7  7  PRO PRO A . n 
A 1 8  SER 8  8  8  SER SER A . n 
A 1 9  PHE 9  9  9  PHE PHE A . n 
A 1 10 GLY 10 10 10 GLY GLY A . n 
A 1 11 GLU 11 11 11 GLU GLU A . n 
A 1 12 ALA 12 12 12 ALA ALA A . n 
A 1 13 MET 13 13 13 MET MET A . n 
A 1 14 ALA 14 14 14 ALA ALA A . n 
A 1 15 TYR 15 15 15 TYR TYR A . n 
A 1 16 PHE 16 16 16 PHE PHE A . n 
A 1 17 ALA 17 17 17 ALA ALA A . n 
A 1 18 MET 18 18 18 MET MET A . n 
A 1 19 VAL 19 19 19 VAL VAL A . n 
A 1 20 LYS 20 20 20 LYS LYS A . n 
A 1 21 ARG 21 21 21 ARG ARG A . n 
A 1 22 TYR 22 22 22 TYR TYR A . n 
A 1 23 LEU 23 23 23 LEU LEU A . n 
A 1 24 THR 24 24 24 THR THR A . n 
A 1 25 SER 25 25 25 SER SER A . n 
A 1 26 PHE 26 26 26 PHE PHE A . n 
A 1 27 PRO 27 27 27 PRO PRO A . n 
A 1 28 ILE 28 28 28 ILE ILE A . n 
A 1 29 ASP 29 29 29 ASP ASP A . n 
A 1 30 ASP 30 30 30 ASP ASP A . n 
A 1 31 ARG 31 31 31 ARG ARG A . n 
A 1 32 VAL 32 32 32 VAL VAL A . n 
A 1 33 GLN 33 33 33 GLN GLN A . n 
A 1 34 SER 34 34 34 SER SER A . n 
A 1 35 HIS 35 35 35 HIS HIS A . n 
A 1 36 ILE 36 36 36 ILE ILE A . n 
A 1 37 LEU 37 37 37 LEU LEU A . n 
A 1 38 HIS 38 38 38 HIS HIS A . n 
A 1 39 LEU 39 39 39 LEU LEU A . n 
A 1 40 GLU 40 40 40 GLU GLU A . n 
A 1 41 HIS 41 41 41 HIS HIS A . n 
A 1 42 ASP 42 42 42 ASP ASP A . n 
A 1 43 LEU 43 43 43 LEU LEU A . n 
A 1 44 VAL 44 44 44 VAL VAL A . n 
A 1 45 HIS 45 45 45 HIS HIS A . n 
A 1 46 VAL 46 46 46 VAL VAL A . n 
A 1 47 THR 47 47 47 THR THR A . n 
A 1 48 ARG 48 48 48 ARG ARG A . n 
A 1 49 LYS 49 49 49 LYS LYS A . n 
A 1 50 ASN 50 50 50 ASN ASN A . n 
A 1 51 HIS 51 51 ?  ?   ?   A . n 
A 1 52 ALA 52 52 ?  ?   ?   A . n 
A 1 53 ARG 53 53 ?  ?   ?   A . n 
A 1 54 GLN 54 54 ?  ?   ?   A . n 
A 1 55 ALA 55 55 ?  ?   ?   A . n 
A 1 56 GLY 56 56 ?  ?   ?   A . n 
A 1 57 VAL 57 57 ?  ?   ?   A . n 
A 1 58 ARG 58 58 ?  ?   ?   A . n 
A 1 59 GLY 59 59 ?  ?   ?   A . n 
A 1 60 LEU 60 60 ?  ?   ?   A . n 
A 1 61 GLY 61 61 ?  ?   ?   A . n 
A 1 62 HIS 62 62 ?  ?   ?   A . n 
A 1 63 GLN 63 63 ?  ?   ?   A . n 
A 1 64 SER 64 64 ?  ?   ?   A . n 
B 1 1  GLY 1  1  ?  ?   ?   B . n 
B 1 2  SER 2  2  ?  ?   ?   B . n 
B 1 3  HIS 3  3  ?  ?   ?   B . n 
B 1 4  MET 4  4  ?  ?   ?   B . n 
B 1 5  PRO 5  5  5  PRO PRO B . n 
B 1 6  VAL 6  6  6  VAL VAL B . n 
B 1 7  PRO 7  7  7  PRO PRO B . n 
B 1 8  SER 8  8  8  SER SER B . n 
B 1 9  PHE 9  9  9  PHE PHE B . n 
B 1 10 GLY 10 10 10 GLY GLY B . n 
B 1 11 GLU 11 11 11 GLU GLU B . n 
B 1 12 ALA 12 12 12 ALA ALA B . n 
B 1 13 MET 13 13 13 MET MET B . n 
B 1 14 ALA 14 14 14 ALA ALA B . n 
B 1 15 TYR 15 15 15 TYR TYR B . n 
B 1 16 PHE 16 16 16 PHE PHE B . n 
B 1 17 ALA 17 17 17 ALA ALA B . n 
B 1 18 MET 18 18 18 MET MET B . n 
B 1 19 VAL 19 19 19 VAL VAL B . n 
B 1 20 LYS 20 20 20 LYS LYS B . n 
B 1 21 ARG 21 21 21 ARG ARG B . n 
B 1 22 TYR 22 22 22 TYR TYR B . n 
B 1 23 LEU 23 23 23 LEU LEU B . n 
B 1 24 THR 24 24 24 THR THR B . n 
B 1 25 SER 25 25 25 SER SER B . n 
B 1 26 PHE 26 26 26 PHE PHE B . n 
B 1 27 PRO 27 27 27 PRO PRO B . n 
B 1 28 ILE 28 28 28 ILE ILE B . n 
B 1 29 ASP 29 29 29 ASP ASP B . n 
B 1 30 ASP 30 30 30 ASP ASP B . n 
B 1 31 ARG 31 31 31 ARG ARG B . n 
B 1 32 VAL 32 32 32 VAL VAL B . n 
B 1 33 GLN 33 33 33 GLN GLN B . n 
B 1 34 SER 34 34 34 SER SER B . n 
B 1 35 HIS 35 35 35 HIS HIS B . n 
B 1 36 ILE 36 36 36 ILE ILE B . n 
B 1 37 LEU 37 37 37 LEU LEU B . n 
B 1 38 HIS 38 38 38 HIS HIS B . n 
B 1 39 LEU 39 39 39 LEU LEU B . n 
B 1 40 GLU 40 40 40 GLU GLU B . n 
B 1 41 HIS 41 41 41 HIS HIS B . n 
B 1 42 ASP 42 42 42 ASP ASP B . n 
B 1 43 LEU 43 43 43 LEU LEU B . n 
B 1 44 VAL 44 44 44 VAL VAL B . n 
B 1 45 HIS 45 45 45 HIS HIS B . n 
B 1 46 VAL 46 46 46 VAL VAL B . n 
B 1 47 THR 47 47 47 THR THR B . n 
B 1 48 ARG 48 48 48 ARG ARG B . n 
B 1 49 LYS 49 49 49 LYS LYS B . n 
B 1 50 ASN 50 50 50 ASN ASN B . n 
B 1 51 HIS 51 51 ?  ?   ?   B . n 
B 1 52 ALA 52 52 ?  ?   ?   B . n 
B 1 53 ARG 53 53 ?  ?   ?   B . n 
B 1 54 GLN 54 54 ?  ?   ?   B . n 
B 1 55 ALA 55 55 ?  ?   ?   B . n 
B 1 56 GLY 56 56 ?  ?   ?   B . n 
B 1 57 VAL 57 57 ?  ?   ?   B . n 
B 1 58 ARG 58 58 ?  ?   ?   B . n 
B 1 59 GLY 59 59 ?  ?   ?   B . n 
B 1 60 LEU 60 60 ?  ?   ?   B . n 
B 1 61 GLY 61 61 ?  ?   ?   B . n 
B 1 62 HIS 62 62 ?  ?   ?   B . n 
B 1 63 GLN 63 63 ?  ?   ?   B . n 
B 1 64 SER 64 64 ?  ?   ?   B . n 
C 1 1  GLY 1  1  ?  ?   ?   C . n 
C 1 2  SER 2  2  2  SER SER C . n 
C 1 3  HIS 3  3  3  HIS HIS C . n 
C 1 4  MET 4  4  4  MET MET C . n 
C 1 5  PRO 5  5  5  PRO PRO C . n 
C 1 6  VAL 6  6  6  VAL VAL C . n 
C 1 7  PRO 7  7  7  PRO PRO C . n 
C 1 8  SER 8  8  8  SER SER C . n 
C 1 9  PHE 9  9  9  PHE PHE C . n 
C 1 10 GLY 10 10 10 GLY GLY C . n 
C 1 11 GLU 11 11 11 GLU GLU C . n 
C 1 12 ALA 12 12 12 ALA ALA C . n 
C 1 13 MET 13 13 13 MET MET C . n 
C 1 14 ALA 14 14 14 ALA ALA C . n 
C 1 15 TYR 15 15 15 TYR TYR C . n 
C 1 16 PHE 16 16 16 PHE PHE C . n 
C 1 17 ALA 17 17 17 ALA ALA C . n 
C 1 18 MET 18 18 18 MET MET C . n 
C 1 19 VAL 19 19 19 VAL VAL C . n 
C 1 20 LYS 20 20 20 LYS LYS C . n 
C 1 21 ARG 21 21 21 ARG ARG C . n 
C 1 22 TYR 22 22 22 TYR TYR C . n 
C 1 23 LEU 23 23 23 LEU LEU C . n 
C 1 24 THR 24 24 24 THR THR C . n 
C 1 25 SER 25 25 25 SER SER C . n 
C 1 26 PHE 26 26 26 PHE PHE C . n 
C 1 27 PRO 27 27 27 PRO PRO C . n 
C 1 28 ILE 28 28 28 ILE ILE C . n 
C 1 29 ASP 29 29 29 ASP ASP C . n 
C 1 30 ASP 30 30 30 ASP ASP C . n 
C 1 31 ARG 31 31 31 ARG ARG C . n 
C 1 32 VAL 32 32 32 VAL VAL C . n 
C 1 33 GLN 33 33 33 GLN GLN C . n 
C 1 34 SER 34 34 34 SER SER C . n 
C 1 35 HIS 35 35 35 HIS HIS C . n 
C 1 36 ILE 36 36 36 ILE ILE C . n 
C 1 37 LEU 37 37 37 LEU LEU C . n 
C 1 38 HIS 38 38 38 HIS HIS C . n 
C 1 39 LEU 39 39 39 LEU LEU C . n 
C 1 40 GLU 40 40 40 GLU GLU C . n 
C 1 41 HIS 41 41 41 HIS HIS C . n 
C 1 42 ASP 42 42 42 ASP ASP C . n 
C 1 43 LEU 43 43 43 LEU LEU C . n 
C 1 44 VAL 44 44 44 VAL VAL C . n 
C 1 45 HIS 45 45 45 HIS HIS C . n 
C 1 46 VAL 46 46 46 VAL VAL C . n 
C 1 47 THR 47 47 47 THR THR C . n 
C 1 48 ARG 48 48 48 ARG ARG C . n 
C 1 49 LYS 49 49 49 LYS LYS C . n 
C 1 50 ASN 50 50 ?  ?   ?   C . n 
C 1 51 HIS 51 51 ?  ?   ?   C . n 
C 1 52 ALA 52 52 ?  ?   ?   C . n 
C 1 53 ARG 53 53 ?  ?   ?   C . n 
C 1 54 GLN 54 54 ?  ?   ?   C . n 
C 1 55 ALA 55 55 ?  ?   ?   C . n 
C 1 56 GLY 56 56 ?  ?   ?   C . n 
C 1 57 VAL 57 57 ?  ?   ?   C . n 
C 1 58 ARG 58 58 ?  ?   ?   C . n 
C 1 59 GLY 59 59 ?  ?   ?   C . n 
C 1 60 LEU 60 60 ?  ?   ?   C . n 
C 1 61 GLY 61 61 ?  ?   ?   C . n 
C 1 62 HIS 62 62 ?  ?   ?   C . n 
C 1 63 GLN 63 63 ?  ?   ?   C . n 
C 1 64 SER 64 64 ?  ?   ?   C . n 
D 1 1  GLY 1  1  ?  ?   ?   D . n 
D 1 2  SER 2  2  ?  ?   ?   D . n 
D 1 3  HIS 3  3  3  HIS HIS D . n 
D 1 4  MET 4  4  4  MET MET D . n 
D 1 5  PRO 5  5  5  PRO PRO D . n 
D 1 6  VAL 6  6  6  VAL VAL D . n 
D 1 7  PRO 7  7  7  PRO PRO D . n 
D 1 8  SER 8  8  8  SER SER D . n 
D 1 9  PHE 9  9  9  PHE PHE D . n 
D 1 10 GLY 10 10 10 GLY GLY D . n 
D 1 11 GLU 11 11 11 GLU GLU D . n 
D 1 12 ALA 12 12 12 ALA ALA D . n 
D 1 13 MET 13 13 13 MET MET D . n 
D 1 14 ALA 14 14 14 ALA ALA D . n 
D 1 15 TYR 15 15 15 TYR TYR D . n 
D 1 16 PHE 16 16 16 PHE PHE D . n 
D 1 17 ALA 17 17 17 ALA ALA D . n 
D 1 18 MET 18 18 18 MET MET D . n 
D 1 19 VAL 19 19 19 VAL VAL D . n 
D 1 20 LYS 20 20 20 LYS LYS D . n 
D 1 21 ARG 21 21 21 ARG ARG D . n 
D 1 22 TYR 22 22 22 TYR TYR D . n 
D 1 23 LEU 23 23 23 LEU LEU D . n 
D 1 24 THR 24 24 24 THR THR D . n 
D 1 25 SER 25 25 25 SER SER D . n 
D 1 26 PHE 26 26 26 PHE PHE D . n 
D 1 27 PRO 27 27 27 PRO PRO D . n 
D 1 28 ILE 28 28 28 ILE ILE D . n 
D 1 29 ASP 29 29 29 ASP ASP D . n 
D 1 30 ASP 30 30 30 ASP ASP D . n 
D 1 31 ARG 31 31 31 ARG ARG D . n 
D 1 32 VAL 32 32 32 VAL VAL D . n 
D 1 33 GLN 33 33 33 GLN GLN D . n 
D 1 34 SER 34 34 34 SER SER D . n 
D 1 35 HIS 35 35 35 HIS HIS D . n 
D 1 36 ILE 36 36 36 ILE ILE D . n 
D 1 37 LEU 37 37 37 LEU LEU D . n 
D 1 38 HIS 38 38 38 HIS HIS D . n 
D 1 39 LEU 39 39 39 LEU LEU D . n 
D 1 40 GLU 40 40 40 GLU GLU D . n 
D 1 41 HIS 41 41 41 HIS HIS D . n 
D 1 42 ASP 42 42 42 ASP ASP D . n 
D 1 43 LEU 43 43 43 LEU LEU D . n 
D 1 44 VAL 44 44 44 VAL VAL D . n 
D 1 45 HIS 45 45 45 HIS HIS D . n 
D 1 46 VAL 46 46 46 VAL VAL D . n 
D 1 47 THR 47 47 47 THR THR D . n 
D 1 48 ARG 48 48 48 ARG ARG D . n 
D 1 49 LYS 49 49 ?  ?   ?   D . n 
D 1 50 ASN 50 50 ?  ?   ?   D . n 
D 1 51 HIS 51 51 ?  ?   ?   D . n 
D 1 52 ALA 52 52 ?  ?   ?   D . n 
D 1 53 ARG 53 53 ?  ?   ?   D . n 
D 1 54 GLN 54 54 ?  ?   ?   D . n 
D 1 55 ALA 55 55 ?  ?   ?   D . n 
D 1 56 GLY 56 56 ?  ?   ?   D . n 
D 1 57 VAL 57 57 ?  ?   ?   D . n 
D 1 58 ARG 58 58 ?  ?   ?   D . n 
D 1 59 GLY 59 59 ?  ?   ?   D . n 
D 1 60 LEU 60 60 ?  ?   ?   D . n 
D 1 61 GLY 61 61 ?  ?   ?   D . n 
D 1 62 HIS 62 62 ?  ?   ?   D . n 
D 1 63 GLN 63 63 ?  ?   ?   D . n 
D 1 64 SER 64 64 ?  ?   ?   D . n 
# 
loop_
_pdbx_nonpoly_scheme.asym_id 
_pdbx_nonpoly_scheme.entity_id 
_pdbx_nonpoly_scheme.mon_id 
_pdbx_nonpoly_scheme.ndb_seq_num 
_pdbx_nonpoly_scheme.pdb_seq_num 
_pdbx_nonpoly_scheme.auth_seq_num 
_pdbx_nonpoly_scheme.pdb_mon_id 
_pdbx_nonpoly_scheme.auth_mon_id 
_pdbx_nonpoly_scheme.pdb_strand_id 
_pdbx_nonpoly_scheme.pdb_ins_code 
E 2 HOH 1  65  3   HOH HOH A . 
E 2 HOH 2  66  10  HOH HOH A . 
E 2 HOH 3  67  14  HOH HOH A . 
E 2 HOH 4  68  15  HOH HOH A . 
E 2 HOH 5  69  17  HOH HOH A . 
E 2 HOH 6  70  19  HOH HOH A . 
E 2 HOH 7  71  21  HOH HOH A . 
E 2 HOH 8  72  22  HOH HOH A . 
E 2 HOH 9  73  25  HOH HOH A . 
E 2 HOH 10 74  26  HOH HOH A . 
E 2 HOH 11 75  29  HOH HOH A . 
E 2 HOH 12 76  36  HOH HOH A . 
E 2 HOH 13 77  38  HOH HOH A . 
E 2 HOH 14 78  42  HOH HOH A . 
E 2 HOH 15 79  44  HOH HOH A . 
E 2 HOH 16 80  45  HOH HOH A . 
E 2 HOH 17 81  46  HOH HOH A . 
E 2 HOH 18 82  55  HOH HOH A . 
E 2 HOH 19 83  58  HOH HOH A . 
E 2 HOH 20 84  59  HOH HOH A . 
E 2 HOH 21 85  62  HOH HOH A . 
E 2 HOH 22 86  63  HOH HOH A . 
E 2 HOH 23 87  64  HOH HOH A . 
E 2 HOH 24 88  65  HOH HOH A . 
E 2 HOH 25 89  67  HOH HOH A . 
E 2 HOH 26 90  72  HOH HOH A . 
E 2 HOH 27 91  80  HOH HOH A . 
E 2 HOH 28 92  89  HOH HOH A . 
E 2 HOH 29 93  98  HOH HOH A . 
E 2 HOH 30 94  100 HOH HOH A . 
E 2 HOH 31 95  103 HOH HOH A . 
E 2 HOH 32 96  106 HOH HOH A . 
E 2 HOH 33 97  108 HOH HOH A . 
E 2 HOH 34 98  110 HOH HOH A . 
E 2 HOH 35 99  111 HOH HOH A . 
E 2 HOH 36 100 115 HOH HOH A . 
E 2 HOH 37 101 121 HOH HOH A . 
E 2 HOH 38 102 123 HOH HOH A . 
E 2 HOH 39 103 124 HOH HOH A . 
E 2 HOH 40 104 126 HOH HOH A . 
E 2 HOH 41 105 128 HOH HOH A . 
E 2 HOH 42 106 136 HOH HOH A . 
E 2 HOH 43 107 139 HOH HOH A . 
E 2 HOH 44 108 141 HOH HOH A . 
E 2 HOH 45 109 144 HOH HOH A . 
E 2 HOH 46 110 147 HOH HOH A . 
F 2 HOH 1  65  1   HOH HOH B . 
F 2 HOH 2  66  11  HOH HOH B . 
F 2 HOH 3  67  12  HOH HOH B . 
F 2 HOH 4  68  18  HOH HOH B . 
F 2 HOH 5  69  24  HOH HOH B . 
F 2 HOH 6  70  27  HOH HOH B . 
F 2 HOH 7  71  30  HOH HOH B . 
F 2 HOH 8  72  32  HOH HOH B . 
F 2 HOH 9  73  34  HOH HOH B . 
F 2 HOH 10 74  39  HOH HOH B . 
F 2 HOH 11 75  40  HOH HOH B . 
F 2 HOH 12 76  41  HOH HOH B . 
F 2 HOH 13 77  47  HOH HOH B . 
F 2 HOH 14 78  49  HOH HOH B . 
F 2 HOH 15 79  52  HOH HOH B . 
F 2 HOH 16 80  57  HOH HOH B . 
F 2 HOH 17 81  66  HOH HOH B . 
F 2 HOH 18 82  68  HOH HOH B . 
F 2 HOH 19 83  69  HOH HOH B . 
F 2 HOH 20 84  70  HOH HOH B . 
F 2 HOH 21 85  76  HOH HOH B . 
F 2 HOH 22 86  83  HOH HOH B . 
F 2 HOH 23 87  85  HOH HOH B . 
F 2 HOH 24 88  87  HOH HOH B . 
F 2 HOH 25 89  88  HOH HOH B . 
F 2 HOH 26 90  97  HOH HOH B . 
F 2 HOH 27 91  99  HOH HOH B . 
F 2 HOH 28 92  104 HOH HOH B . 
F 2 HOH 29 93  107 HOH HOH B . 
F 2 HOH 30 94  116 HOH HOH B . 
F 2 HOH 31 95  117 HOH HOH B . 
F 2 HOH 32 96  119 HOH HOH B . 
F 2 HOH 33 97  120 HOH HOH B . 
F 2 HOH 34 98  130 HOH HOH B . 
F 2 HOH 35 99  133 HOH HOH B . 
F 2 HOH 36 100 140 HOH HOH B . 
F 2 HOH 37 101 143 HOH HOH B . 
G 2 HOH 1  65  2   HOH HOH C . 
G 2 HOH 2  66  4   HOH HOH C . 
G 2 HOH 3  67  6   HOH HOH C . 
G 2 HOH 4  68  8   HOH HOH C . 
G 2 HOH 5  69  9   HOH HOH C . 
G 2 HOH 6  70  13  HOH HOH C . 
G 2 HOH 7  71  16  HOH HOH C . 
G 2 HOH 8  72  20  HOH HOH C . 
G 2 HOH 9  73  23  HOH HOH C . 
G 2 HOH 10 74  31  HOH HOH C . 
G 2 HOH 11 75  33  HOH HOH C . 
G 2 HOH 12 76  35  HOH HOH C . 
G 2 HOH 13 77  43  HOH HOH C . 
G 2 HOH 14 78  48  HOH HOH C . 
G 2 HOH 15 79  51  HOH HOH C . 
G 2 HOH 16 80  53  HOH HOH C . 
G 2 HOH 17 81  54  HOH HOH C . 
G 2 HOH 18 82  56  HOH HOH C . 
G 2 HOH 19 83  60  HOH HOH C . 
G 2 HOH 20 84  71  HOH HOH C . 
G 2 HOH 21 85  73  HOH HOH C . 
G 2 HOH 22 86  75  HOH HOH C . 
G 2 HOH 23 87  90  HOH HOH C . 
G 2 HOH 24 88  91  HOH HOH C . 
G 2 HOH 25 89  93  HOH HOH C . 
G 2 HOH 26 90  96  HOH HOH C . 
G 2 HOH 27 91  101 HOH HOH C . 
G 2 HOH 28 92  129 HOH HOH C . 
G 2 HOH 29 93  132 HOH HOH C . 
G 2 HOH 30 94  137 HOH HOH C . 
G 2 HOH 31 95  138 HOH HOH C . 
G 2 HOH 32 96  142 HOH HOH C . 
G 2 HOH 33 97  146 HOH HOH C . 
H 2 HOH 1  65  5   HOH HOH D . 
H 2 HOH 2  66  7   HOH HOH D . 
H 2 HOH 3  67  28  HOH HOH D . 
H 2 HOH 4  68  37  HOH HOH D . 
H 2 HOH 5  69  50  HOH HOH D . 
H 2 HOH 6  70  61  HOH HOH D . 
H 2 HOH 7  71  74  HOH HOH D . 
H 2 HOH 8  72  77  HOH HOH D . 
H 2 HOH 9  73  78  HOH HOH D . 
H 2 HOH 10 74  79  HOH HOH D . 
H 2 HOH 11 75  81  HOH HOH D . 
H 2 HOH 12 76  82  HOH HOH D . 
H 2 HOH 13 77  84  HOH HOH D . 
H 2 HOH 14 78  86  HOH HOH D . 
H 2 HOH 15 79  92  HOH HOH D . 
H 2 HOH 16 80  94  HOH HOH D . 
H 2 HOH 17 81  95  HOH HOH D . 
H 2 HOH 18 82  102 HOH HOH D . 
H 2 HOH 19 83  105 HOH HOH D . 
H 2 HOH 20 84  109 HOH HOH D . 
H 2 HOH 21 85  112 HOH HOH D . 
H 2 HOH 22 86  113 HOH HOH D . 
H 2 HOH 23 87  114 HOH HOH D . 
H 2 HOH 24 88  118 HOH HOH D . 
H 2 HOH 25 89  122 HOH HOH D . 
H 2 HOH 26 90  125 HOH HOH D . 
H 2 HOH 27 91  127 HOH HOH D . 
H 2 HOH 28 92  131 HOH HOH D . 
H 2 HOH 29 93  134 HOH HOH D . 
H 2 HOH 30 94  135 HOH HOH D . 
H 2 HOH 31 95  145 HOH HOH D . 
# 
_pdbx_unobs_or_zero_occ_atoms.id               1 
_pdbx_unobs_or_zero_occ_atoms.PDB_model_num    1 
_pdbx_unobs_or_zero_occ_atoms.polymer_flag     Y 
_pdbx_unobs_or_zero_occ_atoms.occupancy_flag   0 
_pdbx_unobs_or_zero_occ_atoms.auth_asym_id     C 
_pdbx_unobs_or_zero_occ_atoms.auth_comp_id     TYR 
_pdbx_unobs_or_zero_occ_atoms.auth_seq_id      15 
_pdbx_unobs_or_zero_occ_atoms.PDB_ins_code     ? 
_pdbx_unobs_or_zero_occ_atoms.auth_atom_id     OH 
_pdbx_unobs_or_zero_occ_atoms.label_alt_id     ? 
_pdbx_unobs_or_zero_occ_atoms.label_asym_id    C 
_pdbx_unobs_or_zero_occ_atoms.label_comp_id    TYR 
_pdbx_unobs_or_zero_occ_atoms.label_seq_id     15 
_pdbx_unobs_or_zero_occ_atoms.label_atom_id    OH 
# 
loop_
_software.name 
_software.classification 
_software.version 
_software.citation_id 
_software.pdbx_ordinal 
REFMAC    refinement       5.1.19 ? 1 
HKL-2000  'data reduction' .      ? 2 
SCALEPACK 'data scaling'   .      ? 3 
SOLVE     phasing          .      ? 4 
# 
_cell.entry_id           1UFI 
_cell.length_a           43.707 
_cell.length_b           48.955 
_cell.length_c           100.700 
_cell.angle_alpha        90.00 
_cell.angle_beta         90.00 
_cell.angle_gamma        90.00 
_cell.Z_PDB              16 
_cell.pdbx_unique_axis   ? 
# 
_symmetry.entry_id                         1UFI 
_symmetry.space_group_name_H-M             'P 21 21 21' 
_symmetry.pdbx_full_space_group_name_H-M   ? 
_symmetry.cell_setting                     ? 
_symmetry.Int_Tables_number                19 
# 
_exptl.entry_id          1UFI 
_exptl.method            'X-RAY DIFFRACTION' 
_exptl.crystals_number   1 
# 
_exptl_crystal.id                    1 
_exptl_crystal.density_meas          ? 
_exptl_crystal.density_Matthews      2.27 
_exptl_crystal.density_percent_sol   45.42 
_exptl_crystal.description           ? 
# 
_exptl_crystal_grow.crystal_id      1 
_exptl_crystal_grow.method          'VAPOR DIFFUSION, HANGING DROP' 
_exptl_crystal_grow.temp            293 
_exptl_crystal_grow.temp_details    ? 
_exptl_crystal_grow.pH              9.7 
_exptl_crystal_grow.pdbx_details    'sodium citrate, CHES, pH 9.7, VAPOR DIFFUSION, HANGING DROP, temperature 293K' 
_exptl_crystal_grow.pdbx_pH_range   . 
# 
_diffrn.id                     1 
_diffrn.ambient_temp           100 
_diffrn.ambient_temp_details   ? 
_diffrn.crystal_id             1 
# 
_diffrn_detector.diffrn_id              1 
_diffrn_detector.detector               CCD 
_diffrn_detector.type                   MARRESEARCH 
_diffrn_detector.pdbx_collection_date   2002-12-02 
_diffrn_detector.details                ? 
# 
_diffrn_radiation.diffrn_id                        1 
_diffrn_radiation.wavelength_id                    1 
_diffrn_radiation.pdbx_monochromatic_or_laue_m_l   M 
_diffrn_radiation.monochromator                    'Si 111' 
_diffrn_radiation.pdbx_diffrn_protocol             MAD 
_diffrn_radiation.pdbx_scattering_type             x-ray 
# 
loop_
_diffrn_radiation_wavelength.id 
_diffrn_radiation_wavelength.wavelength 
_diffrn_radiation_wavelength.wt 
1 0.9781 1.0 
2 0.9824 1.0 
3 0.9803 1.0 
4 0.9808 1.0 
# 
_diffrn_source.diffrn_id                   1 
_diffrn_source.source                      SYNCHROTRON 
_diffrn_source.type                        'SPRING-8 BEAMLINE BL44B2' 
_diffrn_source.pdbx_synchrotron_site       SPring-8 
_diffrn_source.pdbx_synchrotron_beamline   BL44B2 
_diffrn_source.pdbx_wavelength             ? 
_diffrn_source.pdbx_wavelength_list        '0.9781, 0.9824, 0.9803, 0.9808' 
# 
_reflns.entry_id                     1UFI 
_reflns.observed_criterion_sigma_F   0 
_reflns.observed_criterion_sigma_I   0 
_reflns.d_resolution_high            1.65 
_reflns.d_resolution_low             20 
_reflns.number_all                   26716 
_reflns.number_obs                   23688 
_reflns.percent_possible_obs         88.8 
_reflns.pdbx_Rmerge_I_obs            ? 
_reflns.pdbx_Rsym_value              ? 
_reflns.pdbx_netI_over_sigmaI        ? 
_reflns.B_iso_Wilson_estimate        ? 
_reflns.pdbx_redundancy              ? 
_reflns.R_free_details               ? 
_reflns.limit_h_max                  ? 
_reflns.limit_h_min                  ? 
_reflns.limit_k_max                  ? 
_reflns.limit_k_min                  ? 
_reflns.limit_l_max                  ? 
_reflns.limit_l_min                  ? 
_reflns.observed_criterion_F_max     ? 
_reflns.observed_criterion_F_min     ? 
_reflns.pdbx_diffrn_id               1 
_reflns.pdbx_ordinal                 1 
# 
_reflns_shell.d_res_high             1.65 
_reflns_shell.d_res_low              1.71 
_reflns_shell.percent_possible_all   78.8 
_reflns_shell.Rmerge_I_obs           ? 
_reflns_shell.pdbx_Rsym_value        ? 
_reflns_shell.meanI_over_sigI_obs    ? 
_reflns_shell.pdbx_redundancy        ? 
_reflns_shell.percent_possible_obs   ? 
_reflns_shell.number_unique_all      ? 
_reflns_shell.pdbx_diffrn_id         ? 
_reflns_shell.pdbx_ordinal           1 
# 
_refine.entry_id                                 1UFI 
_refine.ls_number_reflns_obs                     22360 
_refine.ls_number_reflns_all                     22360 
_refine.pdbx_ls_sigma_I                          ? 
_refine.pdbx_ls_sigma_F                          0 
_refine.pdbx_data_cutoff_high_absF               ? 
_refine.pdbx_data_cutoff_low_absF                ? 
_refine.pdbx_data_cutoff_high_rms_absF           ? 
_refine.ls_d_res_low                             19.76 
_refine.ls_d_res_high                            1.65 
_refine.ls_percent_reflns_obs                    100.00 
_refine.ls_R_factor_obs                          0.23596 
_refine.ls_R_factor_all                          ? 
_refine.ls_R_factor_R_work                       0.2322 
_refine.ls_R_factor_R_free                       0.30852 
_refine.ls_R_factor_R_free_error                 ? 
_refine.ls_R_factor_R_free_error_details         ? 
_refine.ls_percent_reflns_R_free                 5.0 
_refine.ls_number_reflns_R_free                  1188 
_refine.ls_number_parameters                     ? 
_refine.ls_number_restraints                     ? 
_refine.occupancy_min                            ? 
_refine.occupancy_max                            ? 
_refine.correlation_coeff_Fo_to_Fc               0.938 
_refine.correlation_coeff_Fo_to_Fc_free          0.890 
_refine.B_iso_mean                               29.339 
_refine.aniso_B[1][1]                            -0.41 
_refine.aniso_B[2][2]                            1.18 
_refine.aniso_B[3][3]                            -0.77 
_refine.aniso_B[1][2]                            0.00 
_refine.aniso_B[1][3]                            0.00 
_refine.aniso_B[2][3]                            0.00 
_refine.solvent_model_details                    'BABINET MODEL WITH MASK' 
_refine.solvent_model_param_ksol                 ? 
_refine.solvent_model_param_bsol                 ? 
_refine.pdbx_solvent_vdw_probe_radii             1.40 
_refine.pdbx_solvent_ion_probe_radii             0.80 
_refine.pdbx_solvent_shrinkage_radii             0.80 
_refine.pdbx_ls_cross_valid_method               THROUGHOUT 
_refine.details                                  ? 
_refine.pdbx_starting_model                      ? 
_refine.pdbx_method_to_determine_struct          MAD 
_refine.pdbx_isotropic_thermal_model             ? 
_refine.pdbx_stereochemistry_target_values       'MAXIMUM LIKELIHOOD' 
_refine.pdbx_stereochem_target_val_spec_case     ? 
_refine.pdbx_R_Free_selection_details            RANDOM 
_refine.pdbx_overall_ESU_R                       0.131 
_refine.pdbx_overall_ESU_R_Free                  0.144 
_refine.overall_SU_ML                            0.116 
_refine.overall_SU_B                             3.544 
_refine.ls_redundancy_reflns_obs                 ? 
_refine.B_iso_min                                ? 
_refine.B_iso_max                                ? 
_refine.overall_SU_R_Cruickshank_DPI             ? 
_refine.overall_SU_R_free                        ? 
_refine.pdbx_refine_id                           'X-RAY DIFFRACTION' 
_refine.pdbx_diffrn_id                           1 
_refine.pdbx_TLS_residual_ADP_flag               ? 
_refine.pdbx_overall_phase_error                 ? 
_refine.pdbx_overall_SU_R_free_Cruickshank_DPI   ? 
_refine.pdbx_overall_SU_R_Blow_DPI               ? 
_refine.pdbx_overall_SU_R_free_Blow_DPI          ? 
# 
_refine_analyze.entry_id                        1UFI 
_refine_analyze.Luzzati_coordinate_error_obs    0.24 
_refine_analyze.Luzzati_sigma_a_obs             0.22 
_refine_analyze.Luzzati_d_res_low_obs           5.0 
_refine_analyze.Luzzati_coordinate_error_free   0.25 
_refine_analyze.Luzzati_sigma_a_free            0.19 
_refine_analyze.Luzzati_d_res_low_free          ? 
_refine_analyze.number_disordered_residues      ? 
_refine_analyze.occupancy_sum_non_hydrogen      ? 
_refine_analyze.occupancy_sum_hydrogen          ? 
_refine_analyze.pdbx_Luzzati_d_res_high_obs     ? 
_refine_analyze.pdbx_refine_id                  'X-RAY DIFFRACTION' 
# 
_refine_hist.pdbx_refine_id                   'X-RAY DIFFRACTION' 
_refine_hist.cycle_id                         LAST 
_refine_hist.pdbx_number_atoms_protein        1547 
_refine_hist.pdbx_number_atoms_nucleic_acid   0 
_refine_hist.pdbx_number_atoms_ligand         0 
_refine_hist.number_atoms_solvent             147 
_refine_hist.number_atoms_total               1694 
_refine_hist.d_res_high                       1.65 
_refine_hist.d_res_low                        19.76 
# 
loop_
_refine_ls_restr.type 
_refine_ls_restr.dev_ideal 
_refine_ls_restr.dev_ideal_target 
_refine_ls_restr.weight 
_refine_ls_restr.number 
_refine_ls_restr.pdbx_refine_id 
_refine_ls_restr.pdbx_restraint_function 
r_bond_refined_d         0.033 0.021 ? 1593 'X-RAY DIFFRACTION' ? 
r_angle_refined_deg      1.747 1.921 ? 2155 'X-RAY DIFFRACTION' ? 
r_dihedral_angle_1_deg   6.189 5.000 ? 184  'X-RAY DIFFRACTION' ? 
r_chiral_restr           0.137 0.200 ? 236  'X-RAY DIFFRACTION' ? 
r_gen_planes_refined     0.008 0.020 ? 1205 'X-RAY DIFFRACTION' ? 
r_nbd_refined            0.229 0.200 ? 803  'X-RAY DIFFRACTION' ? 
r_xyhbond_nbd_refined    0.215 0.200 ? 122  'X-RAY DIFFRACTION' ? 
r_symmetry_vdw_refined   0.273 0.200 ? 38   'X-RAY DIFFRACTION' ? 
r_symmetry_hbond_refined 0.448 0.200 ? 10   'X-RAY DIFFRACTION' ? 
r_mcbond_it              1.213 1.500 ? 944  'X-RAY DIFFRACTION' ? 
r_mcangle_it             2.139 2.000 ? 1539 'X-RAY DIFFRACTION' ? 
r_scbond_it              3.504 3.000 ? 649  'X-RAY DIFFRACTION' ? 
r_scangle_it             5.275 4.500 ? 616  'X-RAY DIFFRACTION' ? 
# 
loop_
_refine_ls_shell.pdbx_total_number_of_bins_used 
_refine_ls_shell.d_res_high 
_refine_ls_shell.d_res_low 
_refine_ls_shell.number_reflns_R_work 
_refine_ls_shell.R_factor_R_work 
_refine_ls_shell.percent_reflns_obs 
_refine_ls_shell.R_factor_R_free 
_refine_ls_shell.R_factor_R_free_error 
_refine_ls_shell.percent_reflns_R_free 
_refine_ls_shell.number_reflns_R_free 
_refine_ls_shell.number_reflns_obs 
_refine_ls_shell.redundancy_reflns_obs 
_refine_ls_shell.number_reflns_all 
_refine_ls_shell.pdbx_refine_id 
_refine_ls_shell.R_factor_all 
20 1.651 1.694 1384 0.33   . 0.391  . . 63  .    . . 'X-RAY DIFFRACTION' . 
20 1.694 1.71  .    0.3701 . 0.4126 . . 84  1908 . . 'X-RAY DIFFRACTION' . 
20 1.71  1.78  .    0.3092 . 0.3364 . . 102 2297 . . 'X-RAY DIFFRACTION' . 
20 1.78  1.86  .    0.27   . 0.301  . . 135 2325 . . 'X-RAY DIFFRACTION' . 
20 1.86  1.96  .    0.3347 . 0.3423 . . 98  1957 . . 'X-RAY DIFFRACTION' . 
20 1.96  2.08  .    0.2425 . 0.2544 . . 108 2413 . . 'X-RAY DIFFRACTION' . 
20 2.08  2.24  .    0.2345 . 0.2181 . . 105 2190 . . 'X-RAY DIFFRACTION' . 
20 2.24  2.46  .    0.2414 . 0.2146 . . 131 2267 . . 'X-RAY DIFFRACTION' . 
20 2.46  2.82  .    0.2171 . 0.2105 . . 126 2492 . . 'X-RAY DIFFRACTION' . 
20 2.82  3.55  .    0.2237 . 0.2106 . . 126 2510 . . 'X-RAY DIFFRACTION' . 
20 3.55  20.0  1384 0.2352 . 0.218  . . 128 2169 . . 'X-RAY DIFFRACTION' . 
# 
_struct.entry_id                  1UFI 
_struct.title                     'Crystal structure of the dimerization domain of human CENP-B' 
_struct.pdbx_model_details        ? 
_struct.pdbx_CASP_flag            ? 
_struct.pdbx_model_type_details   ? 
# 
_struct_keywords.entry_id        1UFI 
_struct_keywords.pdbx_keywords   'DNA BINDING PROTEIN' 
_struct_keywords.text            
'dimerization domain, salt bridge, RIKEN Structural Genomics/Proteomics Initiative, RSGI, Structural Genomics, DNA BINDING PROTEIN' 
# 
loop_
_struct_asym.id 
_struct_asym.pdbx_blank_PDB_chainid_flag 
_struct_asym.pdbx_modified 
_struct_asym.entity_id 
_struct_asym.details 
A N N 1 ? 
B N N 1 ? 
C N N 1 ? 
D N N 1 ? 
E N N 2 ? 
F N N 2 ? 
G N N 2 ? 
H N N 2 ? 
# 
_struct_ref.id                         1 
_struct_ref.db_name                    UNP 
_struct_ref.db_code                    CENPB_HUMAN 
_struct_ref.entity_id                  1 
_struct_ref.pdbx_seq_one_letter_code   PVPSFGEAMAYFAMVKRYLTSFPIDDRVQSHILHLEHDLVHVTRKNHARQAGVRGLGHQS 
_struct_ref.pdbx_align_begin           540 
_struct_ref.pdbx_db_accession          P07199 
_struct_ref.pdbx_db_isoform            ? 
# 
loop_
_struct_ref_seq.align_id 
_struct_ref_seq.ref_id 
_struct_ref_seq.pdbx_PDB_id_code 
_struct_ref_seq.pdbx_strand_id 
_struct_ref_seq.seq_align_beg 
_struct_ref_seq.pdbx_seq_align_beg_ins_code 
_struct_ref_seq.seq_align_end 
_struct_ref_seq.pdbx_seq_align_end_ins_code 
_struct_ref_seq.pdbx_db_accession 
_struct_ref_seq.db_align_beg 
_struct_ref_seq.pdbx_db_align_beg_ins_code 
_struct_ref_seq.db_align_end 
_struct_ref_seq.pdbx_db_align_end_ins_code 
_struct_ref_seq.pdbx_auth_seq_align_beg 
_struct_ref_seq.pdbx_auth_seq_align_end 
1 1 1UFI A 5 ? 64 ? P07199 540 ? 599 ? 5 64 
2 1 1UFI B 5 ? 64 ? P07199 540 ? 599 ? 5 64 
3 1 1UFI C 5 ? 64 ? P07199 540 ? 599 ? 5 64 
4 1 1UFI D 5 ? 64 ? P07199 540 ? 599 ? 5 64 
# 
loop_
_struct_ref_seq_dif.align_id 
_struct_ref_seq_dif.pdbx_pdb_id_code 
_struct_ref_seq_dif.mon_id 
_struct_ref_seq_dif.pdbx_pdb_strand_id 
_struct_ref_seq_dif.seq_num 
_struct_ref_seq_dif.pdbx_pdb_ins_code 
_struct_ref_seq_dif.pdbx_seq_db_name 
_struct_ref_seq_dif.pdbx_seq_db_accession_code 
_struct_ref_seq_dif.db_mon_id 
_struct_ref_seq_dif.pdbx_seq_db_seq_num 
_struct_ref_seq_dif.details 
_struct_ref_seq_dif.pdbx_auth_seq_num 
_struct_ref_seq_dif.pdbx_ordinal 
1 1UFI GLY A 1 ? UNP P07199 ? ? 'cloning artifact' 1 1  
1 1UFI SER A 2 ? UNP P07199 ? ? 'cloning artifact' 2 2  
1 1UFI HIS A 3 ? UNP P07199 ? ? 'cloning artifact' 3 3  
1 1UFI MET A 4 ? UNP P07199 ? ? 'cloning artifact' 4 4  
2 1UFI GLY B 1 ? UNP P07199 ? ? 'cloning artifact' 1 5  
2 1UFI SER B 2 ? UNP P07199 ? ? 'cloning artifact' 2 6  
2 1UFI HIS B 3 ? UNP P07199 ? ? 'cloning artifact' 3 7  
2 1UFI MET B 4 ? UNP P07199 ? ? 'cloning artifact' 4 8  
3 1UFI GLY C 1 ? UNP P07199 ? ? 'cloning artifact' 1 9  
3 1UFI SER C 2 ? UNP P07199 ? ? 'cloning artifact' 2 10 
3 1UFI HIS C 3 ? UNP P07199 ? ? 'cloning artifact' 3 11 
3 1UFI MET C 4 ? UNP P07199 ? ? 'cloning artifact' 4 12 
4 1UFI GLY D 1 ? UNP P07199 ? ? 'cloning artifact' 1 13 
4 1UFI SER D 2 ? UNP P07199 ? ? 'cloning artifact' 2 14 
4 1UFI HIS D 3 ? UNP P07199 ? ? 'cloning artifact' 3 15 
4 1UFI MET D 4 ? UNP P07199 ? ? 'cloning artifact' 4 16 
# 
loop_
_pdbx_struct_assembly.id 
_pdbx_struct_assembly.details 
_pdbx_struct_assembly.method_details 
_pdbx_struct_assembly.oligomeric_details 
_pdbx_struct_assembly.oligomeric_count 
1 author_and_software_defined_assembly PISA dimeric    2 
2 author_and_software_defined_assembly PISA dimeric    2 
3 software_defined_assembly            PISA tetrameric 4 
# 
loop_
_pdbx_struct_assembly_prop.biol_id 
_pdbx_struct_assembly_prop.type 
_pdbx_struct_assembly_prop.value 
_pdbx_struct_assembly_prop.details 
1 'ABSA (A^2)' 2750  ? 
1 MORE         -28   ? 
1 'SSA (A^2)'  5620  ? 
2 'ABSA (A^2)' 2630  ? 
2 MORE         -27   ? 
2 'SSA (A^2)'  6060  ? 
3 'ABSA (A^2)' 6940  ? 
3 MORE         -76   ? 
3 'SSA (A^2)'  10120 ? 
# 
loop_
_pdbx_struct_assembly_gen.assembly_id 
_pdbx_struct_assembly_gen.oper_expression 
_pdbx_struct_assembly_gen.asym_id_list 
1 1 A,B,E,F         
2 1 C,D,G,H         
3 1 A,B,C,D,E,F,G,H 
# 
_pdbx_struct_oper_list.id                   1 
_pdbx_struct_oper_list.type                 'identity operation' 
_pdbx_struct_oper_list.name                 1_555 
_pdbx_struct_oper_list.symmetry_operation   x,y,z 
_pdbx_struct_oper_list.matrix[1][1]         1.0000000000 
_pdbx_struct_oper_list.matrix[1][2]         0.0000000000 
_pdbx_struct_oper_list.matrix[1][3]         0.0000000000 
_pdbx_struct_oper_list.vector[1]            0.0000000000 
_pdbx_struct_oper_list.matrix[2][1]         0.0000000000 
_pdbx_struct_oper_list.matrix[2][2]         1.0000000000 
_pdbx_struct_oper_list.matrix[2][3]         0.0000000000 
_pdbx_struct_oper_list.vector[2]            0.0000000000 
_pdbx_struct_oper_list.matrix[3][1]         0.0000000000 
_pdbx_struct_oper_list.matrix[3][2]         0.0000000000 
_pdbx_struct_oper_list.matrix[3][3]         1.0000000000 
_pdbx_struct_oper_list.vector[3]            0.0000000000 
# 
loop_
_struct_biol.id 
_struct_biol.pdbx_parent_biol_id 
_struct_biol.details 
1 ? ? 
2 ? ? 
# 
loop_
_struct_conf.conf_type_id 
_struct_conf.id 
_struct_conf.pdbx_PDB_helix_id 
_struct_conf.beg_label_comp_id 
_struct_conf.beg_label_asym_id 
_struct_conf.beg_label_seq_id 
_struct_conf.pdbx_beg_PDB_ins_code 
_struct_conf.end_label_comp_id 
_struct_conf.end_label_asym_id 
_struct_conf.end_label_seq_id 
_struct_conf.pdbx_end_PDB_ins_code 
_struct_conf.beg_auth_comp_id 
_struct_conf.beg_auth_asym_id 
_struct_conf.beg_auth_seq_id 
_struct_conf.end_auth_comp_id 
_struct_conf.end_auth_asym_id 
_struct_conf.end_auth_seq_id 
_struct_conf.pdbx_PDB_helix_class 
_struct_conf.details 
_struct_conf.pdbx_PDB_helix_length 
HELX_P HELX_P1 1 SER A 8  ? THR A 24 ? SER A 8  THR A 24 1 ? 17 
HELX_P HELX_P2 2 ASP A 29 ? ASN A 50 ? ASP A 29 ASN A 50 1 ? 22 
HELX_P HELX_P3 3 SER B 8  ? SER B 25 ? SER B 8  SER B 25 1 ? 18 
HELX_P HELX_P4 4 ASP B 29 ? ASN B 50 ? ASP B 29 ASN B 50 1 ? 22 
HELX_P HELX_P5 5 SER C 8  ? THR C 24 ? SER C 8  THR C 24 1 ? 17 
HELX_P HELX_P6 6 ASP C 29 ? LYS C 49 ? ASP C 29 LYS C 49 1 ? 21 
HELX_P HELX_P7 7 SER D 8  ? SER D 25 ? SER D 8  SER D 25 1 ? 18 
HELX_P HELX_P8 8 ASP D 29 ? ARG D 48 ? ASP D 29 ARG D 48 1 ? 20 
# 
_struct_conf_type.id          HELX_P 
_struct_conf_type.criteria    ? 
_struct_conf_type.reference   ? 
# 
loop_
_pdbx_validate_rmsd_bond.id 
_pdbx_validate_rmsd_bond.PDB_model_num 
_pdbx_validate_rmsd_bond.auth_atom_id_1 
_pdbx_validate_rmsd_bond.auth_asym_id_1 
_pdbx_validate_rmsd_bond.auth_comp_id_1 
_pdbx_validate_rmsd_bond.auth_seq_id_1 
_pdbx_validate_rmsd_bond.PDB_ins_code_1 
_pdbx_validate_rmsd_bond.label_alt_id_1 
_pdbx_validate_rmsd_bond.auth_atom_id_2 
_pdbx_validate_rmsd_bond.auth_asym_id_2 
_pdbx_validate_rmsd_bond.auth_comp_id_2 
_pdbx_validate_rmsd_bond.auth_seq_id_2 
_pdbx_validate_rmsd_bond.PDB_ins_code_2 
_pdbx_validate_rmsd_bond.label_alt_id_2 
_pdbx_validate_rmsd_bond.bond_value 
_pdbx_validate_rmsd_bond.bond_target_value 
_pdbx_validate_rmsd_bond.bond_deviation 
_pdbx_validate_rmsd_bond.bond_standard_deviation 
_pdbx_validate_rmsd_bond.linker_flag 
1 1 SD A MET 13 ? ? CE A MET 13 ? ? 1.420 1.774 -0.354 0.056 N 
2 1 SD A MET 18 ? ? CE A MET 18 ? ? 1.181 1.774 -0.593 0.056 N 
3 1 SD B MET 13 ? ? CE B MET 13 ? ? 1.284 1.774 -0.490 0.056 N 
4 1 SD C MET 18 ? ? CE C MET 18 ? ? 1.137 1.774 -0.637 0.056 N 
# 
loop_
_pdbx_validate_rmsd_angle.id 
_pdbx_validate_rmsd_angle.PDB_model_num 
_pdbx_validate_rmsd_angle.auth_atom_id_1 
_pdbx_validate_rmsd_angle.auth_asym_id_1 
_pdbx_validate_rmsd_angle.auth_comp_id_1 
_pdbx_validate_rmsd_angle.auth_seq_id_1 
_pdbx_validate_rmsd_angle.PDB_ins_code_1 
_pdbx_validate_rmsd_angle.label_alt_id_1 
_pdbx_validate_rmsd_angle.auth_atom_id_2 
_pdbx_validate_rmsd_angle.auth_asym_id_2 
_pdbx_validate_rmsd_angle.auth_comp_id_2 
_pdbx_validate_rmsd_angle.auth_seq_id_2 
_pdbx_validate_rmsd_angle.PDB_ins_code_2 
_pdbx_validate_rmsd_angle.label_alt_id_2 
_pdbx_validate_rmsd_angle.auth_atom_id_3 
_pdbx_validate_rmsd_angle.auth_asym_id_3 
_pdbx_validate_rmsd_angle.auth_comp_id_3 
_pdbx_validate_rmsd_angle.auth_seq_id_3 
_pdbx_validate_rmsd_angle.PDB_ins_code_3 
_pdbx_validate_rmsd_angle.label_alt_id_3 
_pdbx_validate_rmsd_angle.angle_value 
_pdbx_validate_rmsd_angle.angle_target_value 
_pdbx_validate_rmsd_angle.angle_deviation 
_pdbx_validate_rmsd_angle.angle_standard_deviation 
_pdbx_validate_rmsd_angle.linker_flag 
1 1 CB A ASP 29 ? ? CG A ASP 29 ? ? OD2 A ASP 29 ? ? 124.39 118.30 6.09  0.90 N 
2 1 CB D ASP 29 ? ? CG D ASP 29 ? ? OD2 D ASP 29 ? ? 123.73 118.30 5.43  0.90 N 
3 1 CA D LEU 37 ? ? CB D LEU 37 ? ? CG  D LEU 37 ? ? 132.63 115.30 17.33 2.30 N 
# 
loop_
_pdbx_validate_torsion.id 
_pdbx_validate_torsion.PDB_model_num 
_pdbx_validate_torsion.auth_comp_id 
_pdbx_validate_torsion.auth_asym_id 
_pdbx_validate_torsion.auth_seq_id 
_pdbx_validate_torsion.PDB_ins_code 
_pdbx_validate_torsion.label_alt_id 
_pdbx_validate_torsion.phi 
_pdbx_validate_torsion.psi 
1 1 ASP B 29 ? ? -97.10 -155.69 
2 1 ASP D 29 ? ? -78.62 -161.29 
# 
_pdbx_validate_planes.id              1 
_pdbx_validate_planes.PDB_model_num   1 
_pdbx_validate_planes.auth_comp_id    ARG 
_pdbx_validate_planes.auth_asym_id    A 
_pdbx_validate_planes.auth_seq_id     21 
_pdbx_validate_planes.PDB_ins_code    ? 
_pdbx_validate_planes.label_alt_id    ? 
_pdbx_validate_planes.rmsd            0.181 
_pdbx_validate_planes.type            'SIDE CHAIN' 
# 
_pdbx_SG_project.id                    1 
_pdbx_SG_project.project_name          ? 
_pdbx_SG_project.full_name_of_center   'RIKEN Structural Genomics/Proteomics Initiative' 
_pdbx_SG_project.initial_of_center     RSGI 
# 
loop_
_pdbx_unobs_or_zero_occ_residues.id 
_pdbx_unobs_or_zero_occ_residues.PDB_model_num 
_pdbx_unobs_or_zero_occ_residues.polymer_flag 
_pdbx_unobs_or_zero_occ_residues.occupancy_flag 
_pdbx_unobs_or_zero_occ_residues.auth_asym_id 
_pdbx_unobs_or_zero_occ_residues.auth_comp_id 
_pdbx_unobs_or_zero_occ_residues.auth_seq_id 
_pdbx_unobs_or_zero_occ_residues.PDB_ins_code 
_pdbx_unobs_or_zero_occ_residues.label_asym_id 
_pdbx_unobs_or_zero_occ_residues.label_comp_id 
_pdbx_unobs_or_zero_occ_residues.label_seq_id 
1  1 Y 1 A GLY 1  ? A GLY 1  
2  1 Y 1 A SER 2  ? A SER 2  
3  1 Y 1 A HIS 51 ? A HIS 51 
4  1 Y 1 A ALA 52 ? A ALA 52 
5  1 Y 1 A ARG 53 ? A ARG 53 
6  1 Y 1 A GLN 54 ? A GLN 54 
7  1 Y 1 A ALA 55 ? A ALA 55 
8  1 Y 1 A GLY 56 ? A GLY 56 
9  1 Y 1 A VAL 57 ? A VAL 57 
10 1 Y 1 A ARG 58 ? A ARG 58 
11 1 Y 1 A GLY 59 ? A GLY 59 
12 1 Y 1 A LEU 60 ? A LEU 60 
13 1 Y 1 A GLY 61 ? A GLY 61 
14 1 Y 1 A HIS 62 ? A HIS 62 
15 1 Y 1 A GLN 63 ? A GLN 63 
16 1 Y 1 A SER 64 ? A SER 64 
17 1 Y 1 B GLY 1  ? B GLY 1  
18 1 Y 1 B SER 2  ? B SER 2  
19 1 Y 1 B HIS 3  ? B HIS 3  
20 1 Y 1 B MET 4  ? B MET 4  
21 1 Y 1 B HIS 51 ? B HIS 51 
22 1 Y 1 B ALA 52 ? B ALA 52 
23 1 Y 1 B ARG 53 ? B ARG 53 
24 1 Y 1 B GLN 54 ? B GLN 54 
25 1 Y 1 B ALA 55 ? B ALA 55 
26 1 Y 1 B GLY 56 ? B GLY 56 
27 1 Y 1 B VAL 57 ? B VAL 57 
28 1 Y 1 B ARG 58 ? B ARG 58 
29 1 Y 1 B GLY 59 ? B GLY 59 
30 1 Y 1 B LEU 60 ? B LEU 60 
31 1 Y 1 B GLY 61 ? B GLY 61 
32 1 Y 1 B HIS 62 ? B HIS 62 
33 1 Y 1 B GLN 63 ? B GLN 63 
34 1 Y 1 B SER 64 ? B SER 64 
35 1 Y 1 C GLY 1  ? C GLY 1  
36 1 Y 1 C ASN 50 ? C ASN 50 
37 1 Y 1 C HIS 51 ? C HIS 51 
38 1 Y 1 C ALA 52 ? C ALA 52 
39 1 Y 1 C ARG 53 ? C ARG 53 
40 1 Y 1 C GLN 54 ? C GLN 54 
41 1 Y 1 C ALA 55 ? C ALA 55 
42 1 Y 1 C GLY 56 ? C GLY 56 
43 1 Y 1 C VAL 57 ? C VAL 57 
44 1 Y 1 C ARG 58 ? C ARG 58 
45 1 Y 1 C GLY 59 ? C GLY 59 
46 1 Y 1 C LEU 60 ? C LEU 60 
47 1 Y 1 C GLY 61 ? C GLY 61 
48 1 Y 1 C HIS 62 ? C HIS 62 
49 1 Y 1 C GLN 63 ? C GLN 63 
50 1 Y 1 C SER 64 ? C SER 64 
51 1 Y 1 D GLY 1  ? D GLY 1  
52 1 Y 1 D SER 2  ? D SER 2  
53 1 Y 1 D LYS 49 ? D LYS 49 
54 1 Y 1 D ASN 50 ? D ASN 50 
55 1 Y 1 D HIS 51 ? D HIS 51 
56 1 Y 1 D ALA 52 ? D ALA 52 
57 1 Y 1 D ARG 53 ? D ARG 53 
58 1 Y 1 D GLN 54 ? D GLN 54 
59 1 Y 1 D ALA 55 ? D ALA 55 
60 1 Y 1 D GLY 56 ? D GLY 56 
61 1 Y 1 D VAL 57 ? D VAL 57 
62 1 Y 1 D ARG 58 ? D ARG 58 
63 1 Y 1 D GLY 59 ? D GLY 59 
64 1 Y 1 D LEU 60 ? D LEU 60 
65 1 Y 1 D GLY 61 ? D GLY 61 
66 1 Y 1 D HIS 62 ? D HIS 62 
67 1 Y 1 D GLN 63 ? D GLN 63 
68 1 Y 1 D SER 64 ? D SER 64 
# 
loop_
_chem_comp_atom.comp_id 
_chem_comp_atom.atom_id 
_chem_comp_atom.type_symbol 
_chem_comp_atom.pdbx_aromatic_flag 
_chem_comp_atom.pdbx_stereo_config 
_chem_comp_atom.pdbx_ordinal 
ALA N    N N N 1   
ALA CA   C N S 2   
ALA C    C N N 3   
ALA O    O N N 4   
ALA CB   C N N 5   
ALA OXT  O N N 6   
ALA H    H N N 7   
ALA H2   H N N 8   
ALA HA   H N N 9   
ALA HB1  H N N 10  
ALA HB2  H N N 11  
ALA HB3  H N N 12  
ALA HXT  H N N 13  
ARG N    N N N 14  
ARG CA   C N S 15  
ARG C    C N N 16  
ARG O    O N N 17  
ARG CB   C N N 18  
ARG CG   C N N 19  
ARG CD   C N N 20  
ARG NE   N N N 21  
ARG CZ   C N N 22  
ARG NH1  N N N 23  
ARG NH2  N N N 24  
ARG OXT  O N N 25  
ARG H    H N N 26  
ARG H2   H N N 27  
ARG HA   H N N 28  
ARG HB2  H N N 29  
ARG HB3  H N N 30  
ARG HG2  H N N 31  
ARG HG3  H N N 32  
ARG HD2  H N N 33  
ARG HD3  H N N 34  
ARG HE   H N N 35  
ARG HH11 H N N 36  
ARG HH12 H N N 37  
ARG HH21 H N N 38  
ARG HH22 H N N 39  
ARG HXT  H N N 40  
ASN N    N N N 41  
ASN CA   C N S 42  
ASN C    C N N 43  
ASN O    O N N 44  
ASN CB   C N N 45  
ASN CG   C N N 46  
ASN OD1  O N N 47  
ASN ND2  N N N 48  
ASN OXT  O N N 49  
ASN H    H N N 50  
ASN H2   H N N 51  
ASN HA   H N N 52  
ASN HB2  H N N 53  
ASN HB3  H N N 54  
ASN HD21 H N N 55  
ASN HD22 H N N 56  
ASN HXT  H N N 57  
ASP N    N N N 58  
ASP CA   C N S 59  
ASP C    C N N 60  
ASP O    O N N 61  
ASP CB   C N N 62  
ASP CG   C N N 63  
ASP OD1  O N N 64  
ASP OD2  O N N 65  
ASP OXT  O N N 66  
ASP H    H N N 67  
ASP H2   H N N 68  
ASP HA   H N N 69  
ASP HB2  H N N 70  
ASP HB3  H N N 71  
ASP HD2  H N N 72  
ASP HXT  H N N 73  
GLN N    N N N 74  
GLN CA   C N S 75  
GLN C    C N N 76  
GLN O    O N N 77  
GLN CB   C N N 78  
GLN CG   C N N 79  
GLN CD   C N N 80  
GLN OE1  O N N 81  
GLN NE2  N N N 82  
GLN OXT  O N N 83  
GLN H    H N N 84  
GLN H2   H N N 85  
GLN HA   H N N 86  
GLN HB2  H N N 87  
GLN HB3  H N N 88  
GLN HG2  H N N 89  
GLN HG3  H N N 90  
GLN HE21 H N N 91  
GLN HE22 H N N 92  
GLN HXT  H N N 93  
GLU N    N N N 94  
GLU CA   C N S 95  
GLU C    C N N 96  
GLU O    O N N 97  
GLU CB   C N N 98  
GLU CG   C N N 99  
GLU CD   C N N 100 
GLU OE1  O N N 101 
GLU OE2  O N N 102 
GLU OXT  O N N 103 
GLU H    H N N 104 
GLU H2   H N N 105 
GLU HA   H N N 106 
GLU HB2  H N N 107 
GLU HB3  H N N 108 
GLU HG2  H N N 109 
GLU HG3  H N N 110 
GLU HE2  H N N 111 
GLU HXT  H N N 112 
GLY N    N N N 113 
GLY CA   C N N 114 
GLY C    C N N 115 
GLY O    O N N 116 
GLY OXT  O N N 117 
GLY H    H N N 118 
GLY H2   H N N 119 
GLY HA2  H N N 120 
GLY HA3  H N N 121 
GLY HXT  H N N 122 
HIS N    N N N 123 
HIS CA   C N S 124 
HIS C    C N N 125 
HIS O    O N N 126 
HIS CB   C N N 127 
HIS CG   C Y N 128 
HIS ND1  N Y N 129 
HIS CD2  C Y N 130 
HIS CE1  C Y N 131 
HIS NE2  N Y N 132 
HIS OXT  O N N 133 
HIS H    H N N 134 
HIS H2   H N N 135 
HIS HA   H N N 136 
HIS HB2  H N N 137 
HIS HB3  H N N 138 
HIS HD1  H N N 139 
HIS HD2  H N N 140 
HIS HE1  H N N 141 
HIS HE2  H N N 142 
HIS HXT  H N N 143 
HOH O    O N N 144 
HOH H1   H N N 145 
HOH H2   H N N 146 
ILE N    N N N 147 
ILE CA   C N S 148 
ILE C    C N N 149 
ILE O    O N N 150 
ILE CB   C N S 151 
ILE CG1  C N N 152 
ILE CG2  C N N 153 
ILE CD1  C N N 154 
ILE OXT  O N N 155 
ILE H    H N N 156 
ILE H2   H N N 157 
ILE HA   H N N 158 
ILE HB   H N N 159 
ILE HG12 H N N 160 
ILE HG13 H N N 161 
ILE HG21 H N N 162 
ILE HG22 H N N 163 
ILE HG23 H N N 164 
ILE HD11 H N N 165 
ILE HD12 H N N 166 
ILE HD13 H N N 167 
ILE HXT  H N N 168 
LEU N    N N N 169 
LEU CA   C N S 170 
LEU C    C N N 171 
LEU O    O N N 172 
LEU CB   C N N 173 
LEU CG   C N N 174 
LEU CD1  C N N 175 
LEU CD2  C N N 176 
LEU OXT  O N N 177 
LEU H    H N N 178 
LEU H2   H N N 179 
LEU HA   H N N 180 
LEU HB2  H N N 181 
LEU HB3  H N N 182 
LEU HG   H N N 183 
LEU HD11 H N N 184 
LEU HD12 H N N 185 
LEU HD13 H N N 186 
LEU HD21 H N N 187 
LEU HD22 H N N 188 
LEU HD23 H N N 189 
LEU HXT  H N N 190 
LYS N    N N N 191 
LYS CA   C N S 192 
LYS C    C N N 193 
LYS O    O N N 194 
LYS CB   C N N 195 
LYS CG   C N N 196 
LYS CD   C N N 197 
LYS CE   C N N 198 
LYS NZ   N N N 199 
LYS OXT  O N N 200 
LYS H    H N N 201 
LYS H2   H N N 202 
LYS HA   H N N 203 
LYS HB2  H N N 204 
LYS HB3  H N N 205 
LYS HG2  H N N 206 
LYS HG3  H N N 207 
LYS HD2  H N N 208 
LYS HD3  H N N 209 
LYS HE2  H N N 210 
LYS HE3  H N N 211 
LYS HZ1  H N N 212 
LYS HZ2  H N N 213 
LYS HZ3  H N N 214 
LYS HXT  H N N 215 
MET N    N N N 216 
MET CA   C N S 217 
MET C    C N N 218 
MET O    O N N 219 
MET CB   C N N 220 
MET CG   C N N 221 
MET SD   S N N 222 
MET CE   C N N 223 
MET OXT  O N N 224 
MET H    H N N 225 
MET H2   H N N 226 
MET HA   H N N 227 
MET HB2  H N N 228 
MET HB3  H N N 229 
MET HG2  H N N 230 
MET HG3  H N N 231 
MET HE1  H N N 232 
MET HE2  H N N 233 
MET HE3  H N N 234 
MET HXT  H N N 235 
PHE N    N N N 236 
PHE CA   C N S 237 
PHE C    C N N 238 
PHE O    O N N 239 
PHE CB   C N N 240 
PHE CG   C Y N 241 
PHE CD1  C Y N 242 
PHE CD2  C Y N 243 
PHE CE1  C Y N 244 
PHE CE2  C Y N 245 
PHE CZ   C Y N 246 
PHE OXT  O N N 247 
PHE H    H N N 248 
PHE H2   H N N 249 
PHE HA   H N N 250 
PHE HB2  H N N 251 
PHE HB3  H N N 252 
PHE HD1  H N N 253 
PHE HD2  H N N 254 
PHE HE1  H N N 255 
PHE HE2  H N N 256 
PHE HZ   H N N 257 
PHE HXT  H N N 258 
PRO N    N N N 259 
PRO CA   C N S 260 
PRO C    C N N 261 
PRO O    O N N 262 
PRO CB   C N N 263 
PRO CG   C N N 264 
PRO CD   C N N 265 
PRO OXT  O N N 266 
PRO H    H N N 267 
PRO HA   H N N 268 
PRO HB2  H N N 269 
PRO HB3  H N N 270 
PRO HG2  H N N 271 
PRO HG3  H N N 272 
PRO HD2  H N N 273 
PRO HD3  H N N 274 
PRO HXT  H N N 275 
SER N    N N N 276 
SER CA   C N S 277 
SER C    C N N 278 
SER O    O N N 279 
SER CB   C N N 280 
SER OG   O N N 281 
SER OXT  O N N 282 
SER H    H N N 283 
SER H2   H N N 284 
SER HA   H N N 285 
SER HB2  H N N 286 
SER HB3  H N N 287 
SER HG   H N N 288 
SER HXT  H N N 289 
THR N    N N N 290 
THR CA   C N S 291 
THR C    C N N 292 
THR O    O N N 293 
THR CB   C N R 294 
THR OG1  O N N 295 
THR CG2  C N N 296 
THR OXT  O N N 297 
THR H    H N N 298 
THR H2   H N N 299 
THR HA   H N N 300 
THR HB   H N N 301 
THR HG1  H N N 302 
THR HG21 H N N 303 
THR HG22 H N N 304 
THR HG23 H N N 305 
THR HXT  H N N 306 
TYR N    N N N 307 
TYR CA   C N S 308 
TYR C    C N N 309 
TYR O    O N N 310 
TYR CB   C N N 311 
TYR CG   C Y N 312 
TYR CD1  C Y N 313 
TYR CD2  C Y N 314 
TYR CE1  C Y N 315 
TYR CE2  C Y N 316 
TYR CZ   C Y N 317 
TYR OH   O N N 318 
TYR OXT  O N N 319 
TYR H    H N N 320 
TYR H2   H N N 321 
TYR HA   H N N 322 
TYR HB2  H N N 323 
TYR HB3  H N N 324 
TYR HD1  H N N 325 
TYR HD2  H N N 326 
TYR HE1  H N N 327 
TYR HE2  H N N 328 
TYR HH   H N N 329 
TYR HXT  H N N 330 
VAL N    N N N 331 
VAL CA   C N S 332 
VAL C    C N N 333 
VAL O    O N N 334 
VAL CB   C N N 335 
VAL CG1  C N N 336 
VAL CG2  C N N 337 
VAL OXT  O N N 338 
VAL H    H N N 339 
VAL H2   H N N 340 
VAL HA   H N N 341 
VAL HB   H N N 342 
VAL HG11 H N N 343 
VAL HG12 H N N 344 
VAL HG13 H N N 345 
VAL HG21 H N N 346 
VAL HG22 H N N 347 
VAL HG23 H N N 348 
VAL HXT  H N N 349 
# 
loop_
_chem_comp_bond.comp_id 
_chem_comp_bond.atom_id_1 
_chem_comp_bond.atom_id_2 
_chem_comp_bond.value_order 
_chem_comp_bond.pdbx_aromatic_flag 
_chem_comp_bond.pdbx_stereo_config 
_chem_comp_bond.pdbx_ordinal 
ALA N   CA   sing N N 1   
ALA N   H    sing N N 2   
ALA N   H2   sing N N 3   
ALA CA  C    sing N N 4   
ALA CA  CB   sing N N 5   
ALA CA  HA   sing N N 6   
ALA C   O    doub N N 7   
ALA C   OXT  sing N N 8   
ALA CB  HB1  sing N N 9   
ALA CB  HB2  sing N N 10  
ALA CB  HB3  sing N N 11  
ALA OXT HXT  sing N N 12  
ARG N   CA   sing N N 13  
ARG N   H    sing N N 14  
ARG N   H2   sing N N 15  
ARG CA  C    sing N N 16  
ARG CA  CB   sing N N 17  
ARG CA  HA   sing N N 18  
ARG C   O    doub N N 19  
ARG C   OXT  sing N N 20  
ARG CB  CG   sing N N 21  
ARG CB  HB2  sing N N 22  
ARG CB  HB3  sing N N 23  
ARG CG  CD   sing N N 24  
ARG CG  HG2  sing N N 25  
ARG CG  HG3  sing N N 26  
ARG CD  NE   sing N N 27  
ARG CD  HD2  sing N N 28  
ARG CD  HD3  sing N N 29  
ARG NE  CZ   sing N N 30  
ARG NE  HE   sing N N 31  
ARG CZ  NH1  sing N N 32  
ARG CZ  NH2  doub N N 33  
ARG NH1 HH11 sing N N 34  
ARG NH1 HH12 sing N N 35  
ARG NH2 HH21 sing N N 36  
ARG NH2 HH22 sing N N 37  
ARG OXT HXT  sing N N 38  
ASN N   CA   sing N N 39  
ASN N   H    sing N N 40  
ASN N   H2   sing N N 41  
ASN CA  C    sing N N 42  
ASN CA  CB   sing N N 43  
ASN CA  HA   sing N N 44  
ASN C   O    doub N N 45  
ASN C   OXT  sing N N 46  
ASN CB  CG   sing N N 47  
ASN CB  HB2  sing N N 48  
ASN CB  HB3  sing N N 49  
ASN CG  OD1  doub N N 50  
ASN CG  ND2  sing N N 51  
ASN ND2 HD21 sing N N 52  
ASN ND2 HD22 sing N N 53  
ASN OXT HXT  sing N N 54  
ASP N   CA   sing N N 55  
ASP N   H    sing N N 56  
ASP N   H2   sing N N 57  
ASP CA  C    sing N N 58  
ASP CA  CB   sing N N 59  
ASP CA  HA   sing N N 60  
ASP C   O    doub N N 61  
ASP C   OXT  sing N N 62  
ASP CB  CG   sing N N 63  
ASP CB  HB2  sing N N 64  
ASP CB  HB3  sing N N 65  
ASP CG  OD1  doub N N 66  
ASP CG  OD2  sing N N 67  
ASP OD2 HD2  sing N N 68  
ASP OXT HXT  sing N N 69  
GLN N   CA   sing N N 70  
GLN N   H    sing N N 71  
GLN N   H2   sing N N 72  
GLN CA  C    sing N N 73  
GLN CA  CB   sing N N 74  
GLN CA  HA   sing N N 75  
GLN C   O    doub N N 76  
GLN C   OXT  sing N N 77  
GLN CB  CG   sing N N 78  
GLN CB  HB2  sing N N 79  
GLN CB  HB3  sing N N 80  
GLN CG  CD   sing N N 81  
GLN CG  HG2  sing N N 82  
GLN CG  HG3  sing N N 83  
GLN CD  OE1  doub N N 84  
GLN CD  NE2  sing N N 85  
GLN NE2 HE21 sing N N 86  
GLN NE2 HE22 sing N N 87  
GLN OXT HXT  sing N N 88  
GLU N   CA   sing N N 89  
GLU N   H    sing N N 90  
GLU N   H2   sing N N 91  
GLU CA  C    sing N N 92  
GLU CA  CB   sing N N 93  
GLU CA  HA   sing N N 94  
GLU C   O    doub N N 95  
GLU C   OXT  sing N N 96  
GLU CB  CG   sing N N 97  
GLU CB  HB2  sing N N 98  
GLU CB  HB3  sing N N 99  
GLU CG  CD   sing N N 100 
GLU CG  HG2  sing N N 101 
GLU CG  HG3  sing N N 102 
GLU CD  OE1  doub N N 103 
GLU CD  OE2  sing N N 104 
GLU OE2 HE2  sing N N 105 
GLU OXT HXT  sing N N 106 
GLY N   CA   sing N N 107 
GLY N   H    sing N N 108 
GLY N   H2   sing N N 109 
GLY CA  C    sing N N 110 
GLY CA  HA2  sing N N 111 
GLY CA  HA3  sing N N 112 
GLY C   O    doub N N 113 
GLY C   OXT  sing N N 114 
GLY OXT HXT  sing N N 115 
HIS N   CA   sing N N 116 
HIS N   H    sing N N 117 
HIS N   H2   sing N N 118 
HIS CA  C    sing N N 119 
HIS CA  CB   sing N N 120 
HIS CA  HA   sing N N 121 
HIS C   O    doub N N 122 
HIS C   OXT  sing N N 123 
HIS CB  CG   sing N N 124 
HIS CB  HB2  sing N N 125 
HIS CB  HB3  sing N N 126 
HIS CG  ND1  sing Y N 127 
HIS CG  CD2  doub Y N 128 
HIS ND1 CE1  doub Y N 129 
HIS ND1 HD1  sing N N 130 
HIS CD2 NE2  sing Y N 131 
HIS CD2 HD2  sing N N 132 
HIS CE1 NE2  sing Y N 133 
HIS CE1 HE1  sing N N 134 
HIS NE2 HE2  sing N N 135 
HIS OXT HXT  sing N N 136 
HOH O   H1   sing N N 137 
HOH O   H2   sing N N 138 
ILE N   CA   sing N N 139 
ILE N   H    sing N N 140 
ILE N   H2   sing N N 141 
ILE CA  C    sing N N 142 
ILE CA  CB   sing N N 143 
ILE CA  HA   sing N N 144 
ILE C   O    doub N N 145 
ILE C   OXT  sing N N 146 
ILE CB  CG1  sing N N 147 
ILE CB  CG2  sing N N 148 
ILE CB  HB   sing N N 149 
ILE CG1 CD1  sing N N 150 
ILE CG1 HG12 sing N N 151 
ILE CG1 HG13 sing N N 152 
ILE CG2 HG21 sing N N 153 
ILE CG2 HG22 sing N N 154 
ILE CG2 HG23 sing N N 155 
ILE CD1 HD11 sing N N 156 
ILE CD1 HD12 sing N N 157 
ILE CD1 HD13 sing N N 158 
ILE OXT HXT  sing N N 159 
LEU N   CA   sing N N 160 
LEU N   H    sing N N 161 
LEU N   H2   sing N N 162 
LEU CA  C    sing N N 163 
LEU CA  CB   sing N N 164 
LEU CA  HA   sing N N 165 
LEU C   O    doub N N 166 
LEU C   OXT  sing N N 167 
LEU CB  CG   sing N N 168 
LEU CB  HB2  sing N N 169 
LEU CB  HB3  sing N N 170 
LEU CG  CD1  sing N N 171 
LEU CG  CD2  sing N N 172 
LEU CG  HG   sing N N 173 
LEU CD1 HD11 sing N N 174 
LEU CD1 HD12 sing N N 175 
LEU CD1 HD13 sing N N 176 
LEU CD2 HD21 sing N N 177 
LEU CD2 HD22 sing N N 178 
LEU CD2 HD23 sing N N 179 
LEU OXT HXT  sing N N 180 
LYS N   CA   sing N N 181 
LYS N   H    sing N N 182 
LYS N   H2   sing N N 183 
LYS CA  C    sing N N 184 
LYS CA  CB   sing N N 185 
LYS CA  HA   sing N N 186 
LYS C   O    doub N N 187 
LYS C   OXT  sing N N 188 
LYS CB  CG   sing N N 189 
LYS CB  HB2  sing N N 190 
LYS CB  HB3  sing N N 191 
LYS CG  CD   sing N N 192 
LYS CG  HG2  sing N N 193 
LYS CG  HG3  sing N N 194 
LYS CD  CE   sing N N 195 
LYS CD  HD2  sing N N 196 
LYS CD  HD3  sing N N 197 
LYS CE  NZ   sing N N 198 
LYS CE  HE2  sing N N 199 
LYS CE  HE3  sing N N 200 
LYS NZ  HZ1  sing N N 201 
LYS NZ  HZ2  sing N N 202 
LYS NZ  HZ3  sing N N 203 
LYS OXT HXT  sing N N 204 
MET N   CA   sing N N 205 
MET N   H    sing N N 206 
MET N   H2   sing N N 207 
MET CA  C    sing N N 208 
MET CA  CB   sing N N 209 
MET CA  HA   sing N N 210 
MET C   O    doub N N 211 
MET C   OXT  sing N N 212 
MET CB  CG   sing N N 213 
MET CB  HB2  sing N N 214 
MET CB  HB3  sing N N 215 
MET CG  SD   sing N N 216 
MET CG  HG2  sing N N 217 
MET CG  HG3  sing N N 218 
MET SD  CE   sing N N 219 
MET CE  HE1  sing N N 220 
MET CE  HE2  sing N N 221 
MET CE  HE3  sing N N 222 
MET OXT HXT  sing N N 223 
PHE N   CA   sing N N 224 
PHE N   H    sing N N 225 
PHE N   H2   sing N N 226 
PHE CA  C    sing N N 227 
PHE CA  CB   sing N N 228 
PHE CA  HA   sing N N 229 
PHE C   O    doub N N 230 
PHE C   OXT  sing N N 231 
PHE CB  CG   sing N N 232 
PHE CB  HB2  sing N N 233 
PHE CB  HB3  sing N N 234 
PHE CG  CD1  doub Y N 235 
PHE CG  CD2  sing Y N 236 
PHE CD1 CE1  sing Y N 237 
PHE CD1 HD1  sing N N 238 
PHE CD2 CE2  doub Y N 239 
PHE CD2 HD2  sing N N 240 
PHE CE1 CZ   doub Y N 241 
PHE CE1 HE1  sing N N 242 
PHE CE2 CZ   sing Y N 243 
PHE CE2 HE2  sing N N 244 
PHE CZ  HZ   sing N N 245 
PHE OXT HXT  sing N N 246 
PRO N   CA   sing N N 247 
PRO N   CD   sing N N 248 
PRO N   H    sing N N 249 
PRO CA  C    sing N N 250 
PRO CA  CB   sing N N 251 
PRO CA  HA   sing N N 252 
PRO C   O    doub N N 253 
PRO C   OXT  sing N N 254 
PRO CB  CG   sing N N 255 
PRO CB  HB2  sing N N 256 
PRO CB  HB3  sing N N 257 
PRO CG  CD   sing N N 258 
PRO CG  HG2  sing N N 259 
PRO CG  HG3  sing N N 260 
PRO CD  HD2  sing N N 261 
PRO CD  HD3  sing N N 262 
PRO OXT HXT  sing N N 263 
SER N   CA   sing N N 264 
SER N   H    sing N N 265 
SER N   H2   sing N N 266 
SER CA  C    sing N N 267 
SER CA  CB   sing N N 268 
SER CA  HA   sing N N 269 
SER C   O    doub N N 270 
SER C   OXT  sing N N 271 
SER CB  OG   sing N N 272 
SER CB  HB2  sing N N 273 
SER CB  HB3  sing N N 274 
SER OG  HG   sing N N 275 
SER OXT HXT  sing N N 276 
THR N   CA   sing N N 277 
THR N   H    sing N N 278 
THR N   H2   sing N N 279 
THR CA  C    sing N N 280 
THR CA  CB   sing N N 281 
THR CA  HA   sing N N 282 
THR C   O    doub N N 283 
THR C   OXT  sing N N 284 
THR CB  OG1  sing N N 285 
THR CB  CG2  sing N N 286 
THR CB  HB   sing N N 287 
THR OG1 HG1  sing N N 288 
THR CG2 HG21 sing N N 289 
THR CG2 HG22 sing N N 290 
THR CG2 HG23 sing N N 291 
THR OXT HXT  sing N N 292 
TYR N   CA   sing N N 293 
TYR N   H    sing N N 294 
TYR N   H2   sing N N 295 
TYR CA  C    sing N N 296 
TYR CA  CB   sing N N 297 
TYR CA  HA   sing N N 298 
TYR C   O    doub N N 299 
TYR C   OXT  sing N N 300 
TYR CB  CG   sing N N 301 
TYR CB  HB2  sing N N 302 
TYR CB  HB3  sing N N 303 
TYR CG  CD1  doub Y N 304 
TYR CG  CD2  sing Y N 305 
TYR CD1 CE1  sing Y N 306 
TYR CD1 HD1  sing N N 307 
TYR CD2 CE2  doub Y N 308 
TYR CD2 HD2  sing N N 309 
TYR CE1 CZ   doub Y N 310 
TYR CE1 HE1  sing N N 311 
TYR CE2 CZ   sing Y N 312 
TYR CE2 HE2  sing N N 313 
TYR CZ  OH   sing N N 314 
TYR OH  HH   sing N N 315 
TYR OXT HXT  sing N N 316 
VAL N   CA   sing N N 317 
VAL N   H    sing N N 318 
VAL N   H2   sing N N 319 
VAL CA  C    sing N N 320 
VAL CA  CB   sing N N 321 
VAL CA  HA   sing N N 322 
VAL C   O    doub N N 323 
VAL C   OXT  sing N N 324 
VAL CB  CG1  sing N N 325 
VAL CB  CG2  sing N N 326 
VAL CB  HB   sing N N 327 
VAL CG1 HG11 sing N N 328 
VAL CG1 HG12 sing N N 329 
VAL CG1 HG13 sing N N 330 
VAL CG2 HG21 sing N N 331 
VAL CG2 HG22 sing N N 332 
VAL CG2 HG23 sing N N 333 
VAL OXT HXT  sing N N 334 
# 
_atom_sites.entry_id                    1UFI 
_atom_sites.fract_transf_matrix[1][1]   -0.01686201 
_atom_sites.fract_transf_matrix[1][2]   -0.00390569 
_atom_sites.fract_transf_matrix[1][3]   -0.01496371 
_atom_sites.fract_transf_matrix[2][1]   0.00123348 
_atom_sites.fract_transf_matrix[2][2]   -0.02002546 
_atom_sites.fract_transf_matrix[2][3]   0.00383691 
_atom_sites.fract_transf_matrix[3][1]   -0.00668504 
_atom_sites.fract_transf_matrix[3][2]   0.00098245 
_atom_sites.fract_transf_matrix[3][3]   0.00727667 
_atom_sites.fract_transf_vector[1]      -0.061602 
_atom_sites.fract_transf_vector[2]      0.483598 
_atom_sites.fract_transf_vector[3]      0.852627 
# 
loop_
_atom_type.symbol 
C 
N 
O 
S 
# 
loop_
_atom_site.group_PDB 
_atom_site.id 
_atom_site.type_symbol 
_atom_site.label_atom_id 
_atom_site.label_alt_id 
_atom_site.label_comp_id 
_atom_site.label_asym_id 
_atom_site.label_entity_id 
_atom_site.label_seq_id 
_atom_site.pdbx_PDB_ins_code 
_atom_site.Cartn_x 
_atom_site.Cartn_y 
_atom_site.Cartn_z 
_atom_site.occupancy 
_atom_site.B_iso_or_equiv 
_atom_site.pdbx_formal_charge 
_atom_site.auth_seq_id 
_atom_site.auth_comp_id 
_atom_site.auth_asym_id 
_atom_site.auth_atom_id 
_atom_site.pdbx_PDB_model_num 
ATOM   1    N N   . HIS A 1 3  ? -3.443  5.212   -9.336  1.00 40.72 ? 3   HIS A N   1 
ATOM   2    C CA  . HIS A 1 3  ? -1.970  5.381   -9.567  1.00 39.09 ? 3   HIS A CA  1 
ATOM   3    C C   . HIS A 1 3  ? -1.209  4.047   -9.363  1.00 36.87 ? 3   HIS A C   1 
ATOM   4    O O   . HIS A 1 3  ? -0.191  3.816   -10.000 1.00 36.49 ? 3   HIS A O   1 
ATOM   5    C CB  . HIS A 1 3  ? -1.426  6.469   -8.639  1.00 41.13 ? 3   HIS A CB  1 
ATOM   6    C CG  . HIS A 1 3  ? -1.171  7.795   -9.310  1.00 45.63 ? 3   HIS A CG  1 
ATOM   7    N ND1 . HIS A 1 3  ? -2.163  8.527   -9.935  1.00 48.97 ? 3   HIS A ND1 1 
ATOM   8    C CD2 . HIS A 1 3  ? -0.031  8.528   -9.427  1.00 47.37 ? 3   HIS A CD2 1 
ATOM   9    C CE1 . HIS A 1 3  ? -1.644  9.645   -10.417 1.00 50.55 ? 3   HIS A CE1 1 
ATOM   10   N NE2 . HIS A 1 3  ? -0.355  9.672   -10.116 1.00 50.05 ? 3   HIS A NE2 1 
ATOM   11   N N   . MET A 1 4  ? -1.715  3.180   -8.466  1.00 33.07 ? 4   MET A N   1 
ATOM   12   C CA  . MET A 1 4  ? -1.159  1.833   -8.291  1.00 31.32 ? 4   MET A CA  1 
ATOM   13   C C   . MET A 1 4  ? -1.503  0.998   -9.532  1.00 30.13 ? 4   MET A C   1 
ATOM   14   O O   . MET A 1 4  ? -2.399  1.391   -10.273 1.00 31.05 ? 4   MET A O   1 
ATOM   15   C CB  . MET A 1 4  ? -1.669  1.197   -6.978  1.00 28.79 ? 4   MET A CB  1 
ATOM   16   C CG  . MET A 1 4  ? -1.251  2.003   -5.764  1.00 30.69 ? 4   MET A CG  1 
ATOM   17   S SD  . MET A 1 4  ? 0.484   1.572   -5.343  1.00 23.28 ? 4   MET A SD  1 
ATOM   18   C CE  . MET A 1 4  ? 0.198   -0.050  -4.891  1.00 27.83 ? 4   MET A CE  1 
ATOM   19   N N   . PRO A 1 5  ? -0.773  -0.086  -9.810  1.00 30.01 ? 5   PRO A N   1 
ATOM   20   C CA  . PRO A 1 5  ? -1.001  -0.900  -11.023 1.00 30.20 ? 5   PRO A CA  1 
ATOM   21   C C   . PRO A 1 5  ? -2.367  -1.567  -11.063 1.00 30.86 ? 5   PRO A C   1 
ATOM   22   O O   . PRO A 1 5  ? -2.948  -1.814  -9.966  1.00 31.35 ? 5   PRO A O   1 
ATOM   23   C CB  . PRO A 1 5  ? 0.067   -1.998  -10.888 1.00 30.14 ? 5   PRO A CB  1 
ATOM   24   C CG  . PRO A 1 5  ? 1.107   -1.359  -10.075 1.00 29.90 ? 5   PRO A CG  1 
ATOM   25   C CD  . PRO A 1 5  ? 0.335   -0.633  -9.008  1.00 30.11 ? 5   PRO A CD  1 
ATOM   26   N N   . VAL A 1 6  ? -2.885  -1.814  -12.277 1.00 30.37 ? 6   VAL A N   1 
ATOM   27   C CA  . VAL A 1 6  ? -4.030  -2.742  -12.436 1.00 28.53 ? 6   VAL A CA  1 
ATOM   28   C C   . VAL A 1 6  ? -3.552  -4.175  -12.710 1.00 27.18 ? 6   VAL A C   1 
ATOM   29   O O   . VAL A 1 6  ? -2.993  -4.483  -13.760 1.00 26.82 ? 6   VAL A O   1 
ATOM   30   C CB  . VAL A 1 6  ? -5.124  -2.274  -13.464 1.00 30.41 ? 6   VAL A CB  1 
ATOM   31   C CG1 . VAL A 1 6  ? -6.358  -3.231  -13.381 1.00 27.63 ? 6   VAL A CG1 1 
ATOM   32   C CG2 . VAL A 1 6  ? -5.488  -0.776  -13.214 1.00 29.88 ? 6   VAL A CG2 1 
ATOM   33   N N   . PRO A 1 7  ? -3.751  -5.061  -11.732 1.00 23.59 ? 7   PRO A N   1 
ATOM   34   C CA  . PRO A 1 7  ? -3.234  -6.413  -11.837 1.00 21.48 ? 7   PRO A CA  1 
ATOM   35   C C   . PRO A 1 7  ? -4.123  -7.319  -12.707 1.00 20.63 ? 7   PRO A C   1 
ATOM   36   O O   . PRO A 1 7  ? -5.244  -6.962  -12.928 1.00 20.84 ? 7   PRO A O   1 
ATOM   37   C CB  . PRO A 1 7  ? -3.288  -6.920  -10.398 1.00 21.15 ? 7   PRO A CB  1 
ATOM   38   C CG  . PRO A 1 7  ? -4.263  -6.107  -9.736  1.00 24.30 ? 7   PRO A CG  1 
ATOM   39   C CD  . PRO A 1 7  ? -4.418  -4.793  -10.446 1.00 23.68 ? 7   PRO A CD  1 
ATOM   40   N N   . SER A 1 8  ? -3.619  -8.461  -13.102 1.00 20.82 ? 8   SER A N   1 
ATOM   41   C CA  . SER A 1 8  ? -4.480  -9.510  -13.649 1.00 19.93 ? 8   SER A CA  1 
ATOM   42   C C   . SER A 1 8  ? -5.271  -10.206 -12.530 1.00 20.04 ? 8   SER A C   1 
ATOM   43   O O   . SER A 1 8  ? -5.035  -9.978  -11.323 1.00 18.96 ? 8   SER A O   1 
ATOM   44   C CB  . SER A 1 8  ? -3.646  -10.548 -14.402 1.00 21.75 ? 8   SER A CB  1 
ATOM   45   O OG  . SER A 1 8  ? -2.858  -11.321 -13.489 1.00 18.69 ? 8   SER A OG  1 
ATOM   46   N N   . PHE A 1 9  ? -6.216  -11.044 -12.930 1.00 19.40 ? 9   PHE A N   1 
ATOM   47   C CA  . PHE A 1 9  ? -7.088  -11.689 -11.993 1.00 18.91 ? 9   PHE A CA  1 
ATOM   48   C C   . PHE A 1 9  ? -6.325  -12.523 -10.989 1.00 18.59 ? 9   PHE A C   1 
ATOM   49   O O   . PHE A 1 9  ? -6.614  -12.428 -9.807  1.00 17.86 ? 9   PHE A O   1 
ATOM   50   C CB  . PHE A 1 9  ? -8.191  -12.443 -12.747 1.00 18.38 ? 9   PHE A CB  1 
ATOM   51   C CG  . PHE A 1 9  ? -9.110  -13.288 -11.886 1.00 20.79 ? 9   PHE A CG  1 
ATOM   52   C CD1 . PHE A 1 9  ? -9.773  -12.787 -10.731 1.00 19.93 ? 9   PHE A CD1 1 
ATOM   53   C CD2 . PHE A 1 9  ? -9.407  -14.563 -12.294 1.00 20.89 ? 9   PHE A CD2 1 
ATOM   54   C CE1 . PHE A 1 9  ? -10.674 -13.630 -9.995  1.00 18.28 ? 9   PHE A CE1 1 
ATOM   55   C CE2 . PHE A 1 9  ? -10.286 -15.383 -11.556 1.00 21.13 ? 9   PHE A CE2 1 
ATOM   56   C CZ  . PHE A 1 9  ? -10.922 -14.890 -10.418 1.00 20.64 ? 9   PHE A CZ  1 
ATOM   57   N N   . GLY A 1 10 ? -5.325  -13.297 -11.456 1.00 16.67 ? 10  GLY A N   1 
ATOM   58   C CA  . GLY A 1 10 ? -4.546  -14.209 -10.637 1.00 19.25 ? 10  GLY A CA  1 
ATOM   59   C C   . GLY A 1 10 ? -3.684  -13.393 -9.674  1.00 18.93 ? 10  GLY A C   1 
ATOM   60   O O   . GLY A 1 10 ? -3.615  -13.730 -8.514  1.00 19.58 ? 10  GLY A O   1 
ATOM   61   N N   . GLU A 1 11 ? -3.084  -12.335 -10.183 1.00 18.74 ? 11  GLU A N   1 
ATOM   62   C CA  . GLU A 1 11 ? -2.266  -11.450 -9.361  1.00 20.25 ? 11  GLU A CA  1 
ATOM   63   C C   . GLU A 1 11 ? -3.200  -10.894 -8.265  1.00 19.02 ? 11  GLU A C   1 
ATOM   64   O O   . GLU A 1 11 ? -2.855  -10.901 -7.062  1.00 18.85 ? 11  GLU A O   1 
ATOM   65   C CB  . GLU A 1 11 ? -1.735  -10.308 -10.193 1.00 20.17 ? 11  GLU A CB  1 
ATOM   66   C CG  . GLU A 1 11 ? -0.571  -10.709 -11.126 1.00 25.03 ? 11  GLU A CG  1 
ATOM   67   C CD  . GLU A 1 11 ? -0.315  -9.746  -12.292 1.00 26.35 ? 11  GLU A CD  1 
ATOM   68   O OE1 . GLU A 1 11 ? 0.411   -10.133 -13.246 1.00 34.24 ? 11  GLU A OE1 1 
ATOM   69   O OE2 . GLU A 1 11 ? -0.811  -8.633  -12.335 1.00 21.66 ? 11  GLU A OE2 1 
ATOM   70   N N   . ALA A 1 12 ? -4.364  -10.404 -8.674  1.00 19.71 ? 12  ALA A N   1 
ATOM   71   C CA  . ALA A 1 12 ? -5.257  -9.760  -7.689  1.00 18.24 ? 12  ALA A CA  1 
ATOM   72   C C   . ALA A 1 12 ? -5.601  -10.733 -6.568  1.00 17.08 ? 12  ALA A C   1 
ATOM   73   O O   . ALA A 1 12 ? -5.698  -10.371 -5.373  1.00 14.54 ? 12  ALA A O   1 
ATOM   74   C CB  . ALA A 1 12 ? -6.513  -9.197  -8.351  1.00 16.33 ? 12  ALA A CB  1 
ATOM   75   N N   . MET A 1 13 ? -5.844  -11.991 -6.935  1.00 16.74 ? 13  MET A N   1 
ATOM   76   C CA  . MET A 1 13 ? -6.212  -12.974 -5.926  1.00 17.86 ? 13  MET A CA  1 
ATOM   77   C C   . MET A 1 13 ? -5.054  -13.328 -5.028  1.00 17.07 ? 13  MET A C   1 
ATOM   78   O O   . MET A 1 13 ? -5.281  -13.645 -3.847  1.00 17.60 ? 13  MET A O   1 
ATOM   79   C CB  . MET A 1 13 ? -6.856  -14.226 -6.573  1.00 18.08 ? 13  MET A CB  1 
ATOM   80   C CG  . MET A 1 13 ? -8.080  -13.853 -7.373  1.00 19.44 ? 13  MET A CG  1 
ATOM   81   S SD  . MET A 1 13 ? -9.373  -12.818 -6.442  1.00 21.00 ? 13  MET A SD  1 
ATOM   82   C CE  . MET A 1 13 ? -9.756  -13.849 -5.542  1.00 13.60 ? 13  MET A CE  1 
ATOM   83   N N   . ALA A 1 14 ? -3.840  -13.338 -5.596  1.00 18.27 ? 14  ALA A N   1 
ATOM   84   C CA  . ALA A 1 14 ? -2.623  -13.554 -4.793  1.00 18.19 ? 14  ALA A CA  1 
ATOM   85   C C   . ALA A 1 14 ? -2.505  -12.459 -3.745  1.00 18.72 ? 14  ALA A C   1 
ATOM   86   O O   . ALA A 1 14 ? -2.278  -12.725 -2.565  1.00 17.72 ? 14  ALA A O   1 
ATOM   87   C CB  . ALA A 1 14 ? -1.368  -13.608 -5.687  1.00 18.66 ? 14  ALA A CB  1 
ATOM   88   N N   . TYR A 1 15 ? -2.653  -11.230 -4.205  1.00 17.07 ? 15  TYR A N   1 
ATOM   89   C CA  . TYR A 1 15 ? -2.635  -10.006 -3.329  1.00 17.15 ? 15  TYR A CA  1 
ATOM   90   C C   . TYR A 1 15 ? -3.727  -10.095 -2.283  1.00 16.50 ? 15  TYR A C   1 
ATOM   91   O O   . TYR A 1 15 ? -3.534  -9.811  -1.135  1.00 15.72 ? 15  TYR A O   1 
ATOM   92   C CB  . TYR A 1 15 ? -2.855  -8.777  -4.165  1.00 16.19 ? 15  TYR A CB  1 
ATOM   93   C CG  . TYR A 1 15 ? -1.793  -8.572  -5.261  1.00 15.97 ? 15  TYR A CG  1 
ATOM   94   C CD1 . TYR A 1 15 ? -0.543  -9.186  -5.179  1.00 19.80 ? 15  TYR A CD1 1 
ATOM   95   C CD2 . TYR A 1 15 ? -2.074  -7.756  -6.333  1.00 18.03 ? 15  TYR A CD2 1 
ATOM   96   C CE1 . TYR A 1 15 ? 0.424   -8.987  -6.216  1.00 22.17 ? 15  TYR A CE1 1 
ATOM   97   C CE2 . TYR A 1 15 ? -1.130  -7.555  -7.341  1.00 20.70 ? 15  TYR A CE2 1 
ATOM   98   C CZ  . TYR A 1 15 ? 0.073   -8.154  -7.269  1.00 19.59 ? 15  TYR A CZ  1 
ATOM   99   O OH  . TYR A 1 15 ? 0.944   -7.874  -8.311  1.00 29.04 ? 15  TYR A OH  1 
ATOM   100  N N   . PHE A 1 16 ? -4.937  -10.458 -2.692  1.00 17.14 ? 16  PHE A N   1 
ATOM   101  C CA  . PHE A 1 16 ? -6.008  -10.633 -1.733  1.00 14.73 ? 16  PHE A CA  1 
ATOM   102  C C   . PHE A 1 16 ? -5.735  -11.678 -0.636  1.00 15.61 ? 16  PHE A C   1 
ATOM   103  O O   . PHE A 1 16 ? -6.081  -11.479 0.557   1.00 17.15 ? 16  PHE A O   1 
ATOM   104  C CB  . PHE A 1 16 ? -7.342  -10.991 -2.461  1.00 13.93 ? 16  PHE A CB  1 
ATOM   105  C CG  . PHE A 1 16 ? -8.501  -10.956 -1.509  1.00 18.37 ? 16  PHE A CG  1 
ATOM   106  C CD1 . PHE A 1 16 ? -8.978  -12.094 -0.900  1.00 19.00 ? 16  PHE A CD1 1 
ATOM   107  C CD2 . PHE A 1 16 ? -9.006  -9.695  -1.138  1.00 18.75 ? 16  PHE A CD2 1 
ATOM   108  C CE1 . PHE A 1 16 ? -10.009 -11.984 0.080   1.00 18.26 ? 16  PHE A CE1 1 
ATOM   109  C CE2 . PHE A 1 16 ? -10.061 -9.588  -0.220  1.00 22.64 ? 16  PHE A CE2 1 
ATOM   110  C CZ  . PHE A 1 16 ? -10.520 -10.747 0.413   1.00 21.69 ? 16  PHE A CZ  1 
ATOM   111  N N   . ALA A 1 17 ? -5.060  -12.768 -1.015  1.00 15.68 ? 17  ALA A N   1 
ATOM   112  C CA  . ALA A 1 17 ? -4.622  -13.791 -0.065  1.00 16.37 ? 17  ALA A CA  1 
ATOM   113  C C   . ALA A 1 17 ? -3.697  -13.164 1.018   1.00 17.11 ? 17  ALA A C   1 
ATOM   114  O O   . ALA A 1 17 ? -3.817  -13.483 2.196   1.00 17.85 ? 17  ALA A O   1 
ATOM   115  C CB  . ALA A 1 17 ? -3.934  -14.974 -0.827  1.00 17.31 ? 17  ALA A CB  1 
ATOM   116  N N   . MET A 1 18 ? -2.847  -12.244 0.590   1.00 16.20 ? 18  MET A N   1 
ATOM   117  C CA  . MET A 1 18 ? -1.919  -11.593 1.488   1.00 16.31 ? 18  MET A CA  1 
ATOM   118  C C   . MET A 1 18 ? -2.686  -10.581 2.367   1.00 16.01 ? 18  MET A C   1 
ATOM   119  O O   . MET A 1 18 ? -2.381  -10.448 3.543   1.00 17.67 ? 18  MET A O   1 
ATOM   120  C CB  . MET A 1 18 ? -0.791  -10.898 0.678   1.00 17.49 ? 18  MET A CB  1 
ATOM   121  C CG  . MET A 1 18 ? 0.129   -11.896 -0.018  1.00 18.04 ? 18  MET A CG  1 
ATOM   122  S SD  . MET A 1 18 ? 1.053   -12.926 1.173   1.00 21.84 ? 18  MET A SD  1 
ATOM   123  C CE  . MET A 1 18 ? 0.545   -13.984 1.043   1.00 18.24 ? 18  MET A CE  1 
ATOM   124  N N   . VAL A 1 19 ? -3.649  -9.853  1.807   1.00 15.25 ? 19  VAL A N   1 
ATOM   125  C CA  . VAL A 1 19 ? -4.547  -9.006  2.633   1.00 16.65 ? 19  VAL A CA  1 
ATOM   126  C C   . VAL A 1 19 ? -5.245  -9.862  3.730   1.00 16.39 ? 19  VAL A C   1 
ATOM   127  O O   . VAL A 1 19 ? -5.333  -9.417  4.896   1.00 18.01 ? 19  VAL A O   1 
ATOM   128  C CB  . VAL A 1 19 ? -5.642  -8.262  1.769   1.00 14.84 ? 19  VAL A CB  1 
ATOM   129  C CG1 . VAL A 1 19 ? -6.639  -7.527  2.692   1.00 17.16 ? 19  VAL A CG1 1 
ATOM   130  C CG2 . VAL A 1 19 ? -5.026  -7.347  0.718   1.00 15.50 ? 19  VAL A CG2 1 
ATOM   131  N N   . LYS A 1 20 ? -5.754  -11.043 3.364   1.00 18.73 ? 20  LYS A N   1 
ATOM   132  C CA  . LYS A 1 20 ? -6.417  -11.925 4.320   1.00 18.97 ? 20  LYS A CA  1 
ATOM   133  C C   . LYS A 1 20 ? -5.402  -12.431 5.402   1.00 19.86 ? 20  LYS A C   1 
ATOM   134  O O   . LYS A 1 20 ? -5.723  -12.513 6.594   1.00 19.89 ? 20  LYS A O   1 
ATOM   135  C CB  . LYS A 1 20 ? -7.165  -13.075 3.526   1.00 19.47 ? 20  LYS A CB  1 
ATOM   136  C CG  . LYS A 1 20 ? -7.916  -14.142 4.370   1.00 21.47 ? 20  LYS A CG  1 
ATOM   137  C CD  . LYS A 1 20 ? -8.928  -14.879 3.453   1.00 26.30 ? 20  LYS A CD  1 
ATOM   138  C CE  . LYS A 1 20 ? -8.302  -15.737 2.393   1.00 30.73 ? 20  LYS A CE  1 
ATOM   139  N NZ  . LYS A 1 20 ? -9.358  -16.667 1.791   1.00 33.19 ? 20  LYS A NZ  1 
ATOM   140  N N   . ARG A 1 21 ? -4.185  -12.689 4.975   1.00 18.94 ? 21  ARG A N   1 
ATOM   141  C CA  . ARG A 1 21 ? -3.130  -13.180 5.879   1.00 22.15 ? 21  ARG A CA  1 
ATOM   142  C C   . ARG A 1 21 ? -2.822  -12.117 6.908   1.00 20.37 ? 21  ARG A C   1 
ATOM   143  O O   . ARG A 1 21 ? -2.617  -12.419 8.114   1.00 21.36 ? 21  ARG A O   1 
ATOM   144  C CB  . ARG A 1 21 ? -1.874  -13.554 5.089   1.00 22.67 ? 21  ARG A CB  1 
ATOM   145  C CG  . ARG A 1 21 ? -0.626  -13.570 5.957   1.00 31.39 ? 21  ARG A CG  1 
ATOM   146  C CD  . ARG A 1 21 ? 0.485   -14.406 5.395   1.00 41.58 ? 21  ARG A CD  1 
ATOM   147  N NE  . ARG A 1 21 ? -0.036  -15.362 4.443   1.00 45.78 ? 21  ARG A NE  1 
ATOM   148  C CZ  . ARG A 1 21 ? 0.686   -16.255 3.784   1.00 46.04 ? 21  ARG A CZ  1 
ATOM   149  N NH1 . ARG A 1 21 ? 0.247   -17.490 3.571   1.00 47.39 ? 21  ARG A NH1 1 
ATOM   150  N NH2 . ARG A 1 21 ? 1.872   -15.901 3.348   1.00 46.16 ? 21  ARG A NH2 1 
ATOM   151  N N   . TYR A 1 22 ? -2.802  -10.872 6.450   1.00 19.41 ? 22  TYR A N   1 
ATOM   152  C CA  . TYR A 1 22 ? -2.564  -9.736  7.327   1.00 18.32 ? 22  TYR A CA  1 
ATOM   153  C C   . TYR A 1 22 ? -3.679  -9.551  8.369   1.00 19.26 ? 22  TYR A C   1 
ATOM   154  O O   . TYR A 1 22 ? -3.443  -9.530  9.611   1.00 20.16 ? 22  TYR A O   1 
ATOM   155  C CB  . TYR A 1 22 ? -2.293  -8.436  6.526   1.00 17.27 ? 22  TYR A CB  1 
ATOM   156  C CG  . TYR A 1 22 ? -2.137  -7.221  7.394   1.00 17.76 ? 22  TYR A CG  1 
ATOM   157  C CD1 . TYR A 1 22 ? -0.908  -6.964  8.023   1.00 21.58 ? 22  TYR A CD1 1 
ATOM   158  C CD2 . TYR A 1 22 ? -3.204  -6.352  7.627   1.00 17.29 ? 22  TYR A CD2 1 
ATOM   159  C CE1 . TYR A 1 22 ? -0.776  -5.892  8.822   1.00 20.57 ? 22  TYR A CE1 1 
ATOM   160  C CE2 . TYR A 1 22 ? -3.046  -5.218  8.419   1.00 16.50 ? 22  TYR A CE2 1 
ATOM   161  C CZ  . TYR A 1 22 ? -1.810  -5.060  9.046   1.00 19.31 ? 22  TYR A CZ  1 
ATOM   162  O OH  . TYR A 1 22 ? -1.638  -3.984  9.867   1.00 22.52 ? 22  TYR A OH  1 
ATOM   163  N N   . LEU A 1 23 ? -4.888  -9.475  7.889   1.00 19.55 ? 23  LEU A N   1 
ATOM   164  C CA  . LEU A 1 23 ? -6.044  -9.235  8.725   1.00 19.65 ? 23  LEU A CA  1 
ATOM   165  C C   . LEU A 1 23 ? -6.264  -10.333 9.734   1.00 19.95 ? 23  LEU A C   1 
ATOM   166  O O   . LEU A 1 23 ? -6.498  -10.032 10.911  1.00 19.56 ? 23  LEU A O   1 
ATOM   167  C CB  . LEU A 1 23 ? -7.264  -9.143  7.797   1.00 21.18 ? 23  LEU A CB  1 
ATOM   168  C CG  . LEU A 1 23 ? -8.134  -7.919  7.926   1.00 25.50 ? 23  LEU A CG  1 
ATOM   169  C CD1 . LEU A 1 23 ? -7.559  -6.724  8.752   1.00 23.76 ? 23  LEU A CD1 1 
ATOM   170  C CD2 . LEU A 1 23 ? -8.708  -7.567  6.518   1.00 23.86 ? 23  LEU A CD2 1 
ATOM   171  N N   . THR A 1 24 ? -6.212  -11.592 9.304   1.00 21.62 ? 24  THR A N   1 
ATOM   172  C CA  . THR A 1 24 ? -6.417  -12.721 10.246  1.00 22.05 ? 24  THR A CA  1 
ATOM   173  C C   . THR A 1 24 ? -5.183  -12.952 11.151  1.00 22.54 ? 24  THR A C   1 
ATOM   174  O O   . THR A 1 24 ? -5.170  -13.904 11.927  1.00 24.04 ? 24  THR A O   1 
ATOM   175  C CB  . THR A 1 24 ? -6.745  -14.045 9.487   1.00 22.59 ? 24  THR A CB  1 
ATOM   176  O OG1 . THR A 1 24 ? -5.654  -14.352 8.620   1.00 24.38 ? 24  THR A OG1 1 
ATOM   177  C CG2 . THR A 1 24 ? -7.906  -13.842 8.579   1.00 24.62 ? 24  THR A CG2 1 
ATOM   178  N N   . SER A 1 25 ? -4.153  -12.109 11.051  1.00 22.76 ? 25  SER A N   1 
ATOM   179  C CA  . SER A 1 25 ? -2.983  -12.257 11.953  1.00 23.59 ? 25  SER A CA  1 
ATOM   180  C C   . SER A 1 25 ? -3.315  -11.565 13.290  1.00 24.30 ? 25  SER A C   1 
ATOM   181  O O   . SER A 1 25 ? -2.548  -11.702 14.305  1.00 23.39 ? 25  SER A O   1 
ATOM   182  C CB  . SER A 1 25 ? -1.711  -11.659 11.339  1.00 24.42 ? 25  SER A CB  1 
ATOM   183  O OG  . SER A 1 25 ? -1.653  -10.244 11.474  1.00 22.84 ? 25  SER A OG  1 
ATOM   184  N N   . PHE A 1 26 ? -4.397  -10.781 13.262  1.00 20.64 ? 26  PHE A N   1 
ATOM   185  C CA  . PHE A 1 26 ? -4.933  -10.057 14.406  1.00 21.21 ? 26  PHE A CA  1 
ATOM   186  C C   . PHE A 1 26 ? -6.117  -10.832 14.923  1.00 21.87 ? 26  PHE A C   1 
ATOM   187  O O   . PHE A 1 26 ? -6.702  -11.637 14.175  1.00 19.87 ? 26  PHE A O   1 
ATOM   188  C CB  . PHE A 1 26 ? -5.407  -8.649  14.013  1.00 19.82 ? 26  PHE A CB  1 
ATOM   189  C CG  . PHE A 1 26 ? -4.256  -7.741  13.585  1.00 22.80 ? 26  PHE A CG  1 
ATOM   190  C CD1 . PHE A 1 26 ? -3.931  -7.624  12.233  1.00 20.60 ? 26  PHE A CD1 1 
ATOM   191  C CD2 . PHE A 1 26 ? -3.455  -7.100  14.537  1.00 23.93 ? 26  PHE A CD2 1 
ATOM   192  C CE1 . PHE A 1 26 ? -2.841  -6.866  11.812  1.00 25.16 ? 26  PHE A CE1 1 
ATOM   193  C CE2 . PHE A 1 26 ? -2.369  -6.318  14.139  1.00 28.03 ? 26  PHE A CE2 1 
ATOM   194  C CZ  . PHE A 1 26 ? -2.060  -6.190  12.785  1.00 27.42 ? 26  PHE A CZ  1 
ATOM   195  N N   . PRO A 1 27 ? -6.501  -10.609 16.175  1.00 22.77 ? 27  PRO A N   1 
ATOM   196  C CA  . PRO A 1 27 ? -7.773  -11.151 16.657  1.00 24.38 ? 27  PRO A CA  1 
ATOM   197  C C   . PRO A 1 27 ? -8.853  -10.481 15.809  1.00 25.38 ? 27  PRO A C   1 
ATOM   198  O O   . PRO A 1 27 ? -8.822  -9.277  15.626  1.00 27.80 ? 27  PRO A O   1 
ATOM   199  C CB  . PRO A 1 27 ? -7.798  -10.740 18.139  1.00 22.75 ? 27  PRO A CB  1 
ATOM   200  C CG  . PRO A 1 27 ? -6.362  -10.553 18.419  1.00 23.52 ? 27  PRO A CG  1 
ATOM   201  C CD  . PRO A 1 27 ? -5.773  -9.865  17.211  1.00 22.63 ? 27  PRO A CD  1 
ATOM   202  N N   . ILE A 1 28 ? -9.741  -11.278 15.234  1.00 27.09 ? 28  ILE A N   1 
ATOM   203  C CA  . ILE A 1 28 ? -10.670 -10.787 14.181  1.00 28.71 ? 28  ILE A CA  1 
ATOM   204  C C   . ILE A 1 28 ? -12.130 -10.991 14.601  1.00 26.74 ? 28  ILE A C   1 
ATOM   205  O O   . ILE A 1 28 ? -12.444 -12.077 14.985  1.00 28.98 ? 28  ILE A O   1 
ATOM   206  C CB  . ILE A 1 28 ? -10.324 -11.598 12.833  1.00 29.35 ? 28  ILE A CB  1 
ATOM   207  C CG1 . ILE A 1 28 ? -10.562 -10.816 11.572  1.00 32.79 ? 28  ILE A CG1 1 
ATOM   208  C CG2 . ILE A 1 28 ? -10.923 -13.028 12.842  1.00 33.77 ? 28  ILE A CG2 1 
ATOM   209  C CD1 . ILE A 1 28 ? -10.036 -11.526 10.372  1.00 35.31 ? 28  ILE A CD1 1 
ATOM   210  N N   . ASP A 1 29 ? -12.983 -9.967  14.616  1.00 26.18 ? 29  ASP A N   1 
ATOM   211  C CA  . ASP A 1 29 ? -14.379 -10.228 15.005  1.00 27.30 ? 29  ASP A CA  1 
ATOM   212  C C   . ASP A 1 29 ? -15.051 -10.887 13.771  1.00 26.92 ? 29  ASP A C   1 
ATOM   213  O O   . ASP A 1 29 ? -14.407 -11.018 12.703  1.00 24.85 ? 29  ASP A O   1 
ATOM   214  C CB  . ASP A 1 29 ? -15.103 -8.969  15.545  1.00 28.66 ? 29  ASP A CB  1 
ATOM   215  C CG  . ASP A 1 29 ? -15.757 -8.122  14.447  1.00 34.00 ? 29  ASP A CG  1 
ATOM   216  O OD1 . ASP A 1 29 ? -15.438 -8.338  13.282  1.00 37.03 ? 29  ASP A OD1 1 
ATOM   217  O OD2 . ASP A 1 29 ? -16.620 -7.222  14.659  1.00 42.28 ? 29  ASP A OD2 1 
ATOM   218  N N   . ASP A 1 30 ? -16.289 -11.369 13.934  1.00 26.43 ? 30  ASP A N   1 
ATOM   219  C CA  . ASP A 1 30 ? -17.080 -11.987 12.824  1.00 27.00 ? 30  ASP A CA  1 
ATOM   220  C C   . ASP A 1 30 ? -17.481 -11.037 11.727  1.00 24.67 ? 30  ASP A C   1 
ATOM   221  O O   . ASP A 1 30 ? -17.718 -11.485 10.614  1.00 23.65 ? 30  ASP A O   1 
ATOM   222  C CB  . ASP A 1 30 ? -18.403 -12.590 13.321  1.00 28.46 ? 30  ASP A CB  1 
ATOM   223  C CG  . ASP A 1 30 ? -18.196 -13.806 14.224  1.00 34.26 ? 30  ASP A CG  1 
ATOM   224  O OD1 . ASP A 1 30 ? -17.106 -14.432 14.177  1.00 38.57 ? 30  ASP A OD1 1 
ATOM   225  O OD2 . ASP A 1 30 ? -19.095 -14.219 15.000  1.00 40.39 ? 30  ASP A OD2 1 
ATOM   226  N N   . ARG A 1 31 ? -17.626 -9.762  12.037  1.00 24.85 ? 31  ARG A N   1 
ATOM   227  C CA  . ARG A 1 31 ? -17.914 -8.765  11.021  1.00 24.57 ? 31  ARG A CA  1 
ATOM   228  C C   . ARG A 1 31 ? -16.763 -8.622  10.055  1.00 22.58 ? 31  ARG A C   1 
ATOM   229  O O   . ARG A 1 31 ? -16.976 -8.521  8.830   1.00 20.10 ? 31  ARG A O   1 
ATOM   230  C CB  . ARG A 1 31 ? -18.190 -7.426  11.664  1.00 27.51 ? 31  ARG A CB  1 
ATOM   231  C CG  . ARG A 1 31 ? -18.985 -6.457  10.780  1.00 33.03 ? 31  ARG A CG  1 
ATOM   232  C CD  . ARG A 1 31 ? -20.066 -5.686  11.553  1.00 43.81 ? 31  ARG A CD  1 
ATOM   233  N NE  . ARG A 1 31 ? -20.054 -4.252  11.248  1.00 48.86 ? 31  ARG A NE  1 
ATOM   234  C CZ  . ARG A 1 31 ? -20.801 -3.676  10.305  1.00 51.94 ? 31  ARG A CZ  1 
ATOM   235  N NH1 . ARG A 1 31 ? -21.607 -4.401  9.535   1.00 54.30 ? 31  ARG A NH1 1 
ATOM   236  N NH2 . ARG A 1 31 ? -20.725 -2.371  10.115  1.00 53.23 ? 31  ARG A NH2 1 
ATOM   237  N N   . VAL A 1 32 ? -15.534 -8.587  10.586  1.00 20.65 ? 32  VAL A N   1 
ATOM   238  C CA  . VAL A 1 32 ? -14.341 -8.525  9.684   1.00 17.67 ? 32  VAL A CA  1 
ATOM   239  C C   . VAL A 1 32 ? -14.258 -9.778  8.820   1.00 16.99 ? 32  VAL A C   1 
ATOM   240  O O   . VAL A 1 32 ? -13.992 -9.680  7.623   1.00 17.27 ? 32  VAL A O   1 
ATOM   241  C CB  . VAL A 1 32 ? -12.998 -8.298  10.509  1.00 16.51 ? 32  VAL A CB  1 
ATOM   242  C CG1 . VAL A 1 32 ? -11.801 -8.203  9.516   1.00 16.10 ? 32  VAL A CG1 1 
ATOM   243  C CG2 . VAL A 1 32 ? -13.161 -7.011  11.305  1.00 17.65 ? 32  VAL A CG2 1 
ATOM   244  N N   . GLN A 1 33 ? -14.454 -10.956 9.405   1.00 17.61 ? 33  GLN A N   1 
ATOM   245  C CA  . GLN A 1 33 ? -14.423 -12.185 8.662   1.00 19.32 ? 33  GLN A CA  1 
ATOM   246  C C   . GLN A 1 33 ? -15.418 -12.108 7.509   1.00 18.85 ? 33  GLN A C   1 
ATOM   247  O O   . GLN A 1 33 ? -15.141 -12.547 6.388   1.00 18.38 ? 33  GLN A O   1 
ATOM   248  C CB  . GLN A 1 33 ? -14.805 -13.336 9.564   1.00 21.23 ? 33  GLN A CB  1 
ATOM   249  C CG  . GLN A 1 33 ? -14.179 -14.655 9.129   1.00 31.08 ? 33  GLN A CG  1 
ATOM   250  C CD  . GLN A 1 33 ? -12.758 -14.770 9.703   1.00 37.43 ? 33  GLN A CD  1 
ATOM   251  O OE1 . GLN A 1 33 ? -11.795 -15.016 8.973   1.00 40.86 ? 33  GLN A OE1 1 
ATOM   252  N NE2 . GLN A 1 33 ? -12.635 -14.527 11.008  1.00 42.01 ? 33  GLN A NE2 1 
ATOM   253  N N   . SER A 1 34 ? -16.600 -11.624 7.833   1.00 18.59 ? 34  SER A N   1 
ATOM   254  C CA  . SER A 1 34 ? -17.680 -11.518 6.834   1.00 18.01 ? 34  SER A CA  1 
ATOM   255  C C   . SER A 1 34 ? -17.270 -10.581 5.689   1.00 17.28 ? 34  SER A C   1 
ATOM   256  O O   . SER A 1 34 ? -17.495 -10.864 4.493   1.00 17.23 ? 34  SER A O   1 
ATOM   257  C CB  . SER A 1 34 ? -18.952 -10.986 7.472   1.00 19.37 ? 34  SER A CB  1 
ATOM   258  O OG  . SER A 1 34 ? -19.980 -11.099 6.463   1.00 22.28 ? 34  SER A OG  1 
ATOM   259  N N   . HIS A 1 35 ? -16.687 -9.454  6.062   1.00 15.55 ? 35  HIS A N   1 
ATOM   260  C CA  . HIS A 1 35 ? -16.193 -8.480  5.096   1.00 16.85 ? 35  HIS A CA  1 
ATOM   261  C C   . HIS A 1 35 ? -15.135 -9.090  4.187   1.00 16.50 ? 35  HIS A C   1 
ATOM   262  O O   . HIS A 1 35 ? -15.123 -8.814  2.994   1.00 17.23 ? 35  HIS A O   1 
ATOM   263  C CB  . HIS A 1 35 ? -15.577 -7.307  5.825   1.00 16.44 ? 35  HIS A CB  1 
ATOM   264  C CG  . HIS A 1 35 ? -16.568 -6.431  6.543   1.00 17.75 ? 35  HIS A CG  1 
ATOM   265  N ND1 . HIS A 1 35 ? -16.191 -5.538  7.518   1.00 22.52 ? 35  HIS A ND1 1 
ATOM   266  C CD2 . HIS A 1 35 ? -17.911 -6.293  6.407   1.00 20.94 ? 35  HIS A CD2 1 
ATOM   267  C CE1 . HIS A 1 35 ? -17.260 -4.915  7.984   1.00 24.24 ? 35  HIS A CE1 1 
ATOM   268  N NE2 . HIS A 1 35 ? -18.315 -5.324  7.297   1.00 21.89 ? 35  HIS A NE2 1 
ATOM   269  N N   . ILE A 1 36 ? -14.241 -9.917  4.729   1.00 15.79 ? 36  ILE A N   1 
ATOM   270  C CA  . ILE A 1 36 ? -13.266 -10.642 3.898   1.00 14.37 ? 36  ILE A CA  1 
ATOM   271  C C   . ILE A 1 36 ? -13.965 -11.556 2.897   1.00 16.21 ? 36  ILE A C   1 
ATOM   272  O O   . ILE A 1 36 ? -13.665 -11.499 1.697   1.00 16.08 ? 36  ILE A O   1 
ATOM   273  C CB  . ILE A 1 36 ? -12.321 -11.474 4.771   1.00 13.53 ? 36  ILE A CB  1 
ATOM   274  C CG1 . ILE A 1 36 ? -11.417 -10.508 5.498   1.00 17.03 ? 36  ILE A CG1 1 
ATOM   275  C CG2 . ILE A 1 36 ? -11.442 -12.382 3.885   1.00 13.13 ? 36  ILE A CG2 1 
ATOM   276  C CD1 . ILE A 1 36 ? -10.563 -11.239 6.635   1.00 16.95 ? 36  ILE A CD1 1 
ATOM   277  N N   . LEU A 1 37 ? -14.878 -12.381 3.426   1.00 16.49 ? 37  LEU A N   1 
ATOM   278  C CA  . LEU A 1 37 ? -15.559 -13.401 2.611   1.00 16.77 ? 37  LEU A CA  1 
ATOM   279  C C   . LEU A 1 37 ? -16.434 -12.758 1.509   1.00 14.80 ? 37  LEU A C   1 
ATOM   280  O O   . LEU A 1 37 ? -16.423 -13.293 0.421   1.00 15.58 ? 37  LEU A O   1 
ATOM   281  C CB  . LEU A 1 37 ? -16.349 -14.383 3.476   1.00 18.77 ? 37  LEU A CB  1 
ATOM   282  C CG  . LEU A 1 37 ? -15.410 -15.500 4.036   1.00 21.90 ? 37  LEU A CG  1 
ATOM   283  C CD1 . LEU A 1 37 ? -15.755 -15.912 5.437   1.00 31.35 ? 37  LEU A CD1 1 
ATOM   284  C CD2 . LEU A 1 37 ? -15.441 -16.741 3.188   1.00 28.50 ? 37  LEU A CD2 1 
ATOM   285  N N   . HIS A 1 38 ? -17.071 -11.625 1.808   1.00 15.18 ? 38  HIS A N   1 
ATOM   286  C CA  . HIS A 1 38 ? -17.827 -10.872 0.800   1.00 15.96 ? 38  HIS A CA  1 
ATOM   287  C C   . HIS A 1 38 ? -16.931 -10.318 -0.305  1.00 15.67 ? 38  HIS A C   1 
ATOM   288  O O   . HIS A 1 38 ? -17.254 -10.426 -1.486  1.00 17.00 ? 38  HIS A O   1 
ATOM   289  C CB  . HIS A 1 38 ? -18.711 -9.805  1.456   1.00 16.03 ? 38  HIS A CB  1 
ATOM   290  C CG  . HIS A 1 38 ? -19.955 -10.396 2.056   1.00 22.15 ? 38  HIS A CG  1 
ATOM   291  N ND1 . HIS A 1 38 ? -21.068 -10.713 1.288   1.00 25.13 ? 38  HIS A ND1 1 
ATOM   292  C CD2 . HIS A 1 38 ? -20.204 -10.863 3.301   1.00 21.69 ? 38  HIS A CD2 1 
ATOM   293  C CE1 . HIS A 1 38 ? -21.982 -11.277 2.076   1.00 24.58 ? 38  HIS A CE1 1 
ATOM   294  N NE2 . HIS A 1 38 ? -21.482 -11.377 3.300   1.00 28.32 ? 38  HIS A NE2 1 
ATOM   295  N N   . LEU A 1 39 ? -15.824 -9.686  0.050   1.00 15.84 ? 39  LEU A N   1 
ATOM   296  C CA  . LEU A 1 39 ? -14.964 -9.117  -1.023  1.00 15.98 ? 39  LEU A CA  1 
ATOM   297  C C   . LEU A 1 39 ? -14.341 -10.200 -1.918  1.00 15.95 ? 39  LEU A C   1 
ATOM   298  O O   . LEU A 1 39 ? -14.259 -10.035 -3.134  1.00 17.40 ? 39  LEU A O   1 
ATOM   299  C CB  . LEU A 1 39 ? -13.940 -8.130  -0.421  1.00 14.85 ? 39  LEU A CB  1 
ATOM   300  C CG  . LEU A 1 39 ? -13.322 -7.302  -1.542  1.00 18.07 ? 39  LEU A CG  1 
ATOM   301  C CD1 . LEU A 1 39 ? -14.357 -6.481  -2.223  1.00 18.69 ? 39  LEU A CD1 1 
ATOM   302  C CD2 . LEU A 1 39 ? -12.208 -6.430  -0.864  1.00 18.88 ? 39  LEU A CD2 1 
ATOM   303  N N   . GLU A 1 40 ? -13.972 -11.324 -1.314  1.00 16.18 ? 40  GLU A N   1 
ATOM   304  C CA  . GLU A 1 40 ? -13.372 -12.459 -2.033  1.00 17.15 ? 40  GLU A CA  1 
ATOM   305  C C   . GLU A 1 40 ? -14.386 -12.953 -3.063  1.00 17.94 ? 40  GLU A C   1 
ATOM   306  O O   . GLU A 1 40 ? -14.022 -13.244 -4.217  1.00 16.40 ? 40  GLU A O   1 
ATOM   307  C CB  . GLU A 1 40 ? -13.005 -13.598 -1.098  1.00 18.21 ? 40  GLU A CB  1 
ATOM   308  C CG  . GLU A 1 40 ? -12.151 -14.612 -1.822  1.00 19.16 ? 40  GLU A CG  1 
ATOM   309  C CD  . GLU A 1 40 ? -11.563 -15.696 -0.907  1.00 23.70 ? 40  GLU A CD  1 
ATOM   310  O OE1 . GLU A 1 40 ? -11.652 -16.901 -1.243  1.00 26.74 ? 40  GLU A OE1 1 
ATOM   311  O OE2 . GLU A 1 40 ? -11.023 -15.378 0.181   1.00 25.49 ? 40  GLU A OE2 1 
ATOM   312  N N   . HIS A 1 41 ? -15.652 -12.985 -2.638  1.00 16.29 ? 41  HIS A N   1 
ATOM   313  C CA  . HIS A 1 41 ? -16.737 -13.485 -3.475  1.00 18.29 ? 41  HIS A CA  1 
ATOM   314  C C   . HIS A 1 41 ? -16.919 -12.560 -4.637  1.00 18.29 ? 41  HIS A C   1 
ATOM   315  O O   . HIS A 1 41 ? -16.940 -13.030 -5.768  1.00 18.73 ? 41  HIS A O   1 
ATOM   316  C CB  . HIS A 1 41 ? -18.041 -13.561 -2.688  1.00 17.48 ? 41  HIS A CB  1 
ATOM   317  C CG  . HIS A 1 41 ? -19.203 -13.986 -3.524  1.00 22.30 ? 41  HIS A CG  1 
ATOM   318  N ND1 . HIS A 1 41 ? -19.529 -15.308 -3.717  1.00 28.04 ? 41  HIS A ND1 1 
ATOM   319  C CD2 . HIS A 1 41 ? -20.103 -13.263 -4.226  1.00 24.94 ? 41  HIS A CD2 1 
ATOM   320  C CE1 . HIS A 1 41 ? -20.580 -15.383 -4.516  1.00 24.94 ? 41  HIS A CE1 1 
ATOM   321  N NE2 . HIS A 1 41 ? -20.942 -14.162 -4.850  1.00 22.74 ? 41  HIS A NE2 1 
ATOM   322  N N   . ASP A 1 42 ? -16.909 -11.243 -4.367  1.00 17.98 ? 42  ASP A N   1 
ATOM   323  C CA  . ASP A 1 42 ? -17.126 -10.245 -5.421  1.00 17.80 ? 42  ASP A CA  1 
ATOM   324  C C   . ASP A 1 42 ? -15.995 -10.397 -6.423  1.00 19.45 ? 42  ASP A C   1 
ATOM   325  O O   . ASP A 1 42 ? -16.220 -10.352 -7.652  1.00 19.14 ? 42  ASP A O   1 
ATOM   326  C CB  . ASP A 1 42 ? -17.100 -8.775  -4.884  1.00 19.86 ? 42  ASP A CB  1 
ATOM   327  C CG  . ASP A 1 42 ? -18.271 -8.445  -3.979  1.00 21.40 ? 42  ASP A CG  1 
ATOM   328  O OD1 . ASP A 1 42 ? -19.367 -9.024  -4.154  1.00 23.25 ? 42  ASP A OD1 1 
ATOM   329  O OD2 . ASP A 1 42 ? -18.164 -7.621  -3.050  1.00 22.03 ? 42  ASP A OD2 1 
ATOM   330  N N   . LEU A 1 43 ? -14.747 -10.514 -5.930  1.00 16.23 ? 43  LEU A N   1 
ATOM   331  C CA  . LEU A 1 43 ? -13.586 -10.618 -6.826  1.00 14.96 ? 43  LEU A CA  1 
ATOM   332  C C   . LEU A 1 43 ? -13.764 -11.800 -7.817  1.00 16.66 ? 43  LEU A C   1 
ATOM   333  O O   . LEU A 1 43 ? -13.478 -11.616 -9.004  1.00 18.68 ? 43  LEU A O   1 
ATOM   334  C CB  . LEU A 1 43 ? -12.326 -10.825 -6.023  1.00 13.17 ? 43  LEU A CB  1 
ATOM   335  C CG  . LEU A 1 43 ? -11.768 -9.540  -5.429  1.00 15.46 ? 43  LEU A CG  1 
ATOM   336  C CD1 . LEU A 1 43 ? -10.822 -9.972  -4.235  1.00 14.12 ? 43  LEU A CD1 1 
ATOM   337  C CD2 . LEU A 1 43 ? -10.995 -8.770  -6.497  1.00 17.26 ? 43  LEU A CD2 1 
ATOM   338  N N   . VAL A 1 44 ? -14.252 -12.936 -7.329  1.00 17.43 ? 44  VAL A N   1 
ATOM   339  C CA  . VAL A 1 44 ? -14.421 -14.137 -8.172  1.00 18.92 ? 44  VAL A CA  1 
ATOM   340  C C   . VAL A 1 44 ? -15.606 -13.948 -9.079  1.00 19.87 ? 44  VAL A C   1 
ATOM   341  O O   . VAL A 1 44 ? -15.573 -14.305 -10.271 1.00 22.21 ? 44  VAL A O   1 
ATOM   342  C CB  . VAL A 1 44 ? -14.664 -15.344 -7.320  1.00 19.71 ? 44  VAL A CB  1 
ATOM   343  C CG1 . VAL A 1 44 ? -15.301 -16.510 -8.146  1.00 22.48 ? 44  VAL A CG1 1 
ATOM   344  C CG2 . VAL A 1 44 ? -13.341 -15.709 -6.579  1.00 21.21 ? 44  VAL A CG2 1 
ATOM   345  N N   . HIS A 1 45 ? -16.693 -13.457 -8.520  1.00 22.03 ? 45  HIS A N   1 
ATOM   346  C CA  . HIS A 1 45 ? -17.935 -13.547 -9.300  1.00 25.02 ? 45  HIS A CA  1 
ATOM   347  C C   . HIS A 1 45 ? -18.134 -12.381 -10.263 1.00 24.77 ? 45  HIS A C   1 
ATOM   348  O O   . HIS A 1 45 ? -18.699 -12.595 -11.344 1.00 27.00 ? 45  HIS A O   1 
ATOM   349  C CB  . HIS A 1 45 ? -19.140 -13.872 -8.417  1.00 25.92 ? 45  HIS A CB  1 
ATOM   350  C CG  . HIS A 1 45 ? -19.235 -15.322 -8.093  1.00 30.94 ? 45  HIS A CG  1 
ATOM   351  N ND1 . HIS A 1 45 ? -18.865 -15.833 -6.870  1.00 34.18 ? 45  HIS A ND1 1 
ATOM   352  C CD2 . HIS A 1 45 ? -19.578 -16.388 -8.859  1.00 31.65 ? 45  HIS A CD2 1 
ATOM   353  C CE1 . HIS A 1 45 ? -19.005 -17.147 -6.878  1.00 34.50 ? 45  HIS A CE1 1 
ATOM   354  N NE2 . HIS A 1 45 ? -19.433 -17.509 -8.077  1.00 36.99 ? 45  HIS A NE2 1 
ATOM   355  N N   . VAL A 1 46 ? -17.646 -11.187 -9.924  1.00 24.98 ? 46  VAL A N   1 
ATOM   356  C CA  . VAL A 1 46 ? -17.517 -10.095 -10.878 1.00 24.81 ? 46  VAL A CA  1 
ATOM   357  C C   . VAL A 1 46 ? -16.679 -10.499 -12.092 1.00 25.47 ? 46  VAL A C   1 
ATOM   358  O O   . VAL A 1 46 ? -16.990 -10.116 -13.212 1.00 24.16 ? 46  VAL A O   1 
ATOM   359  C CB  . VAL A 1 46 ? -16.889 -8.834  -10.249 1.00 25.17 ? 46  VAL A CB  1 
ATOM   360  C CG1 . VAL A 1 46 ? -16.424 -7.801  -11.308 1.00 26.68 ? 46  VAL A CG1 1 
ATOM   361  C CG2 . VAL A 1 46 ? -17.905 -8.199  -9.236  1.00 27.40 ? 46  VAL A CG2 1 
ATOM   362  N N   . THR A 1 47 ? -15.595 -11.211 -11.848 1.00 22.75 ? 47  THR A N   1 
ATOM   363  C CA  . THR A 1 47 ? -14.727 -11.699 -12.911 1.00 24.44 ? 47  THR A CA  1 
ATOM   364  C C   . THR A 1 47 ? -15.470 -12.743 -13.769 1.00 27.68 ? 47  THR A C   1 
ATOM   365  O O   . THR A 1 47 ? -15.496 -12.622 -14.977 1.00 28.76 ? 47  THR A O   1 
ATOM   366  C CB  . THR A 1 47 ? -13.450 -12.281 -12.279 1.00 23.96 ? 47  THR A CB  1 
ATOM   367  O OG1 . THR A 1 47 ? -12.788 -11.211 -11.584 1.00 19.57 ? 47  THR A OG1 1 
ATOM   368  C CG2 . THR A 1 47 ? -12.420 -12.770 -13.388 1.00 21.98 ? 47  THR A CG2 1 
ATOM   369  N N   . ARG A 1 48 ? -16.073 -13.732 -13.118 1.00 30.81 ? 48  ARG A N   1 
ATOM   370  C CA  . ARG A 1 48 ? -16.803 -14.813 -13.794 1.00 34.88 ? 48  ARG A CA  1 
ATOM   371  C C   . ARG A 1 48 ? -17.880 -14.246 -14.718 1.00 36.97 ? 48  ARG A C   1 
ATOM   372  O O   . ARG A 1 48 ? -18.078 -14.736 -15.839 1.00 37.33 ? 48  ARG A O   1 
ATOM   373  C CB  . ARG A 1 48 ? -17.401 -15.771 -12.733 1.00 34.96 ? 48  ARG A CB  1 
ATOM   374  C CG  . ARG A 1 48 ? -18.131 -17.045 -13.264 1.00 41.75 ? 48  ARG A CG  1 
ATOM   375  C CD  . ARG A 1 48 ? -19.439 -17.360 -12.478 1.00 47.08 ? 48  ARG A CD  1 
ATOM   376  N NE  . ARG A 1 48 ? -19.560 -18.747 -12.001 1.00 53.89 ? 48  ARG A NE  1 
ATOM   377  C CZ  . ARG A 1 48 ? -18.753 -19.341 -11.103 1.00 56.69 ? 48  ARG A CZ  1 
ATOM   378  N NH1 . ARG A 1 48 ? -17.720 -18.693 -10.567 1.00 58.09 ? 48  ARG A NH1 1 
ATOM   379  N NH2 . ARG A 1 48 ? -18.979 -20.601 -10.744 1.00 56.83 ? 48  ARG A NH2 1 
ATOM   380  N N   . LYS A 1 49 ? -18.532 -13.180 -14.271 1.00 39.41 ? 49  LYS A N   1 
ATOM   381  C CA  . LYS A 1 49 ? -19.612 -12.572 -15.050 1.00 41.99 ? 49  LYS A CA  1 
ATOM   382  C C   . LYS A 1 49 ? -19.127 -11.616 -16.134 1.00 43.32 ? 49  LYS A C   1 
ATOM   383  O O   . LYS A 1 49 ? -19.842 -11.375 -17.118 1.00 43.99 ? 49  LYS A O   1 
ATOM   384  C CB  . LYS A 1 49 ? -20.582 -11.841 -14.126 1.00 42.36 ? 49  LYS A CB  1 
ATOM   385  C CG  . LYS A 1 49 ? -21.675 -12.738 -13.520 1.00 45.04 ? 49  LYS A CG  1 
ATOM   386  C CD  . LYS A 1 49 ? -22.566 -11.952 -12.527 1.00 46.46 ? 49  LYS A CD  1 
ATOM   387  C CE  . LYS A 1 49 ? -21.781 -11.596 -11.237 1.00 48.43 ? 49  LYS A CE  1 
ATOM   388  N NZ  . LYS A 1 49 ? -22.397 -10.478 -10.426 1.00 48.46 ? 49  LYS A NZ  1 
ATOM   389  N N   . ASN A 1 50 ? -17.927 -11.078 -15.945 1.00 44.55 ? 50  ASN A N   1 
ATOM   390  C CA  . ASN A 1 50 ? -17.365 -10.057 -16.801 1.00 45.97 ? 50  ASN A CA  1 
ATOM   391  C C   . ASN A 1 50 ? -16.322 -10.630 -17.739 1.00 46.53 ? 50  ASN A C   1 
ATOM   392  O O   . ASN A 1 50 ? -15.197 -10.922 -17.318 1.00 47.25 ? 50  ASN A O   1 
ATOM   393  C CB  . ASN A 1 50 ? -16.707 -8.976  -15.938 1.00 46.69 ? 50  ASN A CB  1 
ATOM   394  C CG  . ASN A 1 50 ? -17.722 -8.097  -15.195 1.00 47.82 ? 50  ASN A CG  1 
ATOM   395  O OD1 . ASN A 1 50 ? -17.519 -6.895  -15.072 1.00 51.98 ? 50  ASN A OD1 1 
ATOM   396  N ND2 . ASN A 1 50 ? -18.803 -8.694  -14.689 1.00 48.18 ? 50  ASN A ND2 1 
ATOM   397  N N   . PRO B 1 5  ? 4.183   -16.004 6.504   1.00 36.81 ? 5   PRO B N   1 
ATOM   398  C CA  . PRO B 1 5  ? 4.866   -14.727 6.765   1.00 35.85 ? 5   PRO B CA  1 
ATOM   399  C C   . PRO B 1 5  ? 3.935   -13.524 6.529   1.00 34.53 ? 5   PRO B C   1 
ATOM   400  O O   . PRO B 1 5  ? 3.481   -13.258 5.406   1.00 34.40 ? 5   PRO B O   1 
ATOM   401  C CB  . PRO B 1 5  ? 6.049   -14.737 5.776   1.00 35.92 ? 5   PRO B CB  1 
ATOM   402  C CG  . PRO B 1 5  ? 5.838   -15.958 4.920   1.00 37.56 ? 5   PRO B CG  1 
ATOM   403  C CD  . PRO B 1 5  ? 5.052   -16.936 5.776   1.00 36.83 ? 5   PRO B CD  1 
ATOM   404  N N   . VAL B 1 6  ? 3.657   -12.825 7.620   1.00 31.81 ? 6   VAL B N   1 
ATOM   405  C CA  . VAL B 1 6  ? 2.631   -11.787 7.635   1.00 30.05 ? 6   VAL B CA  1 
ATOM   406  C C   . VAL B 1 6  ? 3.184   -10.500 7.001   1.00 28.23 ? 6   VAL B C   1 
ATOM   407  O O   . VAL B 1 6  ? 4.248   -10.000 7.434   1.00 28.27 ? 6   VAL B O   1 
ATOM   408  C CB  . VAL B 1 6  ? 2.118   -11.514 9.084   1.00 29.17 ? 6   VAL B CB  1 
ATOM   409  C CG1 . VAL B 1 6  ? 1.086   -10.418 9.093   1.00 26.35 ? 6   VAL B CG1 1 
ATOM   410  C CG2 . VAL B 1 6  ? 1.533   -12.804 9.731   1.00 29.85 ? 6   VAL B CG2 1 
ATOM   411  N N   . PRO B 1 7  ? 2.471   -9.935  6.030   1.00 26.02 ? 7   PRO B N   1 
ATOM   412  C CA  . PRO B 1 7  ? 2.862   -8.646  5.478   1.00 25.75 ? 7   PRO B CA  1 
ATOM   413  C C   . PRO B 1 7  ? 2.933   -7.579  6.585   1.00 25.06 ? 7   PRO B C   1 
ATOM   414  O O   . PRO B 1 7  ? 2.258   -7.697  7.617   1.00 24.07 ? 7   PRO B O   1 
ATOM   415  C CB  . PRO B 1 7  ? 1.703   -8.294  4.525   1.00 26.06 ? 7   PRO B CB  1 
ATOM   416  C CG  . PRO B 1 7  ? 1.053   -9.593  4.176   1.00 24.47 ? 7   PRO B CG  1 
ATOM   417  C CD  . PRO B 1 7  ? 1.235   -10.465 5.394   1.00 25.45 ? 7   PRO B CD  1 
ATOM   418  N N   . SER B 1 8  ? 3.741   -6.532  6.365   1.00 24.80 ? 8   SER B N   1 
ATOM   419  C CA  . SER B 1 8  ? 3.658   -5.305  7.122   1.00 23.68 ? 8   SER B CA  1 
ATOM   420  C C   . SER B 1 8  ? 2.355   -4.626  6.780   1.00 24.92 ? 8   SER B C   1 
ATOM   421  O O   . SER B 1 8  ? 1.708   -4.978  5.772   1.00 24.81 ? 8   SER B O   1 
ATOM   422  C CB  . SER B 1 8  ? 4.777   -4.343  6.677   1.00 24.37 ? 8   SER B CB  1 
ATOM   423  O OG  . SER B 1 8  ? 4.662   -3.959  5.286   1.00 23.72 ? 8   SER B OG  1 
ATOM   424  N N   . PHE B 1 9  ? 1.960   -3.663  7.609   1.00 24.07 ? 9   PHE B N   1 
ATOM   425  C CA  . PHE B 1 9  ? 0.807   -2.816  7.323   1.00 23.78 ? 9   PHE B CA  1 
ATOM   426  C C   . PHE B 1 9  ? 0.915   -2.144  5.937   1.00 23.50 ? 9   PHE B C   1 
ATOM   427  O O   . PHE B 1 9  ? -0.023  -2.174  5.137   1.00 22.40 ? 9   PHE B O   1 
ATOM   428  C CB  . PHE B 1 9  ? 0.602   -1.753  8.421   1.00 24.65 ? 9   PHE B CB  1 
ATOM   429  C CG  . PHE B 1 9  ? -0.487  -0.777  8.133   1.00 25.48 ? 9   PHE B CG  1 
ATOM   430  C CD1 . PHE B 1 9  ? -1.805  -1.160  8.073   1.00 26.70 ? 9   PHE B CD1 1 
ATOM   431  C CD2 . PHE B 1 9  ? -0.192  0.586   7.931   1.00 27.96 ? 9   PHE B CD2 1 
ATOM   432  C CE1 . PHE B 1 9  ? -2.795  -0.254  7.835   1.00 25.44 ? 9   PHE B CE1 1 
ATOM   433  C CE2 . PHE B 1 9  ? -1.197  1.503   7.669   1.00 29.86 ? 9   PHE B CE2 1 
ATOM   434  C CZ  . PHE B 1 9  ? -2.516  1.079   7.635   1.00 30.62 ? 9   PHE B CZ  1 
ATOM   435  N N   . GLY B 1 10 ? 2.078   -1.552  5.637   1.00 21.56 ? 10  GLY B N   1 
ATOM   436  C CA  . GLY B 1 10 ? 2.304   -0.983  4.314   1.00 20.73 ? 10  GLY B CA  1 
ATOM   437  C C   . GLY B 1 10 ? 2.120   -1.972  3.146   1.00 18.74 ? 10  GLY B C   1 
ATOM   438  O O   . GLY B 1 10 ? 1.427   -1.625  2.179   1.00 19.46 ? 10  GLY B O   1 
ATOM   439  N N   . GLU B 1 11 ? 2.748   -3.136  3.216   1.00 20.23 ? 11  GLU B N   1 
ATOM   440  C CA  . GLU B 1 11 ? 2.513   -4.190  2.192   1.00 19.56 ? 11  GLU B CA  1 
ATOM   441  C C   . GLU B 1 11 ? 1.021   -4.513  2.105   1.00 19.36 ? 11  GLU B C   1 
ATOM   442  O O   . GLU B 1 11 ? 0.444   -4.592  1.003   1.00 19.19 ? 11  GLU B O   1 
ATOM   443  C CB  . GLU B 1 11 ? 3.312   -5.445  2.499   1.00 22.47 ? 11  GLU B CB  1 
ATOM   444  C CG  . GLU B 1 11 ? 4.731   -5.436  1.953   1.00 26.06 ? 11  GLU B CG  1 
ATOM   445  C CD  . GLU B 1 11 ? 5.666   -6.340  2.731   1.00 35.28 ? 11  GLU B CD  1 
ATOM   446  O OE1 . GLU B 1 11 ? 5.210   -7.111  3.622   1.00 31.50 ? 11  GLU B OE1 1 
ATOM   447  O OE2 . GLU B 1 11 ? 6.897   -6.275  2.447   1.00 39.11 ? 11  GLU B OE2 1 
ATOM   448  N N   . ALA B 1 12 ? 0.370   -4.708  3.258   1.00 20.04 ? 12  ALA B N   1 
ATOM   449  C CA  . ALA B 1 12 ? -1.085  -4.950  3.258   1.00 18.11 ? 12  ALA B CA  1 
ATOM   450  C C   . ALA B 1 12 ? -1.865  -3.902  2.456   1.00 19.52 ? 12  ALA B C   1 
ATOM   451  O O   . ALA B 1 12 ? -2.743  -4.233  1.679   1.00 17.32 ? 12  ALA B O   1 
ATOM   452  C CB  . ALA B 1 12 ? -1.641  -5.016  4.722   1.00 17.20 ? 12  ALA B CB  1 
ATOM   453  N N   . MET B 1 13 ? -1.556  -2.629  2.707   1.00 17.56 ? 13  MET B N   1 
ATOM   454  C CA  . MET B 1 13 ? -2.215  -1.525  2.043   1.00 17.67 ? 13  MET B CA  1 
ATOM   455  C C   . MET B 1 13 ? -1.872  -1.499  0.567   1.00 18.41 ? 13  MET B C   1 
ATOM   456  O O   . MET B 1 13 ? -2.737  -1.116  -0.252  1.00 18.00 ? 13  MET B O   1 
ATOM   457  C CB  . MET B 1 13 ? -1.837  -0.164  2.678   1.00 19.63 ? 13  MET B CB  1 
ATOM   458  C CG  . MET B 1 13 ? -2.413  0.044   4.145   1.00 17.80 ? 13  MET B CG  1 
ATOM   459  S SD  . MET B 1 13 ? -4.162  -0.533  4.400   1.00 21.05 ? 13  MET B SD  1 
ATOM   460  C CE  . MET B 1 13 ? -4.946  0.308   3.828   1.00 14.79 ? 13  MET B CE  1 
ATOM   461  N N   . ALA B 1 14 ? -0.649  -1.858  0.221   1.00 17.92 ? 14  ALA B N   1 
ATOM   462  C CA  . ALA B 1 14 ? -0.285  -1.979  -1.215  1.00 18.42 ? 14  ALA B CA  1 
ATOM   463  C C   . ALA B 1 14 ? -1.044  -3.102  -1.951  1.00 16.84 ? 14  ALA B C   1 
ATOM   464  O O   . ALA B 1 14 ? -1.600  -2.890  -3.024  1.00 18.07 ? 14  ALA B O   1 
ATOM   465  C CB  . ALA B 1 14 ? 1.201   -2.163  -1.367  1.00 17.08 ? 14  ALA B CB  1 
ATOM   466  N N   . TYR B 1 15 ? -1.107  -4.275  -1.333  1.00 16.66 ? 15  TYR B N   1 
ATOM   467  C CA  . TYR B 1 15 ? -1.832  -5.426  -1.927  1.00 17.03 ? 15  TYR B CA  1 
ATOM   468  C C   . TYR B 1 15 ? -3.303  -5.051  -2.038  1.00 15.97 ? 15  TYR B C   1 
ATOM   469  O O   . TYR B 1 15 ? -3.934  -5.288  -3.080  1.00 16.51 ? 15  TYR B O   1 
ATOM   470  C CB  . TYR B 1 15 ? -1.713  -6.617  -0.997  1.00 16.65 ? 15  TYR B CB  1 
ATOM   471  C CG  . TYR B 1 15 ? -0.350  -7.285  -0.941  1.00 16.12 ? 15  TYR B CG  1 
ATOM   472  C CD1 . TYR B 1 15 ? 0.220   -7.651  0.279   1.00 19.66 ? 15  TYR B CD1 1 
ATOM   473  C CD2 . TYR B 1 15 ? 0.349   -7.601  -2.133  1.00 20.05 ? 15  TYR B CD2 1 
ATOM   474  C CE1 . TYR B 1 15 ? 1.448   -8.314  0.321   1.00 19.56 ? 15  TYR B CE1 1 
ATOM   475  C CE2 . TYR B 1 15 ? 1.533   -8.238  -2.087  1.00 22.73 ? 15  TYR B CE2 1 
ATOM   476  C CZ  . TYR B 1 15 ? 2.090   -8.570  -0.859  1.00 20.88 ? 15  TYR B CZ  1 
ATOM   477  O OH  . TYR B 1 15 ? 3.263   -9.214  -0.822  1.00 23.28 ? 15  TYR B OH  1 
ATOM   478  N N   . PHE B 1 16 ? -3.863  -4.437  -0.983  1.00 15.76 ? 16  PHE B N   1 
ATOM   479  C CA  . PHE B 1 16 ? -5.262  -3.989  -1.046  1.00 16.56 ? 16  PHE B CA  1 
ATOM   480  C C   . PHE B 1 16 ? -5.488  -2.960  -2.163  1.00 16.17 ? 16  PHE B C   1 
ATOM   481  O O   . PHE B 1 16 ? -6.476  -3.057  -2.853  1.00 17.23 ? 16  PHE B O   1 
ATOM   482  C CB  . PHE B 1 16 ? -5.767  -3.433  0.289   1.00 17.25 ? 16  PHE B CB  1 
ATOM   483  C CG  . PHE B 1 16 ? -7.234  -3.072  0.232   1.00 16.44 ? 16  PHE B CG  1 
ATOM   484  C CD1 . PHE B 1 16 ? -8.206  -4.067  0.354   1.00 20.89 ? 16  PHE B CD1 1 
ATOM   485  C CD2 . PHE B 1 16 ? -7.620  -1.763  -0.037  1.00 22.70 ? 16  PHE B CD2 1 
ATOM   486  C CE1 . PHE B 1 16 ? -9.615  -3.709  0.202   1.00 18.63 ? 16  PHE B CE1 1 
ATOM   487  C CE2 . PHE B 1 16 ? -8.947  -1.410  -0.133  1.00 22.26 ? 16  PHE B CE2 1 
ATOM   488  C CZ  . PHE B 1 16 ? -9.941  -2.409  -0.016  1.00 21.99 ? 16  PHE B CZ  1 
ATOM   489  N N   . ALA B 1 17 ? -4.593  -1.980  -2.302  1.00 16.92 ? 17  ALA B N   1 
ATOM   490  C CA  . ALA B 1 17 ? -4.665  -0.968  -3.339  1.00 17.74 ? 17  ALA B CA  1 
ATOM   491  C C   . ALA B 1 17 ? -4.818  -1.620  -4.753  1.00 18.62 ? 17  ALA B C   1 
ATOM   492  O O   . ALA B 1 17 ? -5.677  -1.203  -5.569  1.00 18.82 ? 17  ALA B O   1 
ATOM   493  C CB  . ALA B 1 17 ? -3.382  -0.117  -3.245  1.00 19.41 ? 17  ALA B CB  1 
ATOM   494  N N   . MET B 1 18 ? -4.024  -2.635  -4.985  1.00 18.76 ? 18  MET B N   1 
ATOM   495  C CA  . MET B 1 18 ? -3.991  -3.341  -6.267  1.00 18.91 ? 18  MET B CA  1 
ATOM   496  C C   . MET B 1 18 ? -5.250  -4.193  -6.431  1.00 17.91 ? 18  MET B C   1 
ATOM   497  O O   . MET B 1 18 ? -5.841  -4.225  -7.521  1.00 19.75 ? 18  MET B O   1 
ATOM   498  C CB  . MET B 1 18 ? -2.700  -4.153  -6.372  1.00 18.38 ? 18  MET B CB  1 
ATOM   499  C CG  . MET B 1 18 ? -1.439  -3.178  -6.676  1.00 22.02 ? 18  MET B CG  1 
ATOM   500  S SD  . MET B 1 18 ? 0.063   -4.004  -7.012  1.00 18.89 ? 18  MET B SD  1 
ATOM   501  C CE  . MET B 1 18 ? 0.358   -4.964  -5.434  1.00 19.24 ? 18  MET B CE  1 
ATOM   502  N N   . VAL B 1 19 ? -5.708  -4.805  -5.330  1.00 16.75 ? 19  VAL B N   1 
ATOM   503  C CA  . VAL B 1 19 ? -7.001  -5.517  -5.340  1.00 16.41 ? 19  VAL B CA  1 
ATOM   504  C C   . VAL B 1 19 ? -8.107  -4.542  -5.722  1.00 17.79 ? 19  VAL B C   1 
ATOM   505  O O   . VAL B 1 19 ? -8.981  -4.845  -6.559  1.00 19.71 ? 19  VAL B O   1 
ATOM   506  C CB  . VAL B 1 19 ? -7.369  -6.187  -3.962  1.00 16.06 ? 19  VAL B CB  1 
ATOM   507  C CG1 . VAL B 1 19 ? -8.880  -6.625  -3.973  1.00 17.90 ? 19  VAL B CG1 1 
ATOM   508  C CG2 . VAL B 1 19 ? -6.465  -7.391  -3.618  1.00 13.14 ? 19  VAL B CG2 1 
ATOM   509  N N   . LYS B 1 20 ? -8.038  -3.327  -5.176  1.00 17.91 ? 20  LYS B N   1 
ATOM   510  C CA  . LYS B 1 20 ? -9.077  -2.276  -5.461  1.00 19.88 ? 20  LYS B CA  1 
ATOM   511  C C   . LYS B 1 20 ? -9.022  -1.777  -6.920  1.00 21.22 ? 20  LYS B C   1 
ATOM   512  O O   . LYS B 1 20 ? -10.050 -1.656  -7.602  1.00 23.03 ? 20  LYS B O   1 
ATOM   513  C CB  . LYS B 1 20 ? -8.880  -1.099  -4.472  1.00 20.34 ? 20  LYS B CB  1 
ATOM   514  C CG  . LYS B 1 20 ? -9.967  -0.025  -4.531  1.00 23.57 ? 20  LYS B CG  1 
ATOM   515  C CD  . LYS B 1 20 ? -9.615  1.104   -3.529  1.00 27.06 ? 20  LYS B CD  1 
ATOM   516  C CE  . LYS B 1 20 ? -10.593 2.252   -3.547  1.00 30.56 ? 20  LYS B CE  1 
ATOM   517  N NZ  . LYS B 1 20 ? -10.233 3.169   -2.408  1.00 30.93 ? 20  LYS B NZ  1 
ATOM   518  N N   . ARG B 1 21 ? -7.820  -1.481  -7.389  1.00 20.93 ? 21  ARG B N   1 
ATOM   519  C CA  . ARG B 1 21 ? -7.555  -1.147  -8.761  1.00 22.30 ? 21  ARG B CA  1 
ATOM   520  C C   . ARG B 1 21 ? -8.090  -2.232  -9.677  1.00 21.87 ? 21  ARG B C   1 
ATOM   521  O O   . ARG B 1 21 ? -8.758  -1.927  -10.647 1.00 22.32 ? 21  ARG B O   1 
ATOM   522  C CB  . ARG B 1 21 ? -6.041  -1.043  -8.939  1.00 23.53 ? 21  ARG B CB  1 
ATOM   523  C CG  . ARG B 1 21 ? -5.516  0.235   -8.297  1.00 26.57 ? 21  ARG B CG  1 
ATOM   524  C CD  . ARG B 1 21 ? -5.905  1.512   -9.032  1.00 32.18 ? 21  ARG B CD  1 
ATOM   525  N NE  . ARG B 1 21 ? -5.274  1.588   -10.343 1.00 35.62 ? 21  ARG B NE  1 
ATOM   526  C CZ  . ARG B 1 21 ? -5.626  2.462   -11.284 1.00 37.88 ? 21  ARG B CZ  1 
ATOM   527  N NH1 . ARG B 1 21 ? -6.588  3.337   -11.051 1.00 39.97 ? 21  ARG B NH1 1 
ATOM   528  N NH2 . ARG B 1 21 ? -5.005  2.461   -12.456 1.00 40.82 ? 21  ARG B NH2 1 
ATOM   529  N N   . TYR B 1 22 ? -7.888  -3.502  -9.346  1.00 20.34 ? 22  TYR B N   1 
ATOM   530  C CA  . TYR B 1 22 ? -8.553  -4.565  -10.148 1.00 20.20 ? 22  TYR B CA  1 
ATOM   531  C C   . TYR B 1 22 ? -10.088 -4.487  -10.174 1.00 21.42 ? 22  TYR B C   1 
ATOM   532  O O   . TYR B 1 22 ? -10.734 -4.474  -11.251 1.00 21.21 ? 22  TYR B O   1 
ATOM   533  C CB  . TYR B 1 22 ? -8.125  -5.966  -9.627  1.00 18.54 ? 22  TYR B CB  1 
ATOM   534  C CG  . TYR B 1 22 ? -8.773  -7.102  -10.410 1.00 18.83 ? 22  TYR B CG  1 
ATOM   535  C CD1 . TYR B 1 22 ? -8.270  -7.456  -11.641 1.00 19.37 ? 22  TYR B CD1 1 
ATOM   536  C CD2 . TYR B 1 22 ? -9.889  -7.783  -9.891  1.00 21.06 ? 22  TYR B CD2 1 
ATOM   537  C CE1 . TYR B 1 22 ? -8.874  -8.489  -12.396 1.00 18.45 ? 22  TYR B CE1 1 
ATOM   538  C CE2 . TYR B 1 22 ? -10.516 -8.850  -10.630 1.00 16.49 ? 22  TYR B CE2 1 
ATOM   539  C CZ  . TYR B 1 22 ? -9.965  -9.176  -11.879 1.00 19.91 ? 22  TYR B CZ  1 
ATOM   540  O OH  . TYR B 1 22 ? -10.555 -10.204 -12.596 1.00 19.88 ? 22  TYR B OH  1 
ATOM   541  N N   . LEU B 1 23 ? -10.701 -4.516  -9.006  1.00 21.34 ? 23  LEU B N   1 
ATOM   542  C CA  . LEU B 1 23 ? -12.157 -4.495  -8.933  1.00 24.40 ? 23  LEU B CA  1 
ATOM   543  C C   . LEU B 1 23 ? -12.794 -3.277  -9.646  1.00 23.85 ? 23  LEU B C   1 
ATOM   544  O O   . LEU B 1 23 ? -13.844 -3.386  -10.289 1.00 24.57 ? 23  LEU B O   1 
ATOM   545  C CB  . LEU B 1 23 ? -12.534 -4.481  -7.453  1.00 25.13 ? 23  LEU B CB  1 
ATOM   546  C CG  . LEU B 1 23 ? -13.593 -5.381  -6.899  1.00 30.14 ? 23  LEU B CG  1 
ATOM   547  C CD1 . LEU B 1 23 ? -13.877 -6.575  -7.752  1.00 33.14 ? 23  LEU B CD1 1 
ATOM   548  C CD2 . LEU B 1 23 ? -13.121 -5.717  -5.472  1.00 28.61 ? 23  LEU B CD2 1 
ATOM   549  N N   . THR B 1 24 ? -12.158 -2.120  -9.514  1.00 24.90 ? 24  THR B N   1 
ATOM   550  C CA  . THR B 1 24 ? -12.684 -0.861  -10.027 1.00 26.37 ? 24  THR B CA  1 
ATOM   551  C C   . THR B 1 24 ? -12.426 -0.680  -11.533 1.00 27.01 ? 24  THR B C   1 
ATOM   552  O O   . THR B 1 24 ? -12.919 0.283   -12.132 1.00 28.91 ? 24  THR B O   1 
ATOM   553  C CB  . THR B 1 24 ? -12.188 0.381   -9.241  1.00 25.94 ? 24  THR B CB  1 
ATOM   554  O OG1 . THR B 1 24 ? -10.750 0.453   -9.225  1.00 26.66 ? 24  THR B OG1 1 
ATOM   555  C CG2 . THR B 1 24 ? -12.638 0.310   -7.760  1.00 26.74 ? 24  THR B CG2 1 
ATOM   556  N N   . SER B 1 25 ? -11.660 -1.592  -12.112 1.00 25.39 ? 25  SER B N   1 
ATOM   557  C CA  . SER B 1 25 ? -11.437 -1.632  -13.552 1.00 25.63 ? 25  SER B CA  1 
ATOM   558  C C   . SER B 1 25 ? -12.642 -2.227  -14.281 1.00 26.87 ? 25  SER B C   1 
ATOM   559  O O   . SER B 1 25 ? -12.636 -2.239  -15.504 1.00 27.66 ? 25  SER B O   1 
ATOM   560  C CB  . SER B 1 25 ? -10.181 -2.388  -13.917 1.00 24.52 ? 25  SER B CB  1 
ATOM   561  O OG  . SER B 1 25 ? -10.337 -3.813  -13.794 1.00 26.72 ? 25  SER B OG  1 
ATOM   562  N N   . PHE B 1 26 ? -13.586 -2.789  -13.512 1.00 27.82 ? 26  PHE B N   1 
ATOM   563  C CA  . PHE B 1 26 ? -14.910 -3.249  -13.960 1.00 29.66 ? 26  PHE B CA  1 
ATOM   564  C C   . PHE B 1 26 ? -15.972 -2.259  -13.565 1.00 30.03 ? 26  PHE B C   1 
ATOM   565  O O   . PHE B 1 26 ? -15.795 -1.504  -12.621 1.00 29.91 ? 26  PHE B O   1 
ATOM   566  C CB  . PHE B 1 26 ? -15.284 -4.590  -13.302 1.00 29.77 ? 26  PHE B CB  1 
ATOM   567  C CG  . PHE B 1 26 ? -14.374 -5.703  -13.674 1.00 32.44 ? 26  PHE B CG  1 
ATOM   568  C CD1 . PHE B 1 26 ? -14.653 -6.506  -14.793 1.00 35.07 ? 26  PHE B CD1 1 
ATOM   569  C CD2 . PHE B 1 26 ? -13.241 -5.968  -12.919 1.00 31.07 ? 26  PHE B CD2 1 
ATOM   570  C CE1 . PHE B 1 26 ? -13.790 -7.545  -15.149 1.00 33.36 ? 26  PHE B CE1 1 
ATOM   571  C CE2 . PHE B 1 26 ? -12.383 -6.999  -13.265 1.00 31.88 ? 26  PHE B CE2 1 
ATOM   572  C CZ  . PHE B 1 26 ? -12.656 -7.789  -14.396 1.00 35.50 ? 26  PHE B CZ  1 
ATOM   573  N N   . PRO B 1 27 ? -17.111 -2.259  -14.260 1.00 31.42 ? 27  PRO B N   1 
ATOM   574  C CA  . PRO B 1 27 ? -18.259 -1.521  -13.736 1.00 32.27 ? 27  PRO B CA  1 
ATOM   575  C C   . PRO B 1 27 ? -18.705 -2.346  -12.535 1.00 33.90 ? 27  PRO B C   1 
ATOM   576  O O   . PRO B 1 27 ? -18.961 -3.542  -12.677 1.00 35.97 ? 27  PRO B O   1 
ATOM   577  C CB  . PRO B 1 27 ? -19.295 -1.587  -14.868 1.00 32.73 ? 27  PRO B CB  1 
ATOM   578  C CG  . PRO B 1 27 ? -18.642 -2.281  -16.008 1.00 32.69 ? 27  PRO B CG  1 
ATOM   579  C CD  . PRO B 1 27 ? -17.380 -2.927  -15.559 1.00 32.45 ? 27  PRO B CD  1 
ATOM   580  N N   . ILE B 1 28 ? -18.665 -1.787  -11.343 1.00 33.85 ? 28  ILE B N   1 
ATOM   581  C CA  . ILE B 1 28 ? -19.232 -2.515  -10.218 1.00 33.69 ? 28  ILE B CA  1 
ATOM   582  C C   . ILE B 1 28 ? -20.367 -1.681  -9.658  1.00 33.85 ? 28  ILE B C   1 
ATOM   583  O O   . ILE B 1 28 ? -20.359 -0.461  -9.794  1.00 33.84 ? 28  ILE B O   1 
ATOM   584  C CB  . ILE B 1 28 ? -18.137 -2.837  -9.138  1.00 33.50 ? 28  ILE B CB  1 
ATOM   585  C CG1 . ILE B 1 28 ? -17.341 -1.587  -8.777  1.00 32.31 ? 28  ILE B CG1 1 
ATOM   586  C CG2 . ILE B 1 28 ? -17.156 -3.923  -9.658  1.00 32.36 ? 28  ILE B CG2 1 
ATOM   587  C CD1 . ILE B 1 28 ? -16.579 -1.735  -7.489  1.00 33.68 ? 28  ILE B CD1 1 
ATOM   588  N N   . ASP B 1 29 ? -21.363 -2.285  -9.049  1.00 34.94 ? 29  ASP B N   1 
ATOM   589  C CA  . ASP B 1 29 ? -22.310 -1.346  -8.449  1.00 36.91 ? 29  ASP B CA  1 
ATOM   590  C C   . ASP B 1 29 ? -22.116 -1.077  -7.002  1.00 35.91 ? 29  ASP B C   1 
ATOM   591  O O   . ASP B 1 29 ? -20.985 -1.226  -6.493  1.00 35.06 ? 29  ASP B O   1 
ATOM   592  C CB  . ASP B 1 29 ? -23.792 -1.371  -8.905  1.00 38.27 ? 29  ASP B CB  1 
ATOM   593  C CG  . ASP B 1 29 ? -24.475 0.063   -8.779  1.00 42.77 ? 29  ASP B CG  1 
ATOM   594  O OD1 . ASP B 1 29 ? -24.094 1.053   -9.489  1.00 44.71 ? 29  ASP B OD1 1 
ATOM   595  O OD2 . ASP B 1 29 ? -25.378 0.299   -7.948  1.00 44.02 ? 29  ASP B OD2 1 
ATOM   596  N N   . ASP B 1 30 ? -23.188 -0.665  -6.335  1.00 34.59 ? 30  ASP B N   1 
ATOM   597  C CA  . ASP B 1 30 ? -22.979 -0.018  -5.052  1.00 35.01 ? 30  ASP B CA  1 
ATOM   598  C C   . ASP B 1 30 ? -22.668 -1.043  -3.996  1.00 33.38 ? 30  ASP B C   1 
ATOM   599  O O   . ASP B 1 30 ? -21.954 -0.733  -3.046  1.00 33.19 ? 30  ASP B O   1 
ATOM   600  C CB  . ASP B 1 30 ? -24.163 0.872   -4.639  1.00 35.10 ? 30  ASP B CB  1 
ATOM   601  C CG  . ASP B 1 30 ? -24.319 2.100   -5.531  1.00 38.68 ? 30  ASP B CG  1 
ATOM   602  O OD1 . ASP B 1 30 ? -23.491 2.349   -6.445  1.00 37.16 ? 30  ASP B OD1 1 
ATOM   603  O OD2 . ASP B 1 30 ? -25.268 2.896   -5.362  1.00 42.67 ? 30  ASP B OD2 1 
ATOM   604  N N   . ARG B 1 31 ? -23.190 -2.261  -4.181  1.00 32.76 ? 31  ARG B N   1 
ATOM   605  C CA  . ARG B 1 31 ? -22.942 -3.354  -3.254  1.00 31.02 ? 31  ARG B CA  1 
ATOM   606  C C   . ARG B 1 31 ? -21.451 -3.717  -3.223  1.00 29.62 ? 31  ARG B C   1 
ATOM   607  O O   . ARG B 1 31 ? -20.811 -3.786  -2.146  1.00 28.67 ? 31  ARG B O   1 
ATOM   608  C CB  . ARG B 1 31 ? -23.760 -4.582  -3.654  1.00 32.34 ? 31  ARG B CB  1 
ATOM   609  C CG  . ARG B 1 31 ? -23.839 -5.670  -2.592  1.00 33.72 ? 31  ARG B CG  1 
ATOM   610  C CD  . ARG B 1 31 ? -24.789 -6.801  -2.962  1.00 37.81 ? 31  ARG B CD  1 
ATOM   611  N NE  . ARG B 1 31 ? -24.481 -8.081  -2.301  1.00 39.50 ? 31  ARG B NE  1 
ATOM   612  C CZ  . ARG B 1 31 ? -24.781 -8.365  -1.028  1.00 43.86 ? 31  ARG B CZ  1 
ATOM   613  N NH1 . ARG B 1 31 ? -25.386 -7.456  -0.250  1.00 44.10 ? 31  ARG B NH1 1 
ATOM   614  N NH2 . ARG B 1 31 ? -24.463 -9.553  -0.529  1.00 41.98 ? 31  ARG B NH2 1 
ATOM   615  N N   . VAL B 1 32 ? -20.881 -3.947  -4.392  1.00 27.85 ? 32  VAL B N   1 
ATOM   616  C CA  . VAL B 1 32 ? -19.463 -4.287  -4.412  1.00 26.23 ? 32  VAL B CA  1 
ATOM   617  C C   . VAL B 1 32 ? -18.677 -3.099  -3.873  1.00 25.20 ? 32  VAL B C   1 
ATOM   618  O O   . VAL B 1 32 ? -17.736 -3.284  -3.116  1.00 23.62 ? 32  VAL B O   1 
ATOM   619  C CB  . VAL B 1 32 ? -18.929 -4.693  -5.820  1.00 26.53 ? 32  VAL B CB  1 
ATOM   620  C CG1 . VAL B 1 32 ? -17.347 -4.789  -5.785  1.00 23.98 ? 32  VAL B CG1 1 
ATOM   621  C CG2 . VAL B 1 32 ? -19.536 -6.024  -6.289  1.00 26.66 ? 32  VAL B CG2 1 
ATOM   622  N N   . GLN B 1 33 ? -19.063 -1.872  -4.249  1.00 25.41 ? 33  GLN B N   1 
ATOM   623  C CA  . GLN B 1 33 ? -18.395 -0.681  -3.747  1.00 26.18 ? 33  GLN B CA  1 
ATOM   624  C C   . GLN B 1 33 ? -18.375 -0.624  -2.205  1.00 26.10 ? 33  GLN B C   1 
ATOM   625  O O   . GLN B 1 33 ? -17.341 -0.304  -1.572  1.00 23.90 ? 33  GLN B O   1 
ATOM   626  C CB  . GLN B 1 33 ? -18.927 0.634   -4.418  1.00 27.90 ? 33  GLN B CB  1 
ATOM   627  C CG  . GLN B 1 33 ? -18.049 1.004   -5.667  1.00 33.80 ? 33  GLN B CG  1 
ATOM   628  C CD  . GLN B 1 33 ? -18.761 1.642   -6.881  1.00 41.48 ? 33  GLN B CD  1 
ATOM   629  O OE1 . GLN B 1 33 ? -18.096 1.934   -7.898  1.00 43.49 ? 33  GLN B OE1 1 
ATOM   630  N NE2 . GLN B 1 33 ? -20.076 1.875   -6.783  1.00 40.63 ? 33  GLN B NE2 1 
ATOM   631  N N   . SER B 1 34 ? -19.495 -0.975  -1.613  1.00 24.99 ? 34  SER B N   1 
ATOM   632  C CA  . SER B 1 34 ? -19.597 -0.917  -0.166  1.00 25.73 ? 34  SER B CA  1 
ATOM   633  C C   . SER B 1 34 ? -18.718 -2.001  0.453   1.00 24.97 ? 34  SER B C   1 
ATOM   634  O O   . SER B 1 34 ? -18.165 -1.799  1.527   1.00 24.49 ? 34  SER B O   1 
ATOM   635  C CB  . SER B 1 34 ? -21.035 -1.054  0.320   1.00 26.52 ? 34  SER B CB  1 
ATOM   636  O OG  . SER B 1 34 ? -21.515 -2.355  0.132   1.00 29.97 ? 34  SER B OG  1 
ATOM   637  N N   . HIS B 1 35 ? -18.573 -3.138  -0.228  1.00 23.58 ? 35  HIS B N   1 
ATOM   638  C CA  . HIS B 1 35 ? -17.624 -4.149  0.270   1.00 21.16 ? 35  HIS B CA  1 
ATOM   639  C C   . HIS B 1 35 ? -16.162 -3.719  0.224   1.00 21.47 ? 35  HIS B C   1 
ATOM   640  O O   . HIS B 1 35 ? -15.399 -4.012  1.171   1.00 19.03 ? 35  HIS B O   1 
ATOM   641  C CB  . HIS B 1 35 ? -17.851 -5.435  -0.487  1.00 21.99 ? 35  HIS B CB  1 
ATOM   642  C CG  . HIS B 1 35 ? -19.211 -6.016  -0.299  1.00 21.15 ? 35  HIS B CG  1 
ATOM   643  N ND1 . HIS B 1 35 ? -19.729 -6.938  -1.163  1.00 21.98 ? 35  HIS B ND1 1 
ATOM   644  C CD2 . HIS B 1 35 ? -20.147 -5.843  0.676   1.00 28.88 ? 35  HIS B CD2 1 
ATOM   645  C CE1 . HIS B 1 35 ? -20.937 -7.297  -0.758  1.00 27.77 ? 35  HIS B CE1 1 
ATOM   646  N NE2 . HIS B 1 35 ? -21.200 -6.662  0.371   1.00 26.67 ? 35  HIS B NE2 1 
ATOM   647  N N   . ILE B 1 36 ? -15.768 -2.966  -0.807  1.00 19.23 ? 36  ILE B N   1 
ATOM   648  C CA  . ILE B 1 36 ? -14.438 -2.398  -0.818  1.00 20.65 ? 36  ILE B CA  1 
ATOM   649  C C   . ILE B 1 36 ? -14.191 -1.498  0.406   1.00 21.83 ? 36  ILE B C   1 
ATOM   650  O O   . ILE B 1 36 ? -13.219 -1.663  1.134   1.00 20.70 ? 36  ILE B O   1 
ATOM   651  C CB  . ILE B 1 36 ? -14.204 -1.618  -2.096  1.00 20.98 ? 36  ILE B CB  1 
ATOM   652  C CG1 . ILE B 1 36 ? -14.296 -2.557  -3.272  1.00 17.31 ? 36  ILE B CG1 1 
ATOM   653  C CG2 . ILE B 1 36 ? -12.848 -0.983  -2.102  1.00 21.14 ? 36  ILE B CG2 1 
ATOM   654  C CD1 . ILE B 1 36 ? -14.173 -1.832  -4.635  1.00 18.23 ? 36  ILE B CD1 1 
ATOM   655  N N   . LEU B 1 37 ? -15.118 -0.576  0.627   1.00 23.54 ? 37  LEU B N   1 
ATOM   656  C CA  . LEU B 1 37 ? -14.983 0.432   1.654   1.00 23.91 ? 37  LEU B CA  1 
ATOM   657  C C   . LEU B 1 37 ? -15.002 -0.242  3.025   1.00 23.21 ? 37  LEU B C   1 
ATOM   658  O O   . LEU B 1 37 ? -14.232 0.150   3.887   1.00 25.86 ? 37  LEU B O   1 
ATOM   659  C CB  . LEU B 1 37 ? -16.137 1.445   1.532   1.00 24.21 ? 37  LEU B CB  1 
ATOM   660  C CG  . LEU B 1 37 ? -16.074 2.400   0.321   1.00 27.11 ? 37  LEU B CG  1 
ATOM   661  C CD1 . LEU B 1 37 ? -17.445 3.002   0.021   1.00 32.83 ? 37  LEU B CD1 1 
ATOM   662  C CD2 . LEU B 1 37 ? -15.029 3.461   0.544   1.00 31.85 ? 37  LEU B CD2 1 
ATOM   663  N N   . HIS B 1 38 ? -15.821 -1.266  3.224   1.00 22.97 ? 38  HIS B N   1 
ATOM   664  C CA  . HIS B 1 38 ? -15.818 -1.969  4.524   1.00 22.76 ? 38  HIS B CA  1 
ATOM   665  C C   . HIS B 1 38 ? -14.447 -2.562  4.843   1.00 22.28 ? 38  HIS B C   1 
ATOM   666  O O   . HIS B 1 38 ? -13.936 -2.416  5.960   1.00 22.59 ? 38  HIS B O   1 
ATOM   667  C CB  . HIS B 1 38 ? -16.899 -3.076  4.630   1.00 24.19 ? 38  HIS B CB  1 
ATOM   668  C CG  . HIS B 1 38 ? -18.320 -2.594  4.514   1.00 26.31 ? 38  HIS B CG  1 
ATOM   669  N ND1 . HIS B 1 38 ? -18.710 -1.299  4.772   1.00 34.15 ? 38  HIS B ND1 1 
ATOM   670  C CD2 . HIS B 1 38 ? -19.443 -3.253  4.152   1.00 32.20 ? 38  HIS B CD2 1 
ATOM   671  C CE1 . HIS B 1 38 ? -20.015 -1.187  4.603   1.00 34.01 ? 38  HIS B CE1 1 
ATOM   672  N NE2 . HIS B 1 38 ? -20.481 -2.357  4.208   1.00 34.97 ? 38  HIS B NE2 1 
ATOM   673  N N   . LEU B 1 39 ? -13.847 -3.257  3.883   1.00 22.42 ? 39  LEU B N   1 
ATOM   674  C CA  . LEU B 1 39 ? -12.545 -3.874  4.154   1.00 22.19 ? 39  LEU B CA  1 
ATOM   675  C C   . LEU B 1 39 ? -11.421 -2.832  4.266   1.00 22.96 ? 39  LEU B C   1 
ATOM   676  O O   . LEU B 1 39 ? -10.492 -3.026  5.062   1.00 22.03 ? 39  LEU B O   1 
ATOM   677  C CB  . LEU B 1 39 ? -12.219 -5.034  3.133   1.00 19.94 ? 39  LEU B CB  1 
ATOM   678  C CG  . LEU B 1 39 ? -11.258 -6.136  3.587   1.00 23.28 ? 39  LEU B CG  1 
ATOM   679  C CD1 . LEU B 1 39 ? -11.780 -6.985  4.765   1.00 20.02 ? 39  LEU B CD1 1 
ATOM   680  C CD2 . LEU B 1 39 ? -10.900 -7.061  2.449   1.00 22.95 ? 39  LEU B CD2 1 
ATOM   681  N N   . GLU B 1 40 ? -11.467 -1.723  3.501   1.00 22.73 ? 40  GLU B N   1 
ATOM   682  C CA  . GLU B 1 40 ? -10.406 -0.717  3.621   1.00 24.67 ? 40  GLU B CA  1 
ATOM   683  C C   . GLU B 1 40 ? -10.432 -0.120  5.056   1.00 25.37 ? 40  GLU B C   1 
ATOM   684  O O   . GLU B 1 40 ? -9.372  0.057   5.668   1.00 24.65 ? 40  GLU B O   1 
ATOM   685  C CB  . GLU B 1 40 ? -10.490 0.357   2.554   1.00 26.44 ? 40  GLU B CB  1 
ATOM   686  C CG  . GLU B 1 40 ? -9.240  1.215   2.403   1.00 29.77 ? 40  GLU B CG  1 
ATOM   687  C CD  . GLU B 1 40 ? -9.131  1.924   1.049   1.00 35.46 ? 40  GLU B CD  1 
ATOM   688  O OE1 . GLU B 1 40 ? -8.030  2.489   0.784   1.00 38.54 ? 40  GLU B OE1 1 
ATOM   689  O OE2 . GLU B 1 40 ? -10.129 1.977   0.263   1.00 37.33 ? 40  GLU B OE2 1 
ATOM   690  N N   . HIS B 1 41 ? -11.641 0.117   5.570   1.00 25.59 ? 41  HIS B N   1 
ATOM   691  C CA  . HIS B 1 41 ? -11.858 0.582   6.951   1.00 25.07 ? 41  HIS B CA  1 
ATOM   692  C C   . HIS B 1 41 ? -11.269 -0.411  7.949   1.00 23.99 ? 41  HIS B C   1 
ATOM   693  O O   . HIS B 1 41 ? -10.429 0.006   8.793   1.00 23.73 ? 41  HIS B O   1 
ATOM   694  C CB  . HIS B 1 41 ? -13.356 0.777   7.226   1.00 26.04 ? 41  HIS B CB  1 
ATOM   695  C CG  . HIS B 1 41 ? -13.682 1.148   8.645   1.00 28.21 ? 41  HIS B CG  1 
ATOM   696  N ND1 . HIS B 1 41 ? -13.718 2.459   9.083   1.00 34.31 ? 41  HIS B ND1 1 
ATOM   697  C CD2 . HIS B 1 41 ? -13.997 0.383   9.723   1.00 31.67 ? 41  HIS B CD2 1 
ATOM   698  C CE1 . HIS B 1 41 ? -14.016 2.487   10.371  1.00 34.66 ? 41  HIS B CE1 1 
ATOM   699  N NE2 . HIS B 1 41 ? -14.196 1.244   10.783  1.00 38.36 ? 41  HIS B NE2 1 
ATOM   700  N N   . ASP B 1 42 ? -11.634 -1.716  7.841   1.00 22.83 ? 42  ASP B N   1 
ATOM   701  C CA  . ASP B 1 42 ? -11.040 -2.774  8.689   1.00 22.12 ? 42  ASP B CA  1 
ATOM   702  C C   . ASP B 1 42 ? -9.542  -2.804  8.643   1.00 22.25 ? 42  ASP B C   1 
ATOM   703  O O   . ASP B 1 42 ? -8.887  -3.037  9.655   1.00 22.79 ? 42  ASP B O   1 
ATOM   704  C CB  . ASP B 1 42 ? -11.524 -4.193  8.317   1.00 21.51 ? 42  ASP B CB  1 
ATOM   705  C CG  . ASP B 1 42 ? -13.058 -4.350  8.420   1.00 23.96 ? 42  ASP B CG  1 
ATOM   706  O OD1 . ASP B 1 42 ? -13.687 -3.609  9.215   1.00 27.74 ? 42  ASP B OD1 1 
ATOM   707  O OD2 . ASP B 1 42 ? -13.700 -5.178  7.769   1.00 25.08 ? 42  ASP B OD2 1 
ATOM   708  N N   . LEU B 1 43 ? -8.952  -2.635  7.466   1.00 20.95 ? 43  LEU B N   1 
ATOM   709  C CA  . LEU B 1 43 ? -7.487  -2.678  7.448   1.00 20.94 ? 43  LEU B CA  1 
ATOM   710  C C   . LEU B 1 43 ? -6.842  -1.580  8.288   1.00 21.89 ? 43  LEU B C   1 
ATOM   711  O O   . LEU B 1 43 ? -5.839  -1.822  8.900   1.00 21.27 ? 43  LEU B O   1 
ATOM   712  C CB  . LEU B 1 43 ? -6.910  -2.635  6.025   1.00 22.27 ? 43  LEU B CB  1 
ATOM   713  C CG  . LEU B 1 43 ? -7.048  -4.001  5.335   1.00 20.40 ? 43  LEU B CG  1 
ATOM   714  C CD1 . LEU B 1 43 ? -7.093  -3.719  3.805   1.00 23.27 ? 43  LEU B CD1 1 
ATOM   715  C CD2 . LEU B 1 43 ? -5.905  -4.899  5.629   1.00 17.35 ? 43  LEU B CD2 1 
ATOM   716  N N   . VAL B 1 44 ? -7.417  -0.405  8.282   1.00 23.74 ? 44  VAL B N   1 
ATOM   717  C CA  . VAL B 1 44 ? -6.808  0.715   8.963   1.00 26.82 ? 44  VAL B CA  1 
ATOM   718  C C   . VAL B 1 44 ? -7.135  0.571   10.463  1.00 27.06 ? 44  VAL B C   1 
ATOM   719  O O   . VAL B 1 44 ? -6.234  0.633   11.316  1.00 27.76 ? 44  VAL B O   1 
ATOM   720  C CB  . VAL B 1 44 ? -7.300  2.045   8.303   1.00 26.85 ? 44  VAL B CB  1 
ATOM   721  C CG1 . VAL B 1 44 ? -6.775  3.284   9.023   1.00 31.53 ? 44  VAL B CG1 1 
ATOM   722  C CG2 . VAL B 1 44 ? -6.797  2.113   6.836   1.00 27.01 ? 44  VAL B CG2 1 
ATOM   723  N N   . HIS B 1 45 ? -8.397  0.301   10.759  1.00 27.16 ? 45  HIS B N   1 
ATOM   724  C CA  . HIS B 1 45 ? -8.926  0.339   12.138  1.00 29.05 ? 45  HIS B CA  1 
ATOM   725  C C   . HIS B 1 45 ? -8.574  -0.923  12.956  1.00 28.56 ? 45  HIS B C   1 
ATOM   726  O O   . HIS B 1 45 ? -8.324  -0.810  14.135  1.00 29.10 ? 45  HIS B O   1 
ATOM   727  C CB  . HIS B 1 45 ? -10.437 0.597   12.077  1.00 29.86 ? 45  HIS B CB  1 
ATOM   728  C CG  . HIS B 1 45 ? -11.161 0.472   13.377  1.00 35.92 ? 45  HIS B CG  1 
ATOM   729  N ND1 . HIS B 1 45 ? -11.369 1.548   14.213  1.00 42.03 ? 45  HIS B ND1 1 
ATOM   730  C CD2 . HIS B 1 45 ? -11.810 -0.577  13.943  1.00 40.72 ? 45  HIS B CD2 1 
ATOM   731  C CE1 . HIS B 1 45 ? -12.070 1.153   15.265  1.00 43.96 ? 45  HIS B CE1 1 
ATOM   732  N NE2 . HIS B 1 45 ? -12.342 -0.135  15.129  1.00 42.23 ? 45  HIS B NE2 1 
ATOM   733  N N   . VAL B 1 46 ? -8.525  -2.118  12.352  1.00 28.37 ? 46  VAL B N   1 
ATOM   734  C CA  . VAL B 1 46 ? -8.007  -3.305  13.065  1.00 25.64 ? 46  VAL B CA  1 
ATOM   735  C C   . VAL B 1 46 ? -6.568  -3.033  13.460  1.00 26.29 ? 46  VAL B C   1 
ATOM   736  O O   . VAL B 1 46 ? -6.147  -3.338  14.580  1.00 25.53 ? 46  VAL B O   1 
ATOM   737  C CB  . VAL B 1 46 ? -8.134  -4.655  12.242  1.00 24.31 ? 46  VAL B CB  1 
ATOM   738  C CG1 . VAL B 1 46 ? -7.361  -5.807  12.842  1.00 23.11 ? 46  VAL B CG1 1 
ATOM   739  C CG2 . VAL B 1 46 ? -9.602  -5.020  12.060  1.00 26.13 ? 46  VAL B CG2 1 
ATOM   740  N N   . THR B 1 47 ? -5.822  -2.411  12.543  1.00 26.81 ? 47  THR B N   1 
ATOM   741  C CA  . THR B 1 47 ? -4.429  -2.099  12.790  1.00 26.32 ? 47  THR B CA  1 
ATOM   742  C C   . THR B 1 47 ? -4.334  -1.067  13.948  1.00 27.16 ? 47  THR B C   1 
ATOM   743  O O   . THR B 1 47 ? -3.603  -1.330  14.897  1.00 25.95 ? 47  THR B O   1 
ATOM   744  C CB  . THR B 1 47 ? -3.707  -1.597  11.513  1.00 26.46 ? 47  THR B CB  1 
ATOM   745  O OG1 . THR B 1 47 ? -3.836  -2.582  10.463  1.00 25.52 ? 47  THR B OG1 1 
ATOM   746  C CG2 . THR B 1 47 ? -2.205  -1.531  11.764  1.00 26.85 ? 47  THR B CG2 1 
ATOM   747  N N   . ARG B 1 48 ? -5.108  0.017   13.856  1.00 28.34 ? 48  ARG B N   1 
ATOM   748  C CA  . ARG B 1 48 ? -5.190  1.149   14.824  1.00 30.96 ? 48  ARG B CA  1 
ATOM   749  C C   . ARG B 1 48 ? -5.573  0.642   16.217  1.00 32.22 ? 48  ARG B C   1 
ATOM   750  O O   . ARG B 1 48 ? -4.880  0.915   17.213  1.00 30.81 ? 48  ARG B O   1 
ATOM   751  C CB  . ARG B 1 48 ? -6.226  2.167   14.318  1.00 30.72 ? 48  ARG B CB  1 
ATOM   752  C CG  . ARG B 1 48 ? -6.409  3.477   15.121  1.00 36.62 ? 48  ARG B CG  1 
ATOM   753  C CD  . ARG B 1 48 ? -7.891  3.918   15.238  1.00 41.65 ? 48  ARG B CD  1 
ATOM   754  N NE  . ARG B 1 48 ? -8.566  3.190   16.318  1.00 48.18 ? 48  ARG B NE  1 
ATOM   755  C CZ  . ARG B 1 48 ? -9.864  3.246   16.585  1.00 49.16 ? 48  ARG B CZ  1 
ATOM   756  N NH1 . ARG B 1 48 ? -10.662 4.019   15.865  1.00 49.49 ? 48  ARG B NH1 1 
ATOM   757  N NH2 . ARG B 1 48 ? -10.369 2.523   17.591  1.00 50.56 ? 48  ARG B NH2 1 
ATOM   758  N N   . LYS B 1 49 ? -6.670  -0.116  16.264  1.00 32.72 ? 49  LYS B N   1 
ATOM   759  C CA  . LYS B 1 49 ? -7.172  -0.729  17.493  1.00 34.40 ? 49  LYS B CA  1 
ATOM   760  C C   . LYS B 1 49 ? -6.158  -1.637  18.202  1.00 35.21 ? 49  LYS B C   1 
ATOM   761  O O   . LYS B 1 49 ? -5.971  -1.526  19.418  1.00 34.49 ? 49  LYS B O   1 
ATOM   762  C CB  . LYS B 1 49 ? -8.415  -1.514  17.164  1.00 35.04 ? 49  LYS B CB  1 
ATOM   763  C CG  . LYS B 1 49 ? -9.703  -0.764  17.301  1.00 38.57 ? 49  LYS B CG  1 
ATOM   764  C CD  . LYS B 1 49 ? -10.899 -1.731  17.365  1.00 43.41 ? 49  LYS B CD  1 
ATOM   765  C CE  . LYS B 1 49 ? -10.759 -2.910  16.386  1.00 46.59 ? 49  LYS B CE  1 
ATOM   766  N NZ  . LYS B 1 49 ? -10.423 -4.218  17.045  1.00 48.91 ? 49  LYS B NZ  1 
ATOM   767  N N   . ASN B 1 50 ? -5.538  -2.565  17.471  1.00 35.59 ? 50  ASN B N   1 
ATOM   768  C CA  . ASN B 1 50 ? -4.467  -3.354  18.038  1.00 37.33 ? 50  ASN B CA  1 
ATOM   769  C C   . ASN B 1 50 ? -3.187  -2.551  18.252  1.00 37.96 ? 50  ASN B C   1 
ATOM   770  O O   . ASN B 1 50 ? -2.580  -2.683  19.319  1.00 38.34 ? 50  ASN B O   1 
ATOM   771  C CB  . ASN B 1 50 ? -4.189  -4.591  17.202  1.00 38.33 ? 50  ASN B CB  1 
ATOM   772  C CG  . ASN B 1 50 ? -5.313  -5.630  17.310  1.00 41.94 ? 50  ASN B CG  1 
ATOM   773  O OD1 . ASN B 1 50 ? -6.344  -5.558  16.606  1.00 45.39 ? 50  ASN B OD1 1 
ATOM   774  N ND2 . ASN B 1 50 ? -5.126  -6.587  18.214  1.00 42.59 ? 50  ASN B ND2 1 
ATOM   775  N N   . SER C 1 2  ? 8.307   -11.839 -1.587  1.00 43.10 ? 2   SER C N   1 
ATOM   776  C CA  . SER C 1 2  ? 6.976   -11.263 -1.455  1.00 42.67 ? 2   SER C CA  1 
ATOM   777  C C   . SER C 1 2  ? 6.225   -11.494 -2.739  1.00 41.16 ? 2   SER C C   1 
ATOM   778  O O   . SER C 1 2  ? 6.798   -11.884 -3.756  1.00 41.08 ? 2   SER C O   1 
ATOM   779  C CB  . SER C 1 2  ? 7.044   -9.745  -1.179  1.00 43.20 ? 2   SER C CB  1 
ATOM   780  O OG  . SER C 1 2  ? 8.062   -9.134  -1.954  1.00 46.25 ? 2   SER C OG  1 
ATOM   781  N N   . HIS C 1 3  ? 4.929   -11.235 -2.691  1.00 39.40 ? 3   HIS C N   1 
ATOM   782  C CA  . HIS C 1 3  ? 4.150   -11.185 -3.899  1.00 37.44 ? 3   HIS C CA  1 
ATOM   783  C C   . HIS C 1 3  ? 4.230   -9.795  -4.499  1.00 35.48 ? 3   HIS C C   1 
ATOM   784  O O   . HIS C 1 3  ? 3.712   -9.540  -5.602  1.00 36.07 ? 3   HIS C O   1 
ATOM   785  C CB  . HIS C 1 3  ? 2.703   -11.570 -3.608  1.00 37.95 ? 3   HIS C CB  1 
ATOM   786  C CG  . HIS C 1 3  ? 2.499   -13.041 -3.449  1.00 40.36 ? 3   HIS C CG  1 
ATOM   787  N ND1 . HIS C 1 3  ? 2.373   -13.895 -4.525  1.00 43.01 ? 3   HIS C ND1 1 
ATOM   788  C CD2 . HIS C 1 3  ? 2.395   -13.810 -2.336  1.00 43.51 ? 3   HIS C CD2 1 
ATOM   789  C CE1 . HIS C 1 3  ? 2.179   -15.124 -4.080  1.00 44.57 ? 3   HIS C CE1 1 
ATOM   790  N NE2 . HIS C 1 3  ? 2.195   -15.100 -2.755  1.00 45.26 ? 3   HIS C NE2 1 
ATOM   791  N N   . MET C 1 4  ? 4.896   -8.893  -3.780  1.00 33.04 ? 4   MET C N   1 
ATOM   792  C CA  . MET C 1 4  ? 4.917   -7.488  -4.168  1.00 31.04 ? 4   MET C CA  1 
ATOM   793  C C   . MET C 1 4  ? 5.631   -7.389  -5.533  1.00 29.21 ? 4   MET C C   1 
ATOM   794  O O   . MET C 1 4  ? 6.757   -7.888  -5.687  1.00 29.02 ? 4   MET C O   1 
ATOM   795  C CB  . MET C 1 4  ? 5.585   -6.623  -3.082  1.00 30.18 ? 4   MET C CB  1 
ATOM   796  C CG  . MET C 1 4  ? 4.774   -6.463  -1.769  1.00 29.82 ? 4   MET C CG  1 
ATOM   797  S SD  . MET C 1 4  ? 3.514   -5.132  -1.760  1.00 22.16 ? 4   MET C SD  1 
ATOM   798  C CE  . MET C 1 4  ? 4.665   -3.721  -1.933  1.00 19.82 ? 4   MET C CE  1 
ATOM   799  N N   . PRO C 1 5  ? 4.963   -6.805  -6.530  1.00 28.39 ? 5   PRO C N   1 
ATOM   800  C CA  . PRO C 1 5  ? 5.578   -6.617  -7.842  1.00 27.29 ? 5   PRO C CA  1 
ATOM   801  C C   . PRO C 1 5  ? 6.756   -5.652  -7.651  1.00 25.69 ? 5   PRO C C   1 
ATOM   802  O O   . PRO C 1 5  ? 6.630   -4.765  -6.797  1.00 24.92 ? 5   PRO C O   1 
ATOM   803  C CB  . PRO C 1 5  ? 4.486   -5.914  -8.662  1.00 27.19 ? 5   PRO C CB  1 
ATOM   804  C CG  . PRO C 1 5  ? 3.335   -5.728  -7.815  1.00 29.52 ? 5   PRO C CG  1 
ATOM   805  C CD  . PRO C 1 5  ? 3.612   -6.224  -6.444  1.00 29.02 ? 5   PRO C CD  1 
ATOM   806  N N   . VAL C 1 6  ? 7.861   -5.847  -8.365  1.00 24.00 ? 6   VAL C N   1 
ATOM   807  C CA  . VAL C 1 6  ? 8.996   -4.904  -8.281  1.00 24.58 ? 6   VAL C CA  1 
ATOM   808  C C   . VAL C 1 6  ? 8.739   -3.738  -9.259  1.00 23.97 ? 6   VAL C C   1 
ATOM   809  O O   . VAL C 1 6  ? 8.617   -3.954  -10.460 1.00 25.63 ? 6   VAL C O   1 
ATOM   810  C CB  . VAL C 1 6  ? 10.358  -5.568  -8.585  1.00 24.03 ? 6   VAL C CB  1 
ATOM   811  C CG1 . VAL C 1 6  ? 11.493  -4.463  -8.577  1.00 25.37 ? 6   VAL C CG1 1 
ATOM   812  C CG2 . VAL C 1 6  ? 10.697  -6.662  -7.526  1.00 23.76 ? 6   VAL C CG2 1 
ATOM   813  N N   . PRO C 1 7  ? 8.580   -2.506  -8.774  1.00 23.49 ? 7   PRO C N   1 
ATOM   814  C CA  . PRO C 1 7  ? 8.352   -1.392  -9.700  1.00 23.22 ? 7   PRO C CA  1 
ATOM   815  C C   . PRO C 1 7  ? 9.525   -1.160  -10.630 1.00 23.62 ? 7   PRO C C   1 
ATOM   816  O O   . PRO C 1 7  ? 10.660  -1.486  -10.294 1.00 24.41 ? 7   PRO C O   1 
ATOM   817  C CB  . PRO C 1 7  ? 8.297   -0.144  -8.763  1.00 21.65 ? 7   PRO C CB  1 
ATOM   818  C CG  . PRO C 1 7  ? 7.737   -0.715  -7.494  1.00 21.81 ? 7   PRO C CG  1 
ATOM   819  C CD  . PRO C 1 7  ? 8.436   -2.084  -7.359  1.00 23.46 ? 7   PRO C CD  1 
ATOM   820  N N   . SER C 1 8  ? 9.230   -0.511  -11.732 1.00 24.13 ? 8   SER C N   1 
ATOM   821  C CA  . SER C 1 8  ? 10.260  0.147   -12.540 1.00 24.64 ? 8   SER C CA  1 
ATOM   822  C C   . SER C 1 8  ? 10.773  1.400   -11.834 1.00 23.37 ? 8   SER C C   1 
ATOM   823  O O   . SER C 1 8  ? 10.171  1.882   -10.862 1.00 22.02 ? 8   SER C O   1 
ATOM   824  C CB  . SER C 1 8  ? 9.729   0.484   -13.931 1.00 24.73 ? 8   SER C CB  1 
ATOM   825  O OG  . SER C 1 8  ? 8.869   1.611   -13.952 1.00 25.87 ? 8   SER C OG  1 
ATOM   826  N N   . PHE C 1 9  ? 11.889  1.940   -12.321 1.00 24.89 ? 9   PHE C N   1 
ATOM   827  C CA  . PHE C 1 9  ? 12.448  3.164   -11.747 1.00 23.28 ? 9   PHE C CA  1 
ATOM   828  C C   . PHE C 1 9  ? 11.404  4.289   -11.816 1.00 22.21 ? 9   PHE C C   1 
ATOM   829  O O   . PHE C 1 9  ? 11.151  5.016   -10.850 1.00 21.64 ? 9   PHE C O   1 
ATOM   830  C CB  . PHE C 1 9  ? 13.725  3.614   -12.503 1.00 24.75 ? 9   PHE C CB  1 
ATOM   831  C CG  . PHE C 1 9  ? 14.167  5.008   -12.107 1.00 23.04 ? 9   PHE C CG  1 
ATOM   832  C CD1 . PHE C 1 9  ? 14.641  5.250   -10.842 1.00 22.27 ? 9   PHE C CD1 1 
ATOM   833  C CD2 . PHE C 1 9  ? 13.965  6.102   -12.975 1.00 21.83 ? 9   PHE C CD2 1 
ATOM   834  C CE1 . PHE C 1 9  ? 14.989  6.530   -10.446 1.00 26.83 ? 9   PHE C CE1 1 
ATOM   835  C CE2 . PHE C 1 9  ? 14.313  7.344   -12.600 1.00 23.82 ? 9   PHE C CE2 1 
ATOM   836  C CZ  . PHE C 1 9  ? 14.821  7.590   -11.350 1.00 25.58 ? 9   PHE C CZ  1 
ATOM   837  N N   . GLY C 1 10 ? 10.808  4.430   -12.979 1.00 22.59 ? 10  GLY C N   1 
ATOM   838  C CA  . GLY C 1 10 ? 9.845   5.475   -13.183 1.00 21.55 ? 10  GLY C CA  1 
ATOM   839  C C   . GLY C 1 10 ? 8.601   5.291   -12.355 1.00 20.91 ? 10  GLY C C   1 
ATOM   840  O O   . GLY C 1 10 ? 8.106   6.247   -11.813 1.00 19.24 ? 10  GLY C O   1 
ATOM   841  N N   . GLU C 1 11 ? 8.100   4.071   -12.241 1.00 21.75 ? 11  GLU C N   1 
ATOM   842  C CA  . GLU C 1 11 ? 6.984   3.820   -11.334 1.00 21.30 ? 11  GLU C CA  1 
ATOM   843  C C   . GLU C 1 11 ? 7.396   4.209   -9.899  1.00 19.78 ? 11  GLU C C   1 
ATOM   844  O O   . GLU C 1 11 ? 6.623   4.852   -9.172  1.00 21.04 ? 11  GLU C O   1 
ATOM   845  C CB  . GLU C 1 11 ? 6.497   2.363   -11.415 1.00 22.99 ? 11  GLU C CB  1 
ATOM   846  C CG  . GLU C 1 11 ? 5.708   2.110   -12.693 1.00 26.39 ? 11  GLU C CG  1 
ATOM   847  C CD  . GLU C 1 11 ? 5.675   0.648   -13.089 1.00 29.13 ? 11  GLU C CD  1 
ATOM   848  O OE1 . GLU C 1 11 ? 6.359   -0.201  -12.478 1.00 31.94 ? 11  GLU C OE1 1 
ATOM   849  O OE2 . GLU C 1 11 ? 4.922   0.340   -14.033 1.00 37.16 ? 11  GLU C OE2 1 
ATOM   850  N N   . ALA C 1 12 ? 8.583   3.797   -9.490  1.00 19.92 ? 12  ALA C N   1 
ATOM   851  C CA  . ALA C 1 12 ? 8.998   4.037   -8.081  1.00 17.57 ? 12  ALA C CA  1 
ATOM   852  C C   . ALA C 1 12 ? 9.040   5.532   -7.801  1.00 18.00 ? 12  ALA C C   1 
ATOM   853  O O   . ALA C 1 12 ? 8.646   5.955   -6.694  1.00 14.96 ? 12  ALA C O   1 
ATOM   854  C CB  . ALA C 1 12 ? 10.390  3.421   -7.819  1.00 16.82 ? 12  ALA C CB  1 
ATOM   855  N N   . MET C 1 13 ? 9.512   6.305   -8.793  1.00 18.33 ? 13  MET C N   1 
ATOM   856  C CA  . MET C 1 13 ? 9.602   7.754   -8.617  1.00 19.58 ? 13  MET C CA  1 
ATOM   857  C C   . MET C 1 13 ? 8.232   8.377   -8.549  1.00 17.74 ? 13  MET C C   1 
ATOM   858  O O   . MET C 1 13 ? 8.041   9.285   -7.769  1.00 18.95 ? 13  MET C O   1 
ATOM   859  C CB  . MET C 1 13 ? 10.461  8.412   -9.691  1.00 20.30 ? 13  MET C CB  1 
ATOM   860  C CG  . MET C 1 13 ? 11.938  8.064   -9.510  1.00 25.66 ? 13  MET C CG  1 
ATOM   861  S SD  . MET C 1 13 ? 12.631  8.663   -7.879  1.00 32.17 ? 13  MET C SD  1 
ATOM   862  C CE  . MET C 1 13 ? 11.740  9.978   -7.402  1.00 6.51  ? 13  MET C CE  1 
ATOM   863  N N   . ALA C 1 14 ? 7.283   7.838   -9.322  1.00 16.54 ? 14  ALA C N   1 
ATOM   864  C CA  . ALA C 1 14 ? 5.894   8.275   -9.224  1.00 17.60 ? 14  ALA C CA  1 
ATOM   865  C C   . ALA C 1 14 ? 5.230   7.967   -7.880  1.00 17.64 ? 14  ALA C C   1 
ATOM   866  O O   . ALA C 1 14 ? 4.528   8.779   -7.302  1.00 18.44 ? 14  ALA C O   1 
ATOM   867  C CB  . ALA C 1 14 ? 5.100   7.683   -10.375 1.00 15.91 ? 14  ALA C CB  1 
ATOM   868  N N   . TYR C 1 15 ? 5.489   6.783   -7.332  1.00 15.67 ? 15  TYR C N   1 
ATOM   869  C CA  . TYR C 1 15 ? 4.925   6.413   -6.032  1.00 15.83 ? 15  TYR C CA  1 
ATOM   870  C C   . TYR C 1 15 ? 5.613   7.310   -4.987  1.00 16.07 ? 15  TYR C C   1 
ATOM   871  O O   . TYR C 1 15 ? 4.915   7.863   -4.095  1.00 14.75 ? 15  TYR C O   1 
ATOM   872  C CB  . TYR C 1 15 ? 5.252   4.928   -5.765  1.00 16.10 ? 15  TYR C CB  1 
ATOM   873  C CG  . TYR C 1 15 ? 4.713   3.895   -6.776  1.00 15.33 ? 15  TYR C CG  1 
ATOM   874  C CD1 . TYR C 1 15 ? 3.534   4.141   -7.483  1.00 16.84 ? 15  TYR C CD1 1 
ATOM   875  C CD2 . TYR C 1 15 ? 5.384   2.677   -6.973  1.00 19.33 ? 15  TYR C CD2 1 
ATOM   876  C CE1 . TYR C 1 15 ? 3.052   3.201   -8.431  1.00 14.33 ? 15  TYR C CE1 1 
ATOM   877  C CE2 . TYR C 1 15 ? 4.912   1.703   -7.889  1.00 16.04 ? 15  TYR C CE2 1 
ATOM   878  C CZ  . TYR C 1 15 ? 3.729   2.000   -8.650  1.00 22.74 ? 15  TYR C CZ  1 
ATOM   879  O OH  . TYR C 1 15 ? 3.285   1.100   -9.534  0.00 21.98 ? 15  TYR C OH  1 
ATOM   880  N N   . PHE C 1 16 ? 6.941   7.490   -5.086  1.00 16.80 ? 16  PHE C N   1 
ATOM   881  C CA  . PHE C 1 16 ? 7.614   8.407   -4.157  1.00 17.90 ? 16  PHE C CA  1 
ATOM   882  C C   . PHE C 1 16 ? 6.993   9.818   -4.150  1.00 17.84 ? 16  PHE C C   1 
ATOM   883  O O   . PHE C 1 16 ? 6.835   10.449  -3.094  1.00 18.58 ? 16  PHE C O   1 
ATOM   884  C CB  . PHE C 1 16 ? 9.118   8.494   -4.353  1.00 17.08 ? 16  PHE C CB  1 
ATOM   885  C CG  . PHE C 1 16 ? 9.816   9.212   -3.223  1.00 20.92 ? 16  PHE C CG  1 
ATOM   886  C CD1 . PHE C 1 16 ? 10.265  10.512  -3.375  1.00 23.93 ? 16  PHE C CD1 1 
ATOM   887  C CD2 . PHE C 1 16 ? 9.932   8.605   -1.971  1.00 24.60 ? 16  PHE C CD2 1 
ATOM   888  C CE1 . PHE C 1 16 ? 10.917  11.176  -2.296  1.00 23.65 ? 16  PHE C CE1 1 
ATOM   889  C CE2 . PHE C 1 16 ? 10.561  9.249   -0.895  1.00 23.77 ? 16  PHE C CE2 1 
ATOM   890  C CZ  . PHE C 1 16 ? 11.060  10.546  -1.064  1.00 26.79 ? 16  PHE C CZ  1 
ATOM   891  N N   . ALA C 1 17 ? 6.648   10.325  -5.346  1.00 18.61 ? 17  ALA C N   1 
ATOM   892  C CA  . ALA C 1 17 ? 5.960   11.600  -5.464  1.00 19.70 ? 17  ALA C CA  1 
ATOM   893  C C   . ALA C 1 17 ? 4.651   11.656  -4.703  1.00 20.82 ? 17  ALA C C   1 
ATOM   894  O O   . ALA C 1 17 ? 4.357   12.683  -4.130  1.00 19.71 ? 17  ALA C O   1 
ATOM   895  C CB  . ALA C 1 17 ? 5.733   11.978  -6.940  1.00 20.89 ? 17  ALA C CB  1 
ATOM   896  N N   . MET C 1 18 ? 3.904   10.553  -4.631  1.00 21.02 ? 18  MET C N   1 
ATOM   897  C CA  . MET C 1 18 ? 2.672   10.561  -3.802  1.00 21.06 ? 18  MET C CA  1 
ATOM   898  C C   . MET C 1 18 ? 2.986   10.563  -2.296  1.00 19.27 ? 18  MET C C   1 
ATOM   899  O O   . MET C 1 18 ? 2.291   11.218  -1.517  1.00 18.90 ? 18  MET C O   1 
ATOM   900  C CB  . MET C 1 18 ? 1.759   9.366   -4.119  1.00 21.95 ? 18  MET C CB  1 
ATOM   901  C CG  . MET C 1 18 ? 1.408   9.200   -5.572  1.00 23.04 ? 18  MET C CG  1 
ATOM   902  S SD  . MET C 1 18 ? 0.388   10.554  -6.378  1.00 27.12 ? 18  MET C SD  1 
ATOM   903  C CE  . MET C 1 18 ? -0.006  11.199  -5.527  1.00 14.90 ? 18  MET C CE  1 
ATOM   904  N N   . VAL C 1 19 ? 4.042   9.834   -1.906  1.00 19.66 ? 19  VAL C N   1 
ATOM   905  C CA  . VAL C 1 19 ? 4.493   9.828   -0.519  1.00 18.62 ? 19  VAL C CA  1 
ATOM   906  C C   . VAL C 1 19 ? 4.831   11.288  -0.164  1.00 18.74 ? 19  VAL C C   1 
ATOM   907  O O   . VAL C 1 19 ? 4.409   11.785  0.872   1.00 19.37 ? 19  VAL C O   1 
ATOM   908  C CB  . VAL C 1 19 ? 5.715   8.926   -0.328  1.00 18.40 ? 19  VAL C CB  1 
ATOM   909  C CG1 . VAL C 1 19 ? 6.382   9.100   1.036   1.00 20.10 ? 19  VAL C CG1 1 
ATOM   910  C CG2 . VAL C 1 19 ? 5.299   7.476   -0.518  1.00 17.66 ? 19  VAL C CG2 1 
ATOM   911  N N   . LYS C 1 20 ? 5.599   11.947  -1.016  1.00 18.13 ? 20  LYS C N   1 
ATOM   912  C CA  . LYS C 1 20 ? 5.997   13.355  -0.719  1.00 20.21 ? 20  LYS C CA  1 
ATOM   913  C C   . LYS C 1 20 ? 4.777   14.259  -0.627  1.00 20.26 ? 20  LYS C C   1 
ATOM   914  O O   . LYS C 1 20 ? 4.693   15.097  0.250   1.00 21.28 ? 20  LYS C O   1 
ATOM   915  C CB  . LYS C 1 20 ? 6.921   13.874  -1.820  1.00 20.29 ? 20  LYS C CB  1 
ATOM   916  C CG  . LYS C 1 20 ? 8.332   13.320  -1.698  1.00 25.07 ? 20  LYS C CG  1 
ATOM   917  C CD  . LYS C 1 20 ? 9.348   14.390  -2.230  1.00 26.25 ? 20  LYS C CD  1 
ATOM   918  C CE  . LYS C 1 20 ? 8.950   14.848  -3.621  1.00 33.31 ? 20  LYS C CE  1 
ATOM   919  N NZ  . LYS C 1 20 ? 10.176  15.028  -4.486  1.00 32.32 ? 20  LYS C NZ  1 
ATOM   920  N N   . ARG C 1 21 ? 3.817   14.055  -1.522  1.00 22.00 ? 21  ARG C N   1 
ATOM   921  C CA  . ARG C 1 21 ? 2.569   14.845  -1.591  1.00 24.70 ? 21  ARG C CA  1 
ATOM   922  C C   . ARG C 1 21 ? 1.872   14.700  -0.225  1.00 25.11 ? 21  ARG C C   1 
ATOM   923  O O   . ARG C 1 21 ? 1.427   15.689  0.379   1.00 25.67 ? 21  ARG C O   1 
ATOM   924  C CB  . ARG C 1 21 ? 1.664   14.316  -2.715  1.00 24.79 ? 21  ARG C CB  1 
ATOM   925  C CG  . ARG C 1 21 ? 1.261   15.303  -3.799  1.00 31.26 ? 21  ARG C CG  1 
ATOM   926  C CD  . ARG C 1 21 ? -0.090  14.957  -4.501  1.00 37.22 ? 21  ARG C CD  1 
ATOM   927  N NE  . ARG C 1 21 ? 0.091   14.636  -5.926  1.00 40.51 ? 21  ARG C NE  1 
ATOM   928  C CZ  . ARG C 1 21 ? -0.857  14.094  -6.717  1.00 44.59 ? 21  ARG C CZ  1 
ATOM   929  N NH1 . ARG C 1 21 ? -2.069  13.794  -6.223  1.00 43.37 ? 21  ARG C NH1 1 
ATOM   930  N NH2 . ARG C 1 21 ? -0.592  13.853  -8.001  1.00 43.73 ? 21  ARG C NH2 1 
ATOM   931  N N   . TYR C 1 22 ? 1.884   13.487  0.322   1.00 25.26 ? 22  TYR C N   1 
ATOM   932  C CA  . TYR C 1 22 ? 1.232   13.256  1.605   1.00 24.15 ? 22  TYR C CA  1 
ATOM   933  C C   . TYR C 1 22 ? 1.987   13.959  2.741   1.00 25.60 ? 22  TYR C C   1 
ATOM   934  O O   . TYR C 1 22 ? 1.377   14.753  3.510   1.00 25.44 ? 22  TYR C O   1 
ATOM   935  C CB  . TYR C 1 22 ? 1.000   11.756  1.814   1.00 24.24 ? 22  TYR C CB  1 
ATOM   936  C CG  . TYR C 1 22 ? 0.416   11.421  3.152   1.00 23.17 ? 22  TYR C CG  1 
ATOM   937  C CD1 . TYR C 1 22 ? -0.965  11.460  3.338   1.00 25.79 ? 22  TYR C CD1 1 
ATOM   938  C CD2 . TYR C 1 22 ? 1.240   11.079  4.236   1.00 18.86 ? 22  TYR C CD2 1 
ATOM   939  C CE1 . TYR C 1 22 ? -1.523  11.174  4.582   1.00 27.14 ? 22  TYR C CE1 1 
ATOM   940  C CE2 . TYR C 1 22 ? 0.706   10.781  5.487   1.00 25.26 ? 22  TYR C CE2 1 
ATOM   941  C CZ  . TYR C 1 22 ? -0.685  10.829  5.645   1.00 22.81 ? 22  TYR C CZ  1 
ATOM   942  O OH  . TYR C 1 22 ? -1.241  10.552  6.871   1.00 22.53 ? 22  TYR C OH  1 
ATOM   943  N N   . LEU C 1 23 ? 3.300   13.736  2.832   1.00 25.05 ? 23  LEU C N   1 
ATOM   944  C CA  . LEU C 1 23 ? 4.075   14.289  3.936   1.00 27.04 ? 23  LEU C CA  1 
ATOM   945  C C   . LEU C 1 23 ? 4.020   15.815  3.960   1.00 28.72 ? 23  LEU C C   1 
ATOM   946  O O   . LEU C 1 23 ? 3.978   16.403  5.048   1.00 28.92 ? 23  LEU C O   1 
ATOM   947  C CB  . LEU C 1 23 ? 5.531   13.797  3.903   1.00 26.70 ? 23  LEU C CB  1 
ATOM   948  C CG  . LEU C 1 23 ? 5.746   12.400  4.503   1.00 26.27 ? 23  LEU C CG  1 
ATOM   949  C CD1 . LEU C 1 23 ? 7.162   11.835  4.240   1.00 23.30 ? 23  LEU C CD1 1 
ATOM   950  C CD2 . LEU C 1 23 ? 5.413   12.304  6.022   1.00 24.97 ? 23  LEU C CD2 1 
ATOM   951  N N   . THR C 1 24 ? 4.020   16.448  2.785   1.00 29.64 ? 24  THR C N   1 
ATOM   952  C CA  . THR C 1 24 ? 4.135   17.918  2.718   1.00 32.64 ? 24  THR C CA  1 
ATOM   953  C C   . THR C 1 24 ? 2.765   18.602  2.851   1.00 33.75 ? 24  THR C C   1 
ATOM   954  O O   . THR C 1 24 ? 2.639   19.814  2.723   1.00 35.74 ? 24  THR C O   1 
ATOM   955  C CB  . THR C 1 24 ? 4.893   18.408  1.423   1.00 32.61 ? 24  THR C CB  1 
ATOM   956  O OG1 . THR C 1 24 ? 4.220   17.940  0.261   1.00 30.50 ? 24  THR C OG1 1 
ATOM   957  C CG2 . THR C 1 24 ? 6.288   17.790  1.315   1.00 32.34 ? 24  THR C CG2 1 
ATOM   958  N N   . SER C 1 25 ? 1.739   17.819  3.127   1.00 35.61 ? 25  SER C N   1 
ATOM   959  C CA  . SER C 1 25 ? 0.410   18.376  3.401   1.00 36.62 ? 25  SER C CA  1 
ATOM   960  C C   . SER C 1 25 ? 0.256   18.631  4.900   1.00 37.46 ? 25  SER C C   1 
ATOM   961  O O   . SER C 1 25 ? -0.769  19.110  5.367   1.00 38.24 ? 25  SER C O   1 
ATOM   962  C CB  . SER C 1 25 ? -0.671  17.412  2.917   1.00 36.37 ? 25  SER C CB  1 
ATOM   963  O OG  . SER C 1 25 ? -0.772  16.329  3.825   1.00 35.20 ? 25  SER C OG  1 
ATOM   964  N N   . PHE C 1 26 ? 1.283   18.267  5.654   1.00 39.22 ? 26  PHE C N   1 
ATOM   965  C CA  . PHE C 1 26 ? 1.351   18.548  7.073   1.00 39.92 ? 26  PHE C CA  1 
ATOM   966  C C   . PHE C 1 26 ? 2.437   19.605  7.304   1.00 41.79 ? 26  PHE C C   1 
ATOM   967  O O   . PHE C 1 26 ? 3.311   19.809  6.448   1.00 41.80 ? 26  PHE C O   1 
ATOM   968  C CB  . PHE C 1 26 ? 1.741   17.287  7.845   1.00 39.85 ? 26  PHE C CB  1 
ATOM   969  C CG  . PHE C 1 26 ? 0.779   16.144  7.700   1.00 38.51 ? 26  PHE C CG  1 
ATOM   970  C CD1 . PHE C 1 26 ? -0.334  16.047  8.523   1.00 37.55 ? 26  PHE C CD1 1 
ATOM   971  C CD2 . PHE C 1 26 ? 1.021   15.123  6.780   1.00 36.17 ? 26  PHE C CD2 1 
ATOM   972  C CE1 . PHE C 1 26 ? -1.200  14.980  8.419   1.00 37.02 ? 26  PHE C CE1 1 
ATOM   973  C CE2 . PHE C 1 26 ? 0.162   14.053  6.672   1.00 35.73 ? 26  PHE C CE2 1 
ATOM   974  C CZ  . PHE C 1 26 ? -0.957  13.982  7.477   1.00 36.73 ? 26  PHE C CZ  1 
ATOM   975  N N   . PRO C 1 27 ? 2.404   20.267  8.462   1.00 42.94 ? 27  PRO C N   1 
ATOM   976  C CA  . PRO C 1 27 ? 3.492   21.161  8.865   1.00 43.54 ? 27  PRO C CA  1 
ATOM   977  C C   . PRO C 1 27 ? 4.764   20.419  9.289   1.00 44.22 ? 27  PRO C C   1 
ATOM   978  O O   . PRO C 1 27 ? 5.128   20.506  10.462  1.00 45.13 ? 27  PRO C O   1 
ATOM   979  C CB  . PRO C 1 27 ? 2.894   21.903  10.079  1.00 43.61 ? 27  PRO C CB  1 
ATOM   980  C CG  . PRO C 1 27 ? 1.885   20.978  10.636  1.00 43.30 ? 27  PRO C CG  1 
ATOM   981  C CD  . PRO C 1 27 ? 1.304   20.250  9.455   1.00 42.76 ? 27  PRO C CD  1 
ATOM   982  N N   . ILE C 1 28 ? 5.433   19.730  8.361   1.00 44.61 ? 28  ILE C N   1 
ATOM   983  C CA  . ILE C 1 28 ? 6.636   18.919  8.686   1.00 44.17 ? 28  ILE C CA  1 
ATOM   984  C C   . ILE C 1 28 ? 7.929   19.689  8.991   1.00 44.47 ? 28  ILE C C   1 
ATOM   985  O O   . ILE C 1 28 ? 8.266   20.668  8.338   1.00 43.48 ? 28  ILE C O   1 
ATOM   986  C CB  . ILE C 1 28 ? 6.931   17.859  7.576   1.00 44.25 ? 28  ILE C CB  1 
ATOM   987  C CG1 . ILE C 1 28 ? 7.174   18.540  6.204   1.00 42.82 ? 28  ILE C CG1 1 
ATOM   988  C CG2 . ILE C 1 28 ? 5.843   16.787  7.564   1.00 41.59 ? 28  ILE C CG2 1 
ATOM   989  C CD1 . ILE C 1 28 ? 7.749   17.631  5.154   1.00 42.33 ? 28  ILE C CD1 1 
ATOM   990  N N   . ASP C 1 29 ? 8.682   19.185  9.951   1.00 44.95 ? 29  ASP C N   1 
ATOM   991  C CA  . ASP C 1 29 ? 9.879   19.868  10.380  1.00 46.09 ? 29  ASP C CA  1 
ATOM   992  C C   . ASP C 1 29 ? 11.037  19.622  9.393   1.00 46.21 ? 29  ASP C C   1 
ATOM   993  O O   . ASP C 1 29 ? 10.812  19.092  8.290   1.00 45.61 ? 29  ASP C O   1 
ATOM   994  C CB  . ASP C 1 29 ? 10.175  19.558  11.871  1.00 46.76 ? 29  ASP C CB  1 
ATOM   995  C CG  . ASP C 1 29 ? 11.108  18.379  12.073  1.00 48.57 ? 29  ASP C CG  1 
ATOM   996  O OD1 . ASP C 1 29 ? 10.890  17.309  11.451  1.00 47.36 ? 29  ASP C OD1 1 
ATOM   997  O OD2 . ASP C 1 29 ? 12.088  18.439  12.867  1.00 51.12 ? 29  ASP C OD2 1 
ATOM   998  N N   . ASP C 1 30 ? 12.249  20.036  9.767   1.00 46.07 ? 30  ASP C N   1 
ATOM   999  C CA  . ASP C 1 30 ? 13.389  20.002  8.854   1.00 46.04 ? 30  ASP C CA  1 
ATOM   1000 C C   . ASP C 1 30 ? 14.034  18.604  8.748   1.00 44.92 ? 30  ASP C C   1 
ATOM   1001 O O   . ASP C 1 30 ? 14.562  18.247  7.685   1.00 44.78 ? 30  ASP C O   1 
ATOM   1002 C CB  . ASP C 1 30 ? 14.399  21.122  9.195   1.00 46.81 ? 30  ASP C CB  1 
ATOM   1003 C CG  . ASP C 1 30 ? 13.889  22.533  8.790   1.00 48.91 ? 30  ASP C CG  1 
ATOM   1004 O OD1 . ASP C 1 30 ? 13.921  22.895  7.579   1.00 49.66 ? 30  ASP C OD1 1 
ATOM   1005 O OD2 . ASP C 1 30 ? 13.436  23.355  9.623   1.00 51.85 ? 30  ASP C OD2 1 
ATOM   1006 N N   . ARG C 1 31 ? 13.952  17.820  9.831   1.00 43.18 ? 31  ARG C N   1 
ATOM   1007 C CA  . ARG C 1 31 ? 14.335  16.412  9.851   1.00 41.41 ? 31  ARG C CA  1 
ATOM   1008 C C   . ARG C 1 31 ? 13.527  15.600  8.825   1.00 39.30 ? 31  ARG C C   1 
ATOM   1009 O O   . ARG C 1 31 ? 14.109  14.944  7.971   1.00 38.66 ? 31  ARG C O   1 
ATOM   1010 C CB  . ARG C 1 31 ? 14.181  15.816  11.255  1.00 42.25 ? 31  ARG C CB  1 
ATOM   1011 C CG  . ARG C 1 31 ? 15.502  15.705  12.007  1.00 46.18 ? 31  ARG C CG  1 
ATOM   1012 C CD  . ARG C 1 31 ? 15.560  14.584  13.064  1.00 53.58 ? 31  ARG C CD  1 
ATOM   1013 N NE  . ARG C 1 31 ? 16.052  15.016  14.392  1.00 57.96 ? 31  ARG C NE  1 
ATOM   1014 C CZ  . ARG C 1 31 ? 16.850  16.071  14.652  1.00 60.89 ? 31  ARG C CZ  1 
ATOM   1015 N NH1 . ARG C 1 31 ? 17.195  16.336  15.908  1.00 62.63 ? 31  ARG C NH1 1 
ATOM   1016 N NH2 . ARG C 1 31 ? 17.294  16.871  13.683  1.00 62.55 ? 31  ARG C NH2 1 
ATOM   1017 N N   . VAL C 1 32 ? 12.200  15.670  8.885   1.00 36.36 ? 32  VAL C N   1 
ATOM   1018 C CA  . VAL C 1 32 ? 11.384  14.972  7.893   1.00 33.57 ? 32  VAL C CA  1 
ATOM   1019 C C   . VAL C 1 32 ? 11.856  15.384  6.467   1.00 33.44 ? 32  VAL C C   1 
ATOM   1020 O O   . VAL C 1 32 ? 12.180  14.509  5.658   1.00 32.43 ? 32  VAL C O   1 
ATOM   1021 C CB  . VAL C 1 32 ? 9.859   15.198  8.124   1.00 34.04 ? 32  VAL C CB  1 
ATOM   1022 C CG1 . VAL C 1 32 ? 9.034   14.587  6.987   1.00 31.50 ? 32  VAL C CG1 1 
ATOM   1023 C CG2 . VAL C 1 32 ? 9.412   14.540  9.480   1.00 29.12 ? 32  VAL C CG2 1 
ATOM   1024 N N   . GLN C 1 33 ? 11.984  16.689  6.200   1.00 32.29 ? 33  GLN C N   1 
ATOM   1025 C CA  . GLN C 1 33 ? 12.433  17.159  4.881   1.00 31.81 ? 33  GLN C CA  1 
ATOM   1026 C C   . GLN C 1 33 ? 13.724  16.483  4.485   1.00 31.15 ? 33  GLN C C   1 
ATOM   1027 O O   . GLN C 1 33 ? 13.846  16.010  3.365   1.00 30.43 ? 33  GLN C O   1 
ATOM   1028 C CB  . GLN C 1 33 ? 12.558  18.691  4.782   1.00 33.01 ? 33  GLN C CB  1 
ATOM   1029 C CG  . GLN C 1 33 ? 11.238  19.450  4.860   1.00 33.15 ? 33  GLN C CG  1 
ATOM   1030 C CD  . GLN C 1 33 ? 10.381  19.411  3.576   1.00 37.48 ? 33  GLN C CD  1 
ATOM   1031 O OE1 . GLN C 1 33 ? 10.634  18.644  2.635   1.00 37.54 ? 33  GLN C OE1 1 
ATOM   1032 N NE2 . GLN C 1 33 ? 9.368   20.273  3.538   1.00 40.84 ? 33  GLN C NE2 1 
ATOM   1033 N N   . SER C 1 34 ? 14.669  16.366  5.417   1.00 30.13 ? 34  SER C N   1 
ATOM   1034 C CA  . SER C 1 34 ? 15.926  15.712  5.092   1.00 30.03 ? 34  SER C CA  1 
ATOM   1035 C C   . SER C 1 34 ? 15.775  14.195  4.846   1.00 28.27 ? 34  SER C C   1 
ATOM   1036 O O   . SER C 1 34 ? 16.530  13.633  4.011   1.00 27.86 ? 34  SER C O   1 
ATOM   1037 C CB  . SER C 1 34 ? 16.969  15.977  6.172   1.00 30.20 ? 34  SER C CB  1 
ATOM   1038 O OG  . SER C 1 34 ? 16.614  15.292  7.357   1.00 34.96 ? 34  SER C OG  1 
ATOM   1039 N N   . HIS C 1 35 ? 14.832  13.535  5.563   1.00 25.50 ? 35  HIS C N   1 
ATOM   1040 C CA  . HIS C 1 35 ? 14.607  12.087  5.389   1.00 24.85 ? 35  HIS C CA  1 
ATOM   1041 C C   . HIS C 1 35 ? 14.003  11.869  3.992   1.00 23.23 ? 35  HIS C C   1 
ATOM   1042 O O   . HIS C 1 35 ? 14.346  10.891  3.335   1.00 25.33 ? 35  HIS C O   1 
ATOM   1043 C CB  . HIS C 1 35 ? 13.682  11.491  6.478   1.00 24.92 ? 35  HIS C CB  1 
ATOM   1044 C CG  . HIS C 1 35 ? 14.258  11.495  7.877   1.00 29.22 ? 35  HIS C CG  1 
ATOM   1045 N ND1 . HIS C 1 35 ? 13.462  11.582  9.008   1.00 32.38 ? 35  HIS C ND1 1 
ATOM   1046 C CD2 . HIS C 1 35 ? 15.535  11.412  8.322   1.00 32.38 ? 35  HIS C CD2 1 
ATOM   1047 C CE1 . HIS C 1 35 ? 14.229  11.564  10.089  1.00 34.91 ? 35  HIS C CE1 1 
ATOM   1048 N NE2 . HIS C 1 35 ? 15.491  11.466  9.701   1.00 31.19 ? 35  HIS C NE2 1 
ATOM   1049 N N   . ILE C 1 36 ? 13.173  12.801  3.541   1.00 23.01 ? 36  ILE C N   1 
ATOM   1050 C CA  . ILE C 1 36 ? 12.527  12.702  2.215   1.00 23.40 ? 36  ILE C CA  1 
ATOM   1051 C C   . ILE C 1 36 ? 13.635  12.794  1.173   1.00 22.49 ? 36  ILE C C   1 
ATOM   1052 O O   . ILE C 1 36 ? 13.712  11.957  0.275   1.00 22.62 ? 36  ILE C O   1 
ATOM   1053 C CB  . ILE C 1 36 ? 11.527  13.841  1.999   1.00 23.77 ? 36  ILE C CB  1 
ATOM   1054 C CG1 . ILE C 1 36 ? 10.235  13.576  2.754   1.00 23.53 ? 36  ILE C CG1 1 
ATOM   1055 C CG2 . ILE C 1 36 ? 11.253  14.009  0.518   1.00 24.69 ? 36  ILE C CG2 1 
ATOM   1056 C CD1 . ILE C 1 36 ? 9.341   14.769  2.805   1.00 23.15 ? 36  ILE C CD1 1 
ATOM   1057 N N   . LEU C 1 37 ? 14.495  13.796  1.341   1.00 23.48 ? 37  LEU C N   1 
ATOM   1058 C CA  . LEU C 1 37 ? 15.597  14.066  0.411   1.00 23.76 ? 37  LEU C CA  1 
ATOM   1059 C C   . LEU C 1 37 ? 16.594  12.924  0.386   1.00 22.81 ? 37  LEU C C   1 
ATOM   1060 O O   . LEU C 1 37 ? 17.032  12.553  -0.682  1.00 22.91 ? 37  LEU C O   1 
ATOM   1061 C CB  . LEU C 1 37 ? 16.296  15.393  0.742   1.00 24.83 ? 37  LEU C CB  1 
ATOM   1062 C CG  . LEU C 1 37 ? 17.483  15.789  -0.159  1.00 26.30 ? 37  LEU C CG  1 
ATOM   1063 C CD1 . LEU C 1 37 ? 17.298  17.135  -0.806  1.00 31.23 ? 37  LEU C CD1 1 
ATOM   1064 C CD2 . LEU C 1 37 ? 18.743  15.766  0.638   1.00 30.15 ? 37  LEU C CD2 1 
ATOM   1065 N N   . HIS C 1 38 ? 16.986  12.370  1.540   1.00 22.38 ? 38  HIS C N   1 
ATOM   1066 C CA  . HIS C 1 38 ? 17.943  11.276  1.539   1.00 23.72 ? 38  HIS C CA  1 
ATOM   1067 C C   . HIS C 1 38 ? 17.419  10.060  0.790   1.00 21.42 ? 38  HIS C C   1 
ATOM   1068 O O   . HIS C 1 38 ? 18.159  9.396   0.055   1.00 22.63 ? 38  HIS C O   1 
ATOM   1069 C CB  . HIS C 1 38 ? 18.324  10.847  2.960   1.00 24.36 ? 38  HIS C CB  1 
ATOM   1070 C CG  . HIS C 1 38 ? 19.032  11.910  3.745   1.00 29.71 ? 38  HIS C CG  1 
ATOM   1071 N ND1 . HIS C 1 38 ? 19.521  13.062  3.162   1.00 34.69 ? 38  HIS C ND1 1 
ATOM   1072 C CD2 . HIS C 1 38 ? 19.264  12.032  5.071   1.00 33.24 ? 38  HIS C CD2 1 
ATOM   1073 C CE1 . HIS C 1 38 ? 20.076  13.823  4.087   1.00 32.53 ? 38  HIS C CE1 1 
ATOM   1074 N NE2 . HIS C 1 38 ? 19.940  13.215  5.254   1.00 34.44 ? 38  HIS C NE2 1 
ATOM   1075 N N   . LEU C 1 39 ? 16.132  9.767   0.996   1.00 21.50 ? 39  LEU C N   1 
ATOM   1076 C CA  . LEU C 1 39 ? 15.552  8.581   0.357   1.00 21.19 ? 39  LEU C CA  1 
ATOM   1077 C C   . LEU C 1 39 ? 15.405  8.768   -1.138  1.00 21.26 ? 39  LEU C C   1 
ATOM   1078 O O   . LEU C 1 39 ? 15.615  7.829   -1.937  1.00 19.78 ? 39  LEU C O   1 
ATOM   1079 C CB  . LEU C 1 39 ? 14.211  8.145   1.001   1.00 19.98 ? 39  LEU C CB  1 
ATOM   1080 C CG  . LEU C 1 39 ? 13.782  6.702   0.629   1.00 22.87 ? 39  LEU C CG  1 
ATOM   1081 C CD1 . LEU C 1 39 ? 14.848  5.663   0.994   1.00 20.99 ? 39  LEU C CD1 1 
ATOM   1082 C CD2 . LEU C 1 39 ? 12.537  6.350   1.302   1.00 21.56 ? 39  LEU C CD2 1 
ATOM   1083 N N   . GLU C 1 40 ? 14.970  9.970   -1.500  1.00 21.86 ? 40  GLU C N   1 
ATOM   1084 C CA  . GLU C 1 40 ? 14.791  10.300  -2.885  1.00 20.44 ? 40  GLU C CA  1 
ATOM   1085 C C   . GLU C 1 40 ? 16.138  10.194  -3.654  1.00 21.22 ? 40  GLU C C   1 
ATOM   1086 O O   . GLU C 1 40 ? 16.195  9.757   -4.790  1.00 20.92 ? 40  GLU C O   1 
ATOM   1087 C CB  . GLU C 1 40 ? 14.230  11.719  -2.977  1.00 21.54 ? 40  GLU C CB  1 
ATOM   1088 C CG  . GLU C 1 40 ? 13.995  12.090  -4.422  1.00 23.02 ? 40  GLU C CG  1 
ATOM   1089 C CD  . GLU C 1 40 ? 13.298  13.406  -4.592  1.00 28.65 ? 40  GLU C CD  1 
ATOM   1090 O OE1 . GLU C 1 40 ? 12.582  13.867  -3.694  1.00 29.38 ? 40  GLU C OE1 1 
ATOM   1091 O OE2 . GLU C 1 40 ? 13.467  13.999  -5.654  1.00 28.18 ? 40  GLU C OE2 1 
ATOM   1092 N N   . HIS C 1 41 ? 17.234  10.596  -3.021  1.00 22.93 ? 41  HIS C N   1 
ATOM   1093 C CA  . HIS C 1 41 ? 18.551  10.489  -3.660  1.00 23.02 ? 41  HIS C CA  1 
ATOM   1094 C C   . HIS C 1 41 ? 19.033  8.996   -3.782  1.00 23.05 ? 41  HIS C C   1 
ATOM   1095 O O   . HIS C 1 41 ? 19.524  8.569   -4.836  1.00 22.98 ? 41  HIS C O   1 
ATOM   1096 C CB  . HIS C 1 41 ? 19.531  11.360  -2.885  1.00 23.98 ? 41  HIS C CB  1 
ATOM   1097 C CG  . HIS C 1 41 ? 19.424  12.833  -3.189  1.00 23.55 ? 41  HIS C CG  1 
ATOM   1098 N ND1 . HIS C 1 41 ? 18.225  13.502  -3.303  1.00 26.21 ? 41  HIS C ND1 1 
ATOM   1099 C CD2 . HIS C 1 41 ? 20.387  13.750  -3.460  1.00 20.38 ? 41  HIS C CD2 1 
ATOM   1100 C CE1 . HIS C 1 41 ? 18.453  14.771  -3.599  1.00 25.15 ? 41  HIS C CE1 1 
ATOM   1101 N NE2 . HIS C 1 41 ? 19.760  14.941  -3.695  1.00 24.79 ? 41  HIS C NE2 1 
ATOM   1102 N N   . ASP C 1 42 ? 18.772  8.178   -2.765  1.00 21.46 ? 42  ASP C N   1 
ATOM   1103 C CA  . ASP C 1 42 ? 18.997  6.713   -2.822  1.00 20.56 ? 42  ASP C CA  1 
ATOM   1104 C C   . ASP C 1 42 ? 18.265  6.080   -4.001  1.00 19.96 ? 42  ASP C C   1 
ATOM   1105 O O   . ASP C 1 42 ? 18.784  5.161   -4.666  1.00 19.36 ? 42  ASP C O   1 
ATOM   1106 C CB  . ASP C 1 42 ? 18.465  6.061   -1.552  1.00 19.79 ? 42  ASP C CB  1 
ATOM   1107 C CG  . ASP C 1 42 ? 19.326  6.346   -0.357  1.00 24.38 ? 42  ASP C CG  1 
ATOM   1108 O OD1 . ASP C 1 42 ? 20.528  6.652   -0.544  1.00 21.83 ? 42  ASP C OD1 1 
ATOM   1109 O OD2 . ASP C 1 42 ? 18.871  6.279   0.809   1.00 26.96 ? 42  ASP C OD2 1 
ATOM   1110 N N   . LEU C 1 43 ? 17.075  6.590   -4.321  1.00 17.91 ? 43  LEU C N   1 
ATOM   1111 C CA  . LEU C 1 43 ? 16.303  5.949   -5.373  1.00 17.43 ? 43  LEU C CA  1 
ATOM   1112 C C   . LEU C 1 43 ? 17.088  6.089   -6.712  1.00 18.36 ? 43  LEU C C   1 
ATOM   1113 O O   . LEU C 1 43 ? 17.137  5.173   -7.503  1.00 19.39 ? 43  LEU C O   1 
ATOM   1114 C CB  . LEU C 1 43 ? 14.919  6.548   -5.520  1.00 17.33 ? 43  LEU C CB  1 
ATOM   1115 C CG  . LEU C 1 43 ? 13.823  6.047   -4.575  1.00 18.33 ? 43  LEU C CG  1 
ATOM   1116 C CD1 . LEU C 1 43 ? 12.675  7.045   -4.503  1.00 19.36 ? 43  LEU C CD1 1 
ATOM   1117 C CD2 . LEU C 1 43 ? 13.337  4.648   -4.998  1.00 19.75 ? 43  LEU C CD2 1 
ATOM   1118 N N   . VAL C 1 44 ? 17.739  7.226   -6.901  1.00 18.15 ? 44  VAL C N   1 
ATOM   1119 C CA  . VAL C 1 44 ? 18.601  7.439   -8.062  1.00 18.36 ? 44  VAL C CA  1 
ATOM   1120 C C   . VAL C 1 44 ? 19.899  6.628   -8.021  1.00 18.65 ? 44  VAL C C   1 
ATOM   1121 O O   . VAL C 1 44 ? 20.230  5.968   -8.980  1.00 19.05 ? 44  VAL C O   1 
ATOM   1122 C CB  . VAL C 1 44 ? 18.927  8.948   -8.214  1.00 18.95 ? 44  VAL C CB  1 
ATOM   1123 C CG1 . VAL C 1 44 ? 19.791  9.212   -9.451  1.00 17.26 ? 44  VAL C CG1 1 
ATOM   1124 C CG2 . VAL C 1 44 ? 17.625  9.766   -8.317  1.00 19.10 ? 44  VAL C CG2 1 
ATOM   1125 N N   . HIS C 1 45 ? 20.614  6.693   -6.910  1.00 19.54 ? 45  HIS C N   1 
ATOM   1126 C CA  . HIS C 1 45 ? 21.940  6.167   -6.863  1.00 20.74 ? 45  HIS C CA  1 
ATOM   1127 C C   . HIS C 1 45 ? 21.955  4.663   -6.822  1.00 20.48 ? 45  HIS C C   1 
ATOM   1128 O O   . HIS C 1 45 ? 22.721  4.011   -7.509  1.00 22.76 ? 45  HIS C O   1 
ATOM   1129 C CB  . HIS C 1 45 ? 22.634  6.756   -5.643  1.00 20.21 ? 45  HIS C CB  1 
ATOM   1130 C CG  . HIS C 1 45 ? 22.919  8.220   -5.759  1.00 23.13 ? 45  HIS C CG  1 
ATOM   1131 N ND1 . HIS C 1 45 ? 22.659  9.116   -4.740  1.00 25.99 ? 45  HIS C ND1 1 
ATOM   1132 C CD2 . HIS C 1 45 ? 23.413  8.953   -6.787  1.00 22.93 ? 45  HIS C CD2 1 
ATOM   1133 C CE1 . HIS C 1 45 ? 22.990  10.329  -5.125  1.00 22.29 ? 45  HIS C CE1 1 
ATOM   1134 N NE2 . HIS C 1 45 ? 23.480  10.255  -6.352  1.00 26.12 ? 45  HIS C NE2 1 
ATOM   1135 N N   . VAL C 1 46 ? 21.021  4.090   -6.075  1.00 22.05 ? 46  VAL C N   1 
ATOM   1136 C CA  . VAL C 1 46 ? 20.860  2.654   -6.050  1.00 23.30 ? 46  VAL C CA  1 
ATOM   1137 C C   . VAL C 1 46 ? 20.557  2.144   -7.430  1.00 24.77 ? 46  VAL C C   1 
ATOM   1138 O O   . VAL C 1 46 ? 21.083  1.109   -7.818  1.00 24.88 ? 46  VAL C O   1 
ATOM   1139 C CB  . VAL C 1 46 ? 19.761  2.230   -5.041  1.00 24.73 ? 46  VAL C CB  1 
ATOM   1140 C CG1 . VAL C 1 46 ? 19.389  0.813   -5.243  1.00 25.92 ? 46  VAL C CG1 1 
ATOM   1141 C CG2 . VAL C 1 46 ? 20.272  2.449   -3.670  1.00 20.92 ? 46  VAL C CG2 1 
ATOM   1142 N N   . THR C 1 47 ? 19.725  2.864   -8.171  1.00 24.95 ? 47  THR C N   1 
ATOM   1143 C CA  . THR C 1 47 ? 19.389  2.490   -9.542  1.00 25.53 ? 47  THR C CA  1 
ATOM   1144 C C   . THR C 1 47 ? 20.576  2.517   -10.507 1.00 26.69 ? 47  THR C C   1 
ATOM   1145 O O   . THR C 1 47 ? 20.793  1.547   -11.259 1.00 26.69 ? 47  THR C O   1 
ATOM   1146 C CB  . THR C 1 47 ? 18.234  3.312   -10.076 1.00 26.08 ? 47  THR C CB  1 
ATOM   1147 O OG1 . THR C 1 47 ? 17.087  3.066   -9.230  1.00 22.64 ? 47  THR C OG1 1 
ATOM   1148 C CG2 . THR C 1 47 ? 17.812  2.790   -11.483 1.00 25.05 ? 47  THR C CG2 1 
ATOM   1149 N N   . ARG C 1 48 ? 21.363  3.576   -10.421 1.00 26.63 ? 48  ARG C N   1 
ATOM   1150 C CA  . ARG C 1 48 ? 22.511  3.766   -11.292 1.00 28.98 ? 48  ARG C CA  1 
ATOM   1151 C C   . ARG C 1 48 ? 23.612  2.748   -11.043 1.00 31.14 ? 48  ARG C C   1 
ATOM   1152 O O   . ARG C 1 48 ? 24.311  2.361   -11.969 1.00 31.44 ? 48  ARG C O   1 
ATOM   1153 C CB  . ARG C 1 48 ? 23.098  5.124   -11.010 1.00 29.84 ? 48  ARG C CB  1 
ATOM   1154 C CG  . ARG C 1 48 ? 22.521  6.245   -11.824 1.00 33.61 ? 48  ARG C CG  1 
ATOM   1155 C CD  . ARG C 1 48 ? 23.669  7.115   -12.382 1.00 39.41 ? 48  ARG C CD  1 
ATOM   1156 N NE  . ARG C 1 48 ? 23.691  7.155   -13.825 1.00 41.31 ? 48  ARG C NE  1 
ATOM   1157 C CZ  . ARG C 1 48 ? 24.752  7.475   -14.555 1.00 39.61 ? 48  ARG C CZ  1 
ATOM   1158 N NH1 . ARG C 1 48 ? 25.914  7.781   -13.995 1.00 39.64 ? 48  ARG C NH1 1 
ATOM   1159 N NH2 . ARG C 1 48 ? 24.637  7.500   -15.869 1.00 40.76 ? 48  ARG C NH2 1 
ATOM   1160 N N   . LYS C 1 49 ? 23.810  2.422   -9.769  1.00 31.90 ? 49  LYS C N   1 
ATOM   1161 C CA  . LYS C 1 49 ? 24.757  1.414   -9.303  1.00 34.33 ? 49  LYS C CA  1 
ATOM   1162 C C   . LYS C 1 49 ? 24.341  0.025   -9.778  1.00 33.68 ? 49  LYS C C   1 
ATOM   1163 O O   . LYS C 1 49 ? 25.024  -0.575  -10.623 1.00 33.82 ? 49  LYS C O   1 
ATOM   1164 C CB  . LYS C 1 49 ? 24.829  1.469   -7.770  1.00 35.24 ? 49  LYS C CB  1 
ATOM   1165 C CG  . LYS C 1 49 ? 26.083  0.897   -7.139  1.00 37.87 ? 49  LYS C CG  1 
ATOM   1166 C CD  . LYS C 1 49 ? 25.808  0.137   -5.824  1.00 43.29 ? 49  LYS C CD  1 
ATOM   1167 C CE  . LYS C 1 49 ? 25.969  1.019   -4.587  1.00 45.03 ? 49  LYS C CE  1 
ATOM   1168 N NZ  . LYS C 1 49 ? 27.115  0.607   -3.685  1.00 47.08 ? 49  LYS C NZ  1 
ATOM   1169 N N   . HIS D 1 3  ? -8.916  19.370  -9.560  1.00 53.74 ? 3   HIS D N   1 
ATOM   1170 C CA  . HIS D 1 3  ? -7.528  19.409  -9.098  1.00 53.72 ? 3   HIS D CA  1 
ATOM   1171 C C   . HIS D 1 3  ? -7.024  18.058  -8.529  1.00 52.79 ? 3   HIS D C   1 
ATOM   1172 O O   . HIS D 1 3  ? -7.649  17.016  -8.760  1.00 53.30 ? 3   HIS D O   1 
ATOM   1173 C CB  . HIS D 1 3  ? -7.299  20.581  -8.122  1.00 53.81 ? 3   HIS D CB  1 
ATOM   1174 C CG  . HIS D 1 3  ? -5.850  20.821  -7.809  1.00 55.91 ? 3   HIS D CG  1 
ATOM   1175 N ND1 . HIS D 1 3  ? -4.940  21.233  -8.762  1.00 56.44 ? 3   HIS D ND1 1 
ATOM   1176 C CD2 . HIS D 1 3  ? -5.151  20.681  -6.655  1.00 56.97 ? 3   HIS D CD2 1 
ATOM   1177 C CE1 . HIS D 1 3  ? -3.743  21.340  -8.209  1.00 58.79 ? 3   HIS D CE1 1 
ATOM   1178 N NE2 . HIS D 1 3  ? -3.845  21.012  -6.930  1.00 59.21 ? 3   HIS D NE2 1 
ATOM   1179 N N   . MET D 1 4  ? -5.914  18.097  -7.779  1.00 51.52 ? 4   MET D N   1 
ATOM   1180 C CA  . MET D 1 4  ? -5.016  16.940  -7.549  1.00 50.05 ? 4   MET D CA  1 
ATOM   1181 C C   . MET D 1 4  ? -5.015  16.412  -6.094  1.00 48.50 ? 4   MET D C   1 
ATOM   1182 O O   . MET D 1 4  ? -4.306  16.948  -5.242  1.00 48.67 ? 4   MET D O   1 
ATOM   1183 C CB  . MET D 1 4  ? -3.564  17.320  -7.969  1.00 50.62 ? 4   MET D CB  1 
ATOM   1184 C CG  . MET D 1 4  ? -3.248  17.392  -9.506  1.00 48.46 ? 4   MET D CG  1 
ATOM   1185 S SD  . MET D 1 4  ? -4.624  16.892  -10.636 1.00 55.52 ? 4   MET D SD  1 
ATOM   1186 C CE  . MET D 1 4  ? -4.194  15.277  -11.203 1.00 43.27 ? 4   MET D CE  1 
ATOM   1187 N N   . PRO D 1 5  ? -5.773  15.357  -5.800  1.00 47.47 ? 5   PRO D N   1 
ATOM   1188 C CA  . PRO D 1 5  ? -5.899  14.857  -4.410  1.00 45.96 ? 5   PRO D CA  1 
ATOM   1189 C C   . PRO D 1 5  ? -4.601  14.554  -3.577  1.00 44.85 ? 5   PRO D C   1 
ATOM   1190 O O   . PRO D 1 5  ? -3.540  14.159  -4.102  1.00 44.66 ? 5   PRO D O   1 
ATOM   1191 C CB  . PRO D 1 5  ? -6.735  13.576  -4.566  1.00 46.78 ? 5   PRO D CB  1 
ATOM   1192 C CG  . PRO D 1 5  ? -7.367  13.621  -5.918  1.00 46.70 ? 5   PRO D CG  1 
ATOM   1193 C CD  . PRO D 1 5  ? -6.567  14.568  -6.763  1.00 47.11 ? 5   PRO D CD  1 
ATOM   1194 N N   . VAL D 1 6  ? -4.706  14.771  -2.259  1.00 42.46 ? 6   VAL D N   1 
ATOM   1195 C CA  . VAL D 1 6  ? -3.686  14.362  -1.272  1.00 40.00 ? 6   VAL D CA  1 
ATOM   1196 C C   . VAL D 1 6  ? -4.061  12.968  -0.797  1.00 37.96 ? 6   VAL D C   1 
ATOM   1197 O O   . VAL D 1 6  ? -5.198  12.765  -0.404  1.00 36.61 ? 6   VAL D O   1 
ATOM   1198 C CB  . VAL D 1 6  ? -3.672  15.279  -0.034  1.00 40.07 ? 6   VAL D CB  1 
ATOM   1199 C CG1 . VAL D 1 6  ? -2.692  14.750  1.013   1.00 40.56 ? 6   VAL D CG1 1 
ATOM   1200 C CG2 . VAL D 1 6  ? -3.337  16.712  -0.424  1.00 41.88 ? 6   VAL D CG2 1 
ATOM   1201 N N   . PRO D 1 7  ? -3.134  12.008  -0.808  1.00 35.50 ? 7   PRO D N   1 
ATOM   1202 C CA  . PRO D 1 7  ? -3.523  10.617  -0.547  1.00 33.46 ? 7   PRO D CA  1 
ATOM   1203 C C   . PRO D 1 7  ? -3.991  10.425  0.904   1.00 32.19 ? 7   PRO D C   1 
ATOM   1204 O O   . PRO D 1 7  ? -3.595  11.188  1.796   1.00 32.80 ? 7   PRO D O   1 
ATOM   1205 C CB  . PRO D 1 7  ? -2.227  9.827   -0.842  1.00 33.95 ? 7   PRO D CB  1 
ATOM   1206 C CG  . PRO D 1 7  ? -1.335  10.812  -1.667  1.00 33.74 ? 7   PRO D CG  1 
ATOM   1207 C CD  . PRO D 1 7  ? -1.682  12.155  -1.039  1.00 34.49 ? 7   PRO D CD  1 
ATOM   1208 N N   . SER D 1 8  ? -4.816  9.417   1.164   1.00 31.12 ? 8   SER D N   1 
ATOM   1209 C CA  . SER D 1 8  ? -5.056  8.994   2.545   1.00 30.04 ? 8   SER D CA  1 
ATOM   1210 C C   . SER D 1 8  ? -3.768  8.425   3.177   1.00 30.06 ? 8   SER D C   1 
ATOM   1211 O O   . SER D 1 8  ? -2.809  8.134   2.438   1.00 28.66 ? 8   SER D O   1 
ATOM   1212 C CB  . SER D 1 8  ? -6.178  7.943   2.561   1.00 32.02 ? 8   SER D CB  1 
ATOM   1213 O OG  . SER D 1 8  ? -5.814  6.786   1.857   1.00 29.95 ? 8   SER D OG  1 
ATOM   1214 N N   . PHE D 1 9  ? -3.744  8.292   4.511   1.00 29.60 ? 9   PHE D N   1 
ATOM   1215 C CA  . PHE D 1 9  ? -2.697  7.563   5.245   1.00 29.27 ? 9   PHE D CA  1 
ATOM   1216 C C   . PHE D 1 9  ? -2.421  6.195   4.639   1.00 29.90 ? 9   PHE D C   1 
ATOM   1217 O O   . PHE D 1 9  ? -1.253  5.791   4.484   1.00 27.66 ? 9   PHE D O   1 
ATOM   1218 C CB  . PHE D 1 9  ? -3.093  7.339   6.716   1.00 29.78 ? 9   PHE D CB  1 
ATOM   1219 C CG  . PHE D 1 9  ? -2.066  6.588   7.534   1.00 28.69 ? 9   PHE D CG  1 
ATOM   1220 C CD1 . PHE D 1 9  ? -2.452  5.507   8.347   1.00 30.40 ? 9   PHE D CD1 1 
ATOM   1221 C CD2 . PHE D 1 9  ? -0.707  6.959   7.516   1.00 27.11 ? 9   PHE D CD2 1 
ATOM   1222 C CE1 . PHE D 1 9  ? -1.506  4.800   9.104   1.00 31.85 ? 9   PHE D CE1 1 
ATOM   1223 C CE2 . PHE D 1 9  ? 0.246   6.247   8.305   1.00 27.11 ? 9   PHE D CE2 1 
ATOM   1224 C CZ  . PHE D 1 9  ? -0.171  5.191   9.091   1.00 27.72 ? 9   PHE D CZ  1 
ATOM   1225 N N   . GLY D 1 10 ? -3.514  5.474   4.362   1.00 30.41 ? 10  GLY D N   1 
ATOM   1226 C CA  . GLY D 1 10 ? -3.453  4.130   3.822   1.00 29.31 ? 10  GLY D CA  1 
ATOM   1227 C C   . GLY D 1 10 ? -2.814  4.109   2.450   1.00 27.24 ? 10  GLY D C   1 
ATOM   1228 O O   . GLY D 1 10 ? -2.008  3.231   2.143   1.00 27.59 ? 10  GLY D O   1 
ATOM   1229 N N   . GLU D 1 11 ? -3.220  5.049   1.606   1.00 25.78 ? 11  GLU D N   1 
ATOM   1230 C CA  . GLU D 1 11 ? -2.718  5.119   0.237   1.00 25.08 ? 11  GLU D CA  1 
ATOM   1231 C C   . GLU D 1 11 ? -1.259  5.501   0.272   1.00 21.92 ? 11  GLU D C   1 
ATOM   1232 O O   . GLU D 1 11 ? -0.434  4.903   -0.431  1.00 19.47 ? 11  GLU D O   1 
ATOM   1233 C CB  . GLU D 1 11 ? -3.511  6.146   -0.596  1.00 25.15 ? 11  GLU D CB  1 
ATOM   1234 C CG  . GLU D 1 11 ? -4.911  5.642   -0.950  1.00 30.36 ? 11  GLU D CG  1 
ATOM   1235 C CD  . GLU D 1 11 ? -5.821  6.766   -1.414  1.00 31.93 ? 11  GLU D CD  1 
ATOM   1236 O OE1 . GLU D 1 11 ? -5.487  7.959   -1.144  1.00 30.77 ? 11  GLU D OE1 1 
ATOM   1237 O OE2 . GLU D 1 11 ? -6.860  6.441   -2.061  1.00 36.61 ? 11  GLU D OE2 1 
ATOM   1238 N N   . ALA D 1 12 ? -0.937  6.470   1.120   1.00 22.19 ? 12  ALA D N   1 
ATOM   1239 C CA  . ALA D 1 12 ? 0.484   6.840   1.279   1.00 22.67 ? 12  ALA D CA  1 
ATOM   1240 C C   . ALA D 1 12 ? 1.370   5.679   1.767   1.00 21.93 ? 12  ALA D C   1 
ATOM   1241 O O   . ALA D 1 12 ? 2.483   5.470   1.243   1.00 20.49 ? 12  ALA D O   1 
ATOM   1242 C CB  . ALA D 1 12 ? 0.626   8.099   2.214   1.00 22.04 ? 12  ALA D CB  1 
ATOM   1243 N N   . MET D 1 13 ? 0.895   4.911   2.762   1.00 21.05 ? 13  MET D N   1 
ATOM   1244 C CA  . MET D 1 13 ? 1.602   3.717   3.259   1.00 20.88 ? 13  MET D CA  1 
ATOM   1245 C C   . MET D 1 13 ? 1.766   2.645   2.157   1.00 20.25 ? 13  MET D C   1 
ATOM   1246 O O   . MET D 1 13 ? 2.829   2.022   2.039   1.00 19.97 ? 13  MET D O   1 
ATOM   1247 C CB  . MET D 1 13 ? 0.943   3.166   4.560   1.00 22.08 ? 13  MET D CB  1 
ATOM   1248 C CG  . MET D 1 13 ? 1.197   4.031   5.805   1.00 19.97 ? 13  MET D CG  1 
ATOM   1249 S SD  . MET D 1 13 ? 2.889   4.183   6.426   1.00 24.72 ? 13  MET D SD  1 
ATOM   1250 C CE  . MET D 1 13 ? 3.237   2.421   6.830   1.00 31.95 ? 13  MET D CE  1 
ATOM   1251 N N   . ALA D 1 14 ? 0.734   2.476   1.331   1.00 19.86 ? 14  ALA D N   1 
ATOM   1252 C CA  . ALA D 1 14 ? 0.807   1.672   0.130   1.00 18.58 ? 14  ALA D CA  1 
ATOM   1253 C C   . ALA D 1 14 ? 1.916   2.109   -0.857  1.00 17.00 ? 14  ALA D C   1 
ATOM   1254 O O   . ALA D 1 14 ? 2.728   1.271   -1.278  1.00 15.83 ? 14  ALA D O   1 
ATOM   1255 C CB  . ALA D 1 14 ? -0.549  1.614   -0.604  1.00 19.22 ? 14  ALA D CB  1 
ATOM   1256 N N   . TYR D 1 15 ? 1.904   3.379   -1.241  1.00 15.94 ? 15  TYR D N   1 
ATOM   1257 C CA  . TYR D 1 15 ? 2.862   3.935   -2.187  1.00 16.65 ? 15  TYR D CA  1 
ATOM   1258 C C   . TYR D 1 15 ? 4.254   3.730   -1.635  1.00 16.76 ? 15  TYR D C   1 
ATOM   1259 O O   . TYR D 1 15 ? 5.176   3.290   -2.368  1.00 17.61 ? 15  TYR D O   1 
ATOM   1260 C CB  . TYR D 1 15 ? 2.620   5.402   -2.436  1.00 18.54 ? 15  TYR D CB  1 
ATOM   1261 C CG  . TYR D 1 15 ? 1.501   5.595   -3.394  1.00 19.90 ? 15  TYR D CG  1 
ATOM   1262 C CD1 . TYR D 1 15 ? 1.506   4.955   -4.627  1.00 19.62 ? 15  TYR D CD1 1 
ATOM   1263 C CD2 . TYR D 1 15 ? 0.469   6.442   -3.073  1.00 25.08 ? 15  TYR D CD2 1 
ATOM   1264 C CE1 . TYR D 1 15 ? 0.457   5.132   -5.519  1.00 23.31 ? 15  TYR D CE1 1 
ATOM   1265 C CE2 . TYR D 1 15 ? -0.566  6.646   -3.936  1.00 24.78 ? 15  TYR D CE2 1 
ATOM   1266 C CZ  . TYR D 1 15 ? -0.570  5.997   -5.154  1.00 26.20 ? 15  TYR D CZ  1 
ATOM   1267 O OH  . TYR D 1 15 ? -1.629  6.255   -5.970  1.00 28.98 ? 15  TYR D OH  1 
ATOM   1268 N N   . PHE D 1 16 ? 4.397   4.008   -0.333  1.00 17.14 ? 16  PHE D N   1 
ATOM   1269 C CA  . PHE D 1 16 ? 5.710   3.857   0.304   1.00 18.10 ? 16  PHE D CA  1 
ATOM   1270 C C   . PHE D 1 16 ? 6.184   2.391   0.311   1.00 19.19 ? 16  PHE D C   1 
ATOM   1271 O O   . PHE D 1 16 ? 7.357   2.122   0.106   1.00 17.41 ? 16  PHE D O   1 
ATOM   1272 C CB  . PHE D 1 16 ? 5.748   4.376   1.725   1.00 18.15 ? 16  PHE D CB  1 
ATOM   1273 C CG  . PHE D 1 16 ? 7.131   4.292   2.339   1.00 20.82 ? 16  PHE D CG  1 
ATOM   1274 C CD1 . PHE D 1 16 ? 8.077   5.261   2.056   1.00 24.71 ? 16  PHE D CD1 1 
ATOM   1275 C CD2 . PHE D 1 16 ? 7.472   3.261   3.213   1.00 22.05 ? 16  PHE D CD2 1 
ATOM   1276 C CE1 . PHE D 1 16 ? 9.372   5.193   2.632   1.00 26.29 ? 16  PHE D CE1 1 
ATOM   1277 C CE2 . PHE D 1 16 ? 8.743   3.197   3.739   1.00 25.55 ? 16  PHE D CE2 1 
ATOM   1278 C CZ  . PHE D 1 16 ? 9.681   4.169   3.467   1.00 23.30 ? 16  PHE D CZ  1 
ATOM   1279 N N   . ALA D 1 17 ? 5.281   1.453   0.576   1.00 17.48 ? 17  ALA D N   1 
ATOM   1280 C CA  . ALA D 1 17 ? 5.665   0.068   0.563   1.00 18.49 ? 17  ALA D CA  1 
ATOM   1281 C C   . ALA D 1 17 ? 6.181   -0.305  -0.822  1.00 17.45 ? 17  ALA D C   1 
ATOM   1282 O O   . ALA D 1 17 ? 7.056   -1.122  -0.891  1.00 16.68 ? 17  ALA D O   1 
ATOM   1283 C CB  . ALA D 1 17 ? 4.492   -0.861  0.889   1.00 18.61 ? 17  ALA D CB  1 
ATOM   1284 N N   . MET D 1 18 ? 5.595   0.257   -1.907  1.00 16.63 ? 18  MET D N   1 
ATOM   1285 C CA  . MET D 1 18 ? 6.086   0.044   -3.276  1.00 15.65 ? 18  MET D CA  1 
ATOM   1286 C C   . MET D 1 18 ? 7.489   0.620   -3.470  1.00 15.95 ? 18  MET D C   1 
ATOM   1287 O O   . MET D 1 18 ? 8.369   -0.015  -4.093  1.00 18.13 ? 18  MET D O   1 
ATOM   1288 C CB  . MET D 1 18 ? 5.047   0.527   -4.299  1.00 17.01 ? 18  MET D CB  1 
ATOM   1289 C CG  . MET D 1 18 ? 3.699   -0.233  -4.126  1.00 18.15 ? 18  MET D CG  1 
ATOM   1290 S SD  . MET D 1 18 ? 3.796   -1.906  -4.938  1.00 23.14 ? 18  MET D SD  1 
ATOM   1291 C CE  . MET D 1 18 ? 3.646   -1.510  -6.719  1.00 23.59 ? 18  MET D CE  1 
ATOM   1292 N N   . VAL D 1 19 ? 7.753   1.758   -2.838  1.00 15.08 ? 19  VAL D N   1 
ATOM   1293 C CA  . VAL D 1 19 ? 9.093   2.375   -2.949  1.00 14.87 ? 19  VAL D CA  1 
ATOM   1294 C C   . VAL D 1 19 ? 10.093  1.474   -2.194  1.00 17.83 ? 19  VAL D C   1 
ATOM   1295 O O   . VAL D 1 19 ? 11.225  1.200   -2.673  1.00 17.15 ? 19  VAL D O   1 
ATOM   1296 C CB  . VAL D 1 19 ? 9.058   3.760   -2.381  1.00 16.43 ? 19  VAL D CB  1 
ATOM   1297 C CG1 . VAL D 1 19 ? 10.501  4.369   -2.284  1.00 14.09 ? 19  VAL D CG1 1 
ATOM   1298 C CG2 . VAL D 1 19 ? 8.201   4.727   -3.210  1.00 12.83 ? 19  VAL D CG2 1 
ATOM   1299 N N   . LYS D 1 20 ? 9.661   1.007   -1.035  1.00 17.50 ? 20  LYS D N   1 
ATOM   1300 C CA  . LYS D 1 20 ? 10.547  0.133   -0.246  1.00 18.71 ? 20  LYS D CA  1 
ATOM   1301 C C   . LYS D 1 20 ? 10.798  -1.143  -1.028  1.00 18.67 ? 20  LYS D C   1 
ATOM   1302 O O   . LYS D 1 20 ? 11.940  -1.644  -1.106  1.00 19.79 ? 20  LYS D O   1 
ATOM   1303 C CB  . LYS D 1 20 ? 9.890   -0.139  1.104   1.00 19.60 ? 20  LYS D CB  1 
ATOM   1304 C CG  . LYS D 1 20 ? 10.576  -1.133  2.020   1.00 26.73 ? 20  LYS D CG  1 
ATOM   1305 C CD  . LYS D 1 20 ? 9.915   -1.080  3.439   1.00 30.18 ? 20  LYS D CD  1 
ATOM   1306 C CE  . LYS D 1 20 ? 9.831   -2.456  4.106   1.00 37.79 ? 20  LYS D CE  1 
ATOM   1307 N NZ  . LYS D 1 20 ? 10.194  -2.369  5.568   1.00 39.64 ? 20  LYS D NZ  1 
ATOM   1308 N N   . ARG D 1 21 ? 9.751   -1.709  -1.653  1.00 18.24 ? 21  ARG D N   1 
ATOM   1309 C CA  . ARG D 1 21 ? 9.943   -2.937  -2.431  1.00 19.46 ? 21  ARG D CA  1 
ATOM   1310 C C   . ARG D 1 21 ? 10.943  -2.675  -3.583  1.00 19.52 ? 21  ARG D C   1 
ATOM   1311 O O   . ARG D 1 21 ? 11.793  -3.553  -3.925  1.00 17.73 ? 21  ARG D O   1 
ATOM   1312 C CB  . ARG D 1 21 ? 8.584   -3.435  -2.988  1.00 20.17 ? 21  ARG D CB  1 
ATOM   1313 C CG  . ARG D 1 21 ? 8.652   -4.392  -4.147  1.00 23.88 ? 21  ARG D CG  1 
ATOM   1314 C CD  . ARG D 1 21 ? 8.498   -5.820  -3.791  1.00 33.25 ? 21  ARG D CD  1 
ATOM   1315 N NE  . ARG D 1 21 ? 9.741   -6.495  -3.660  1.00 33.06 ? 21  ARG D NE  1 
ATOM   1316 C CZ  . ARG D 1 21 ? 10.004  -7.681  -4.203  1.00 36.98 ? 21  ARG D CZ  1 
ATOM   1317 N NH1 . ARG D 1 21 ? 9.087   -8.340  -4.912  1.00 37.96 ? 21  ARG D NH1 1 
ATOM   1318 N NH2 . ARG D 1 21 ? 11.185  -8.218  -4.019  1.00 34.75 ? 21  ARG D NH2 1 
ATOM   1319 N N   . TYR D 1 22 ? 10.894  -1.477  -4.154  1.00 18.30 ? 22  TYR D N   1 
ATOM   1320 C CA  . TYR D 1 22 ? 11.797  -1.183  -5.270  1.00 18.37 ? 22  TYR D CA  1 
ATOM   1321 C C   . TYR D 1 22 ? 13.251  -1.191  -4.686  1.00 18.69 ? 22  TYR D C   1 
ATOM   1322 O O   . TYR D 1 22 ? 14.185  -1.789  -5.269  1.00 19.14 ? 22  TYR D O   1 
ATOM   1323 C CB  . TYR D 1 22 ? 11.462  0.148   -5.940  1.00 19.18 ? 22  TYR D CB  1 
ATOM   1324 C CG  . TYR D 1 22 ? 12.438  0.542   -7.034  1.00 16.80 ? 22  TYR D CG  1 
ATOM   1325 C CD1 . TYR D 1 22 ? 12.367  -0.039  -8.323  1.00 19.09 ? 22  TYR D CD1 1 
ATOM   1326 C CD2 . TYR D 1 22 ? 13.390  1.526   -6.799  1.00 18.12 ? 22  TYR D CD2 1 
ATOM   1327 C CE1 . TYR D 1 22 ? 13.269  0.362   -9.338  1.00 21.22 ? 22  TYR D CE1 1 
ATOM   1328 C CE2 . TYR D 1 22 ? 14.306  1.946   -7.782  1.00 17.15 ? 22  TYR D CE2 1 
ATOM   1329 C CZ  . TYR D 1 22 ? 14.228  1.359   -9.054  1.00 19.93 ? 22  TYR D CZ  1 
ATOM   1330 O OH  . TYR D 1 22 ? 15.139  1.766   -10.012 1.00 19.81 ? 22  TYR D OH  1 
ATOM   1331 N N   . LEU D 1 23 ? 13.441  -0.483  -3.594  1.00 18.99 ? 23  LEU D N   1 
ATOM   1332 C CA  . LEU D 1 23 ? 14.776  -0.258  -3.118  1.00 19.69 ? 23  LEU D CA  1 
ATOM   1333 C C   . LEU D 1 23 ? 15.352  -1.587  -2.618  1.00 22.12 ? 23  LEU D C   1 
ATOM   1334 O O   . LEU D 1 23 ? 16.546  -1.862  -2.855  1.00 22.70 ? 23  LEU D O   1 
ATOM   1335 C CB  . LEU D 1 23 ? 14.809  0.770   -2.018  1.00 19.92 ? 23  LEU D CB  1 
ATOM   1336 C CG  . LEU D 1 23 ? 14.763  2.246   -2.457  1.00 20.18 ? 23  LEU D CG  1 
ATOM   1337 C CD1 . LEU D 1 23 ? 14.400  3.036   -1.283  1.00 19.01 ? 23  LEU D CD1 1 
ATOM   1338 C CD2 . LEU D 1 23 ? 16.079  2.730   -3.144  1.00 19.11 ? 23  LEU D CD2 1 
ATOM   1339 N N   . THR D 1 24 ? 14.512  -2.426  -1.987  1.00 22.82 ? 24  THR D N   1 
ATOM   1340 C CA  . THR D 1 24 ? 15.002  -3.733  -1.436  1.00 24.19 ? 24  THR D CA  1 
ATOM   1341 C C   . THR D 1 24 ? 15.187  -4.860  -2.488  1.00 25.43 ? 24  THR D C   1 
ATOM   1342 O O   . THR D 1 24 ? 15.705  -5.938  -2.173  1.00 25.62 ? 24  THR D O   1 
ATOM   1343 C CB  . THR D 1 24 ? 14.153  -4.245  -0.223  1.00 24.32 ? 24  THR D CB  1 
ATOM   1344 O OG1 . THR D 1 24 ? 12.826  -4.510  -0.677  1.00 26.68 ? 24  THR D OG1 1 
ATOM   1345 C CG2 . THR D 1 24 ? 13.958  -3.174  0.841   1.00 24.41 ? 24  THR D CG2 1 
ATOM   1346 N N   . SER D 1 25 ? 14.783  -4.611  -3.732  1.00 26.23 ? 25  SER D N   1 
ATOM   1347 C CA  . SER D 1 25 ? 14.992  -5.547  -4.814  1.00 27.71 ? 25  SER D CA  1 
ATOM   1348 C C   . SER D 1 25 ? 16.444  -5.423  -5.269  1.00 29.77 ? 25  SER D C   1 
ATOM   1349 O O   . SER D 1 25 ? 16.849  -6.076  -6.233  1.00 30.11 ? 25  SER D O   1 
ATOM   1350 C CB  . SER D 1 25 ? 14.104  -5.179  -6.005  1.00 27.39 ? 25  SER D CB  1 
ATOM   1351 O OG  . SER D 1 25 ? 14.684  -4.077  -6.710  1.00 23.90 ? 25  SER D OG  1 
ATOM   1352 N N   . PHE D 1 26 ? 17.203  -4.536  -4.626  1.00 30.58 ? 26  PHE D N   1 
ATOM   1353 C CA  . PHE D 1 26 ? 18.603  -4.353  -4.966  1.00 31.59 ? 26  PHE D CA  1 
ATOM   1354 C C   . PHE D 1 26 ? 19.411  -4.755  -3.741  1.00 34.06 ? 26  PHE D C   1 
ATOM   1355 O O   . PHE D 1 26 ? 18.883  -4.746  -2.618  1.00 33.57 ? 26  PHE D O   1 
ATOM   1356 C CB  . PHE D 1 26 ? 18.891  -2.888  -5.302  1.00 30.65 ? 26  PHE D CB  1 
ATOM   1357 C CG  . PHE D 1 26 ? 18.249  -2.423  -6.566  1.00 26.99 ? 26  PHE D CG  1 
ATOM   1358 C CD1 . PHE D 1 26 ? 18.828  -2.694  -7.805  1.00 25.83 ? 26  PHE D CD1 1 
ATOM   1359 C CD2 . PHE D 1 26 ? 17.062  -1.669  -6.527  1.00 23.05 ? 26  PHE D CD2 1 
ATOM   1360 C CE1 . PHE D 1 26 ? 18.233  -2.228  -8.973  1.00 30.02 ? 26  PHE D CE1 1 
ATOM   1361 C CE2 . PHE D 1 26 ? 16.495  -1.212  -7.685  1.00 22.60 ? 26  PHE D CE2 1 
ATOM   1362 C CZ  . PHE D 1 26 ? 17.064  -1.496  -8.904  1.00 25.96 ? 26  PHE D CZ  1 
ATOM   1363 N N   . PRO D 1 27 ? 20.689  -5.085  -3.927  1.00 36.12 ? 27  PRO D N   1 
ATOM   1364 C CA  . PRO D 1 27 ? 21.577  -5.265  -2.767  1.00 37.89 ? 27  PRO D CA  1 
ATOM   1365 C C   . PRO D 1 27 ? 21.936  -3.972  -2.050  1.00 38.86 ? 27  PRO D C   1 
ATOM   1366 O O   . PRO D 1 27 ? 23.117  -3.638  -1.948  1.00 40.98 ? 27  PRO D O   1 
ATOM   1367 C CB  . PRO D 1 27 ? 22.829  -5.921  -3.372  1.00 37.83 ? 27  PRO D CB  1 
ATOM   1368 C CG  . PRO D 1 27 ? 22.858  -5.436  -4.773  1.00 37.08 ? 27  PRO D CG  1 
ATOM   1369 C CD  . PRO D 1 27 ? 21.376  -5.352  -5.210  1.00 36.50 ? 27  PRO D CD  1 
ATOM   1370 N N   . ILE D 1 28 ? 20.958  -3.262  -1.521  1.00 39.66 ? 28  ILE D N   1 
ATOM   1371 C CA  . ILE D 1 28 ? 21.214  -1.957  -0.869  1.00 39.73 ? 28  ILE D CA  1 
ATOM   1372 C C   . ILE D 1 28 ? 22.103  -2.024  0.379   1.00 41.52 ? 28  ILE D C   1 
ATOM   1373 O O   . ILE D 1 28 ? 22.044  -3.002  1.132   1.00 41.96 ? 28  ILE D O   1 
ATOM   1374 C CB  . ILE D 1 28 ? 19.874  -1.240  -0.500  1.00 39.47 ? 28  ILE D CB  1 
ATOM   1375 C CG1 . ILE D 1 28 ? 18.989  -2.119  0.419   1.00 39.01 ? 28  ILE D CG1 1 
ATOM   1376 C CG2 . ILE D 1 28 ? 19.177  -0.729  -1.768  1.00 37.22 ? 28  ILE D CG2 1 
ATOM   1377 C CD1 . ILE D 1 28 ? 17.770  -1.385  1.073   1.00 36.63 ? 28  ILE D CD1 1 
ATOM   1378 N N   . ASP D 1 29 ? 22.903  -0.987  0.622   1.00 42.22 ? 29  ASP D N   1 
ATOM   1379 C CA  . ASP D 1 29 ? 23.756  -1.024  1.813   1.00 43.76 ? 29  ASP D CA  1 
ATOM   1380 C C   . ASP D 1 29 ? 22.932  -0.679  3.051   1.00 43.73 ? 29  ASP D C   1 
ATOM   1381 O O   . ASP D 1 29 ? 21.704  -0.788  3.014   1.00 43.64 ? 29  ASP D O   1 
ATOM   1382 C CB  . ASP D 1 29 ? 25.070  -0.207  1.659   1.00 44.21 ? 29  ASP D CB  1 
ATOM   1383 C CG  . ASP D 1 29 ? 24.905  1.277   1.979   1.00 46.00 ? 29  ASP D CG  1 
ATOM   1384 O OD1 . ASP D 1 29 ? 23.759  1.762   1.886   1.00 45.18 ? 29  ASP D OD1 1 
ATOM   1385 O OD2 . ASP D 1 29 ? 25.860  2.031   2.339   1.00 46.44 ? 29  ASP D OD2 1 
ATOM   1386 N N   . ASP D 1 30 ? 23.586  -0.294  4.144   1.00 43.80 ? 30  ASP D N   1 
ATOM   1387 C CA  . ASP D 1 30 ? 22.843  -0.051  5.371   1.00 43.74 ? 30  ASP D CA  1 
ATOM   1388 C C   . ASP D 1 30 ? 22.611  1.427   5.655   1.00 42.49 ? 30  ASP D C   1 
ATOM   1389 O O   . ASP D 1 30 ? 21.925  1.791   6.604   1.00 42.19 ? 30  ASP D O   1 
ATOM   1390 C CB  . ASP D 1 30 ? 23.448  -0.826  6.553   1.00 45.03 ? 30  ASP D CB  1 
ATOM   1391 C CG  . ASP D 1 30 ? 22.826  -2.249  6.722   1.00 47.07 ? 30  ASP D CG  1 
ATOM   1392 O OD1 . ASP D 1 30 ? 22.110  -2.503  7.725   1.00 48.80 ? 30  ASP D OD1 1 
ATOM   1393 O OD2 . ASP D 1 30 ? 23.025  -3.188  5.913   1.00 50.26 ? 30  ASP D OD2 1 
ATOM   1394 N N   . ARG D 1 31 ? 23.161  2.287   4.808   1.00 41.06 ? 31  ARG D N   1 
ATOM   1395 C CA  . ARG D 1 31 ? 22.713  3.673   4.766   1.00 39.15 ? 31  ARG D CA  1 
ATOM   1396 C C   . ARG D 1 31 ? 21.311  3.727   4.133   1.00 36.66 ? 31  ARG D C   1 
ATOM   1397 O O   . ARG D 1 31 ? 20.421  4.351   4.684   1.00 35.39 ? 31  ARG D O   1 
ATOM   1398 C CB  . ARG D 1 31 ? 23.685  4.558   3.977   1.00 40.14 ? 31  ARG D CB  1 
ATOM   1399 C CG  . ARG D 1 31 ? 23.796  5.986   4.504   1.00 43.21 ? 31  ARG D CG  1 
ATOM   1400 C CD  . ARG D 1 31 ? 25.086  6.675   4.054   1.00 49.27 ? 31  ARG D CD  1 
ATOM   1401 N NE  . ARG D 1 31 ? 24.908  7.874   3.212   1.00 54.55 ? 31  ARG D NE  1 
ATOM   1402 C CZ  . ARG D 1 31 ? 24.233  7.950   2.052   1.00 56.45 ? 31  ARG D CZ  1 
ATOM   1403 N NH1 . ARG D 1 31 ? 24.200  9.114   1.406   1.00 56.45 ? 31  ARG D NH1 1 
ATOM   1404 N NH2 . ARG D 1 31 ? 23.570  6.900   1.548   1.00 58.63 ? 31  ARG D NH2 1 
ATOM   1405 N N   . VAL D 1 32 ? 21.126  3.064   2.988   1.00 34.65 ? 32  VAL D N   1 
ATOM   1406 C CA  . VAL D 1 32 ? 19.808  3.034   2.350   1.00 32.06 ? 32  VAL D CA  1 
ATOM   1407 C C   . VAL D 1 32 ? 18.711  2.454   3.313   1.00 31.86 ? 32  VAL D C   1 
ATOM   1408 O O   . VAL D 1 32 ? 17.652  3.083   3.520   1.00 31.34 ? 32  VAL D O   1 
ATOM   1409 C CB  . VAL D 1 32 ? 19.811  2.314   0.983   1.00 31.82 ? 32  VAL D CB  1 
ATOM   1410 C CG1 . VAL D 1 32 ? 18.513  2.640   0.262   1.00 28.80 ? 32  VAL D CG1 1 
ATOM   1411 C CG2 . VAL D 1 32 ? 21.029  2.738   0.123   1.00 31.54 ? 32  VAL D CG2 1 
ATOM   1412 N N   . GLN D 1 33 ? 19.005  1.331   3.975   1.00 31.23 ? 33  GLN D N   1 
ATOM   1413 C CA  . GLN D 1 33 ? 18.066  0.722   4.936   1.00 31.13 ? 33  GLN D CA  1 
ATOM   1414 C C   . GLN D 1 33 ? 17.620  1.712   5.988   1.00 30.05 ? 33  GLN D C   1 
ATOM   1415 O O   . GLN D 1 33 ? 16.429  1.755   6.411   1.00 27.92 ? 33  GLN D O   1 
ATOM   1416 C CB  . GLN D 1 33 ? 18.736  -0.460  5.632   1.00 31.29 ? 33  GLN D CB  1 
ATOM   1417 C CG  . GLN D 1 33 ? 18.282  -1.786  5.112   1.00 36.95 ? 33  GLN D CG  1 
ATOM   1418 C CD  . GLN D 1 33 ? 16.761  -2.000  5.220   1.00 45.72 ? 33  GLN D CD  1 
ATOM   1419 O OE1 . GLN D 1 33 ? 16.222  -2.877  4.519   1.00 49.25 ? 33  GLN D OE1 1 
ATOM   1420 N NE2 . GLN D 1 33 ? 16.070  -1.221  6.098   1.00 46.68 ? 33  GLN D NE2 1 
ATOM   1421 N N   . SER D 1 34 ? 18.579  2.523   6.418   1.00 29.94 ? 34  SER D N   1 
ATOM   1422 C CA  . SER D 1 34 ? 18.310  3.486   7.462   1.00 30.50 ? 34  SER D CA  1 
ATOM   1423 C C   . SER D 1 34 ? 17.450  4.646   6.973   1.00 30.13 ? 34  SER D C   1 
ATOM   1424 O O   . SER D 1 34 ? 16.587  5.139   7.692   1.00 30.45 ? 34  SER D O   1 
ATOM   1425 C CB  . SER D 1 34 ? 19.589  3.948   8.177   1.00 31.27 ? 34  SER D CB  1 
ATOM   1426 O OG  . SER D 1 34 ? 19.300  5.117   8.939   1.00 31.68 ? 34  SER D OG  1 
ATOM   1427 N N   . HIS D 1 35 ? 17.675  5.093   5.746   1.00 28.45 ? 35  HIS D N   1 
ATOM   1428 C CA  . HIS D 1 35 ? 16.758  6.065   5.145   1.00 27.74 ? 35  HIS D CA  1 
ATOM   1429 C C   . HIS D 1 35 ? 15.344  5.479   4.986   1.00 25.04 ? 35  HIS D C   1 
ATOM   1430 O O   . HIS D 1 35 ? 14.399  6.173   5.255   1.00 26.02 ? 35  HIS D O   1 
ATOM   1431 C CB  . HIS D 1 35 ? 17.311  6.562   3.808   1.00 26.68 ? 35  HIS D CB  1 
ATOM   1432 C CG  . HIS D 1 35 ? 18.655  7.213   3.930   1.00 29.46 ? 35  HIS D CG  1 
ATOM   1433 N ND1 . HIS D 1 35 ? 19.600  7.162   2.930   1.00 31.74 ? 35  HIS D ND1 1 
ATOM   1434 C CD2 . HIS D 1 35 ? 19.219  7.912   4.944   1.00 31.00 ? 35  HIS D CD2 1 
ATOM   1435 C CE1 . HIS D 1 35 ? 20.687  7.808   3.320   1.00 32.98 ? 35  HIS D CE1 1 
ATOM   1436 N NE2 . HIS D 1 35 ? 20.482  8.267   4.541   1.00 31.38 ? 35  HIS D NE2 1 
ATOM   1437 N N   . ILE D 1 36 ? 15.204  4.213   4.602   1.00 25.64 ? 36  ILE D N   1 
ATOM   1438 C CA  . ILE D 1 36 ? 13.842  3.630   4.463   1.00 24.80 ? 36  ILE D CA  1 
ATOM   1439 C C   . ILE D 1 36 ? 13.123  3.744   5.863   1.00 26.94 ? 36  ILE D C   1 
ATOM   1440 O O   . ILE D 1 36 ? 12.043  4.317   6.020   1.00 26.05 ? 36  ILE D O   1 
ATOM   1441 C CB  . ILE D 1 36 ? 13.914  2.168   3.983   1.00 25.08 ? 36  ILE D CB  1 
ATOM   1442 C CG1 . ILE D 1 36 ? 14.449  2.075   2.540   1.00 22.78 ? 36  ILE D CG1 1 
ATOM   1443 C CG2 . ILE D 1 36 ? 12.549  1.486   4.094   1.00 23.91 ? 36  ILE D CG2 1 
ATOM   1444 C CD1 . ILE D 1 36 ? 14.688  0.650   1.969   1.00 20.93 ? 36  ILE D CD1 1 
ATOM   1445 N N   . LEU D 1 37 ? 13.808  3.227   6.862   1.00 28.20 ? 37  LEU D N   1 
ATOM   1446 C CA  . LEU D 1 37 ? 13.328  3.140   8.245   1.00 28.79 ? 37  LEU D CA  1 
ATOM   1447 C C   . LEU D 1 37 ? 12.857  4.460   8.795   1.00 27.37 ? 37  LEU D C   1 
ATOM   1448 O O   . LEU D 1 37 ? 11.812  4.553   9.464   1.00 28.42 ? 37  LEU D O   1 
ATOM   1449 C CB  . LEU D 1 37 ? 14.525  2.701   9.118   1.00 28.82 ? 37  LEU D CB  1 
ATOM   1450 C CG  . LEU D 1 37 ? 14.915  1.367   9.738   1.00 33.14 ? 37  LEU D CG  1 
ATOM   1451 C CD1 . LEU D 1 37 ? 14.577  0.166   8.881   1.00 36.86 ? 37  LEU D CD1 1 
ATOM   1452 C CD2 . LEU D 1 37 ? 16.424  1.410   10.081  1.00 33.90 ? 37  LEU D CD2 1 
ATOM   1453 N N   . HIS D 1 38 ? 13.682  5.485   8.621   1.00 27.10 ? 38  HIS D N   1 
ATOM   1454 C CA  . HIS D 1 38 ? 13.322  6.794   9.123   1.00 26.40 ? 38  HIS D CA  1 
ATOM   1455 C C   . HIS D 1 38 ? 12.147  7.340   8.407   1.00 26.02 ? 38  HIS D C   1 
ATOM   1456 O O   . HIS D 1 38 ? 11.277  7.879   9.036   1.00 24.57 ? 38  HIS D O   1 
ATOM   1457 C CB  . HIS D 1 38 ? 14.469  7.761   9.090   1.00 26.69 ? 38  HIS D CB  1 
ATOM   1458 C CG  . HIS D 1 38 ? 15.456  7.544   10.204  1.00 29.81 ? 38  HIS D CG  1 
ATOM   1459 N ND1 . HIS D 1 38 ? 16.407  6.546   10.184  1.00 32.66 ? 38  HIS D ND1 1 
ATOM   1460 C CD2 . HIS D 1 38 ? 15.624  8.203   11.376  1.00 32.53 ? 38  HIS D CD2 1 
ATOM   1461 C CE1 . HIS D 1 38 ? 17.133  6.611   11.291  1.00 33.30 ? 38  HIS D CE1 1 
ATOM   1462 N NE2 . HIS D 1 38 ? 16.675  7.606   12.029  1.00 27.99 ? 38  HIS D NE2 1 
ATOM   1463 N N   . LEU D 1 39 ? 12.115  7.236   7.081   1.00 24.47 ? 39  LEU D N   1 
ATOM   1464 C CA  . LEU D 1 39 ? 10.988  7.879   6.429   1.00 24.32 ? 39  LEU D CA  1 
ATOM   1465 C C   . LEU D 1 39 ? 9.660   7.184   6.803   1.00 25.17 ? 39  LEU D C   1 
ATOM   1466 O O   . LEU D 1 39 ? 8.633   7.868   6.959   1.00 25.37 ? 39  LEU D O   1 
ATOM   1467 C CB  . LEU D 1 39 ? 11.195  7.967   4.910   1.00 24.02 ? 39  LEU D CB  1 
ATOM   1468 C CG  . LEU D 1 39 ? 10.273  8.991   4.247   1.00 24.61 ? 39  LEU D CG  1 
ATOM   1469 C CD1 . LEU D 1 39 ? 10.476  10.396  4.815   1.00 28.67 ? 39  LEU D CD1 1 
ATOM   1470 C CD2 . LEU D 1 39 ? 10.634  8.978   2.762   1.00 27.21 ? 39  LEU D CD2 1 
ATOM   1471 N N   . GLU D 1 40 ? 9.681   5.849   6.900   1.00 25.36 ? 40  GLU D N   1 
ATOM   1472 C CA  . GLU D 1 40 ? 8.500   5.013   7.269   1.00 28.33 ? 40  GLU D CA  1 
ATOM   1473 C C   . GLU D 1 40 ? 7.988   5.429   8.638   1.00 28.99 ? 40  GLU D C   1 
ATOM   1474 O O   . GLU D 1 40 ? 6.812   5.714   8.807   1.00 29.40 ? 40  GLU D O   1 
ATOM   1475 C CB  . GLU D 1 40 ? 8.868   3.537   7.280   1.00 28.53 ? 40  GLU D CB  1 
ATOM   1476 C CG  . GLU D 1 40 ? 7.757   2.543   7.011   1.00 32.71 ? 40  GLU D CG  1 
ATOM   1477 C CD  . GLU D 1 40 ? 8.252   1.124   7.179   1.00 39.30 ? 40  GLU D CD  1 
ATOM   1478 O OE1 . GLU D 1 40 ? 8.136   0.580   8.307   1.00 45.55 ? 40  GLU D OE1 1 
ATOM   1479 O OE2 . GLU D 1 40 ? 8.786   0.563   6.203   1.00 40.37 ? 40  GLU D OE2 1 
ATOM   1480 N N   . HIS D 1 41 ? 8.894   5.539   9.601   1.00 29.46 ? 41  HIS D N   1 
ATOM   1481 C CA  . HIS D 1 41 ? 8.566   6.129   10.903  1.00 30.48 ? 41  HIS D CA  1 
ATOM   1482 C C   . HIS D 1 41 ? 7.870   7.520   10.789  1.00 30.26 ? 41  HIS D C   1 
ATOM   1483 O O   . HIS D 1 41 ? 6.821   7.771   11.412  1.00 31.15 ? 41  HIS D O   1 
ATOM   1484 C CB  . HIS D 1 41 ? 9.866   6.240   11.687  1.00 31.59 ? 41  HIS D CB  1 
ATOM   1485 C CG  . HIS D 1 41 ? 9.726   6.915   13.016  1.00 34.10 ? 41  HIS D CG  1 
ATOM   1486 N ND1 . HIS D 1 41 ? 9.174   6.290   14.106  1.00 34.50 ? 41  HIS D ND1 1 
ATOM   1487 C CD2 . HIS D 1 41 ? 10.125  8.139   13.441  1.00 37.14 ? 41  HIS D CD2 1 
ATOM   1488 C CE1 . HIS D 1 41 ? 9.234   7.100   15.148  1.00 37.26 ? 41  HIS D CE1 1 
ATOM   1489 N NE2 . HIS D 1 41 ? 9.789   8.235   14.765  1.00 39.82 ? 41  HIS D NE2 1 
ATOM   1490 N N   . ASP D 1 42 ? 8.421   8.417   9.982   1.00 29.29 ? 42  ASP D N   1 
ATOM   1491 C CA  . ASP D 1 42 ? 7.836   9.746   9.823   1.00 29.66 ? 42  ASP D CA  1 
ATOM   1492 C C   . ASP D 1 42 ? 6.439   9.690   9.286   1.00 29.19 ? 42  ASP D C   1 
ATOM   1493 O O   . ASP D 1 42 ? 5.589   10.504  9.672   1.00 29.50 ? 42  ASP D O   1 
ATOM   1494 C CB  . ASP D 1 42 ? 8.604   10.601  8.825   1.00 29.69 ? 42  ASP D CB  1 
ATOM   1495 C CG  . ASP D 1 42 ? 9.961   11.043  9.325   1.00 34.23 ? 42  ASP D CG  1 
ATOM   1496 O OD1 . ASP D 1 42 ? 10.259  11.027  10.559  1.00 37.19 ? 42  ASP D OD1 1 
ATOM   1497 O OD2 . ASP D 1 42 ? 10.805  11.436  8.522   1.00 32.89 ? 42  ASP D OD2 1 
ATOM   1498 N N   . LEU D 1 43 ? 6.204   8.773   8.348   1.00 28.38 ? 43  LEU D N   1 
ATOM   1499 C CA  . LEU D 1 43 ? 4.884   8.624   7.781   1.00 29.12 ? 43  LEU D CA  1 
ATOM   1500 C C   . LEU D 1 43 ? 3.889   8.345   8.910   1.00 30.08 ? 43  LEU D C   1 
ATOM   1501 O O   . LEU D 1 43 ? 2.757   8.856   8.878   1.00 30.20 ? 43  LEU D O   1 
ATOM   1502 C CB  . LEU D 1 43 ? 4.858   7.487   6.771   1.00 28.55 ? 43  LEU D CB  1 
ATOM   1503 C CG  . LEU D 1 43 ? 5.394   7.895   5.391   1.00 31.72 ? 43  LEU D CG  1 
ATOM   1504 C CD1 . LEU D 1 43 ? 5.536   6.669   4.509   1.00 31.01 ? 43  LEU D CD1 1 
ATOM   1505 C CD2 . LEU D 1 43 ? 4.410   8.853   4.729   1.00 32.27 ? 43  LEU D CD2 1 
ATOM   1506 N N   . VAL D 1 44 ? 4.311   7.533   9.864   1.00 28.64 ? 44  VAL D N   1 
ATOM   1507 C CA  . VAL D 1 44 ? 3.389   7.105   10.931  1.00 30.72 ? 44  VAL D CA  1 
ATOM   1508 C C   . VAL D 1 44 ? 3.224   8.211   11.969  1.00 31.34 ? 44  VAL D C   1 
ATOM   1509 O O   . VAL D 1 44 ? 2.107   8.634   12.252  1.00 31.07 ? 44  VAL D O   1 
ATOM   1510 C CB  . VAL D 1 44 ? 3.732   5.708   11.496  1.00 30.38 ? 44  VAL D CB  1 
ATOM   1511 C CG1 . VAL D 1 44 ? 2.824   5.379   12.715  1.00 31.79 ? 44  VAL D CG1 1 
ATOM   1512 C CG2 . VAL D 1 44 ? 3.483   4.627   10.415  1.00 30.46 ? 44  VAL D CG2 1 
ATOM   1513 N N   . HIS D 1 45 ? 4.340   8.767   12.423  1.00 33.47 ? 45  HIS D N   1 
ATOM   1514 C CA  . HIS D 1 45 ? 4.316   9.756   13.485  1.00 34.22 ? 45  HIS D CA  1 
ATOM   1515 C C   . HIS D 1 45 ? 3.879   11.154  13.155  1.00 34.00 ? 45  HIS D C   1 
ATOM   1516 O O   . HIS D 1 45 ? 3.288   11.822  14.019  1.00 35.74 ? 45  HIS D O   1 
ATOM   1517 C CB  . HIS D 1 45 ? 5.622   9.728   14.267  1.00 35.70 ? 45  HIS D CB  1 
ATOM   1518 C CG  . HIS D 1 45 ? 5.722   8.519   15.127  1.00 39.69 ? 45  HIS D CG  1 
ATOM   1519 N ND1 . HIS D 1 45 ? 6.394   7.384   14.729  1.00 42.96 ? 45  HIS D ND1 1 
ATOM   1520 C CD2 . HIS D 1 45 ? 5.159   8.231   16.324  1.00 40.30 ? 45  HIS D CD2 1 
ATOM   1521 C CE1 . HIS D 1 45 ? 6.264   6.454   15.661  1.00 45.42 ? 45  HIS D CE1 1 
ATOM   1522 N NE2 . HIS D 1 45 ? 5.513   6.940   16.633  1.00 46.16 ? 45  HIS D NE2 1 
ATOM   1523 N N   . VAL D 1 46 ? 4.120   11.613  11.935  1.00 33.05 ? 46  VAL D N   1 
ATOM   1524 C CA  . VAL D 1 46 ? 3.581   12.896  11.508  1.00 32.60 ? 46  VAL D CA  1 
ATOM   1525 C C   . VAL D 1 46 ? 2.064   12.768  11.527  1.00 33.35 ? 46  VAL D C   1 
ATOM   1526 O O   . VAL D 1 46 ? 1.352   13.706  11.897  1.00 31.80 ? 46  VAL D O   1 
ATOM   1527 C CB  . VAL D 1 46 ? 4.031   13.251  10.071  1.00 32.94 ? 46  VAL D CB  1 
ATOM   1528 C CG1 . VAL D 1 46 ? 3.096   14.254  9.460   1.00 31.24 ? 46  VAL D CG1 1 
ATOM   1529 C CG2 . VAL D 1 46 ? 5.487   13.763  10.049  1.00 31.07 ? 46  VAL D CG2 1 
ATOM   1530 N N   . THR D 1 47 ? 1.579   11.591  11.138  1.00 33.37 ? 47  THR D N   1 
ATOM   1531 C CA  . THR D 1 47 ? 0.156   11.310  11.102  1.00 35.01 ? 47  THR D CA  1 
ATOM   1532 C C   . THR D 1 47 ? -0.386  11.243  12.522  1.00 36.03 ? 47  THR D C   1 
ATOM   1533 O O   . THR D 1 47 ? -1.450  11.765  12.783  1.00 36.73 ? 47  THR D O   1 
ATOM   1534 C CB  . THR D 1 47 ? -0.113  9.990   10.394  1.00 35.31 ? 47  THR D CB  1 
ATOM   1535 O OG1 . THR D 1 47 ? 0.421   10.075  9.063   1.00 35.59 ? 47  THR D OG1 1 
ATOM   1536 C CG2 . THR D 1 47 ? -1.639  9.757   10.173  1.00 35.63 ? 47  THR D CG2 1 
ATOM   1537 N N   . ARG D 1 48 ? 0.336   10.608  13.436  1.00 37.82 ? 48  ARG D N   1 
ATOM   1538 C CA  . ARG D 1 48 ? -0.179  10.509  14.812  1.00 39.28 ? 48  ARG D CA  1 
ATOM   1539 C C   . ARG D 1 48 ? 0.092   11.722  15.700  1.00 40.28 ? 48  ARG D C   1 
ATOM   1540 O O   . ARG D 1 48 ? 0.781   12.678  15.311  1.00 39.99 ? 48  ARG D O   1 
ATOM   1541 C CB  . ARG D 1 48 ? 0.289   9.219   15.488  1.00 40.37 ? 48  ARG D CB  1 
ATOM   1542 C CG  . ARG D 1 48 ? -0.867  8.354   16.028  1.00 43.02 ? 48  ARG D CG  1 
ATOM   1543 C CD  . ARG D 1 48 ? -0.604  7.750   17.421  1.00 50.11 ? 48  ARG D CD  1 
ATOM   1544 N NE  . ARG D 1 48 ? -1.651  6.812   17.833  1.00 53.53 ? 48  ARG D NE  1 
ATOM   1545 C CZ  . ARG D 1 48 ? -2.444  6.964   18.900  1.00 57.11 ? 48  ARG D CZ  1 
ATOM   1546 N NH1 . ARG D 1 48 ? -2.336  8.030   19.693  1.00 58.66 ? 48  ARG D NH1 1 
ATOM   1547 N NH2 . ARG D 1 48 ? -3.367  6.043   19.177  1.00 59.51 ? 48  ARG D NH2 1 
HETATM 1548 O O   . HOH E 2 .  ? -21.227 -13.530 6.262   1.00 25.84 ? 65  HOH A O   1 
HETATM 1549 O O   . HOH E 2 .  ? 0.771   -3.818  11.642  1.00 28.75 ? 66  HOH A O   1 
HETATM 1550 O O   . HOH E 2 .  ? -4.537  -15.966 3.037   1.00 29.18 ? 67  HOH A O   1 
HETATM 1551 O O   . HOH E 2 .  ? -6.679  -6.918  -15.291 1.00 29.41 ? 68  HOH A O   1 
HETATM 1552 O O   . HOH E 2 .  ? -20.297 -10.253 -2.135  1.00 30.48 ? 69  HOH A O   1 
HETATM 1553 O O   . HOH E 2 .  ? -6.856  -11.724 -15.708 1.00 31.55 ? 70  HOH A O   1 
HETATM 1554 O O   . HOH E 2 .  ? -18.505 -14.023 9.926   1.00 31.91 ? 71  HOH A O   1 
HETATM 1555 O O   . HOH E 2 .  ? -2.641  -14.837 9.487   1.00 32.13 ? 72  HOH A O   1 
HETATM 1556 O O   . HOH E 2 .  ? 0.083   -6.979  -10.503 1.00 32.89 ? 73  HOH A O   1 
HETATM 1557 O O   . HOH E 2 .  ? -8.820  -7.078  16.280  1.00 33.32 ? 74  HOH A O   1 
HETATM 1558 O O   . HOH E 2 .  ? -1.788  -0.841  -14.632 1.00 33.97 ? 75  HOH A O   1 
HETATM 1559 O O   . HOH E 2 .  ? -8.767  -9.183  12.590  1.00 34.93 ? 76  HOH A O   1 
HETATM 1560 O O   . HOH E 2 .  ? -4.906  -14.815 14.389  1.00 35.09 ? 77  HOH A O   1 
HETATM 1561 O O   . HOH E 2 .  ? -20.394 -9.952  -7.004  1.00 35.58 ? 78  HOH A O   1 
HETATM 1562 O O   . HOH E 2 .  ? -22.086 -8.189  -4.284  1.00 35.69 ? 79  HOH A O   1 
HETATM 1563 O O   . HOH E 2 .  ? -19.227 -15.174 5.284   1.00 35.80 ? 80  HOH A O   1 
HETATM 1564 O O   . HOH E 2 .  ? -21.541 -8.752  6.464   1.00 35.85 ? 81  HOH A O   1 
HETATM 1565 O O   . HOH E 2 .  ? -4.410  3.535   -6.892  1.00 37.27 ? 82  HOH A O   1 
HETATM 1566 O O   . HOH E 2 .  ? -13.137 -15.097 6.933   1.00 37.56 ? 83  HOH A O   1 
HETATM 1567 O O   . HOH E 2 .  ? -18.056 -2.520  10.672  1.00 37.59 ? 84  HOH A O   1 
HETATM 1568 O O   . HOH E 2 .  ? -17.969 -15.468 7.684   1.00 37.95 ? 85  HOH A O   1 
HETATM 1569 O O   . HOH E 2 .  ? -21.511 -6.666  4.916   1.00 37.98 ? 86  HOH A O   1 
HETATM 1570 O O   . HOH E 2 .  ? 4.586   -15.848 1.116   1.00 38.12 ? 87  HOH A O   1 
HETATM 1571 O O   . HOH E 2 .  ? -0.924  -13.977 14.418  1.00 38.13 ? 88  HOH A O   1 
HETATM 1572 O O   . HOH E 2 .  ? -11.157 -19.436 -0.003  1.00 38.42 ? 89  HOH A O   1 
HETATM 1573 O O   . HOH E 2 .  ? 0.357   -9.203  12.795  1.00 39.17 ? 90  HOH A O   1 
HETATM 1574 O O   . HOH E 2 .  ? -0.122  -7.534  -14.556 1.00 39.89 ? 91  HOH A O   1 
HETATM 1575 O O   . HOH E 2 .  ? 2.261   -5.173  -11.592 1.00 41.15 ? 92  HOH A O   1 
HETATM 1576 O O   . HOH E 2 .  ? -19.164 -6.600  3.408   1.00 42.23 ? 93  HOH A O   1 
HETATM 1577 O O   . HOH E 2 .  ? 0.153   -1.972  14.545  1.00 42.23 ? 94  HOH A O   1 
HETATM 1578 O O   . HOH E 2 .  ? -7.860  -15.295 -2.356  1.00 42.79 ? 95  HOH A O   1 
HETATM 1579 O O   . HOH E 2 .  ? 0.533   -14.591 12.351  1.00 43.03 ? 96  HOH A O   1 
HETATM 1580 O O   . HOH E 2 .  ? -5.366  -16.062 5.564   1.00 43.38 ? 97  HOH A O   1 
HETATM 1581 O O   . HOH E 2 .  ? -1.808  -17.492 2.350   1.00 43.71 ? 98  HOH A O   1 
HETATM 1582 O O   . HOH E 2 .  ? -1.823  -8.030  -16.623 1.00 44.13 ? 99  HOH A O   1 
HETATM 1583 O O   . HOH E 2 .  ? -9.442  -14.175 16.550  1.00 44.60 ? 100 HOH A O   1 
HETATM 1584 O O   . HOH E 2 .  ? -17.314 -15.510 11.208  1.00 45.29 ? 101 HOH A O   1 
HETATM 1585 O O   . HOH E 2 .  ? 0.843   -5.537  13.906  1.00 45.64 ? 102 HOH A O   1 
HETATM 1586 O O   . HOH E 2 .  ? 2.813   -9.440  -9.345  1.00 45.74 ? 103 HOH A O   1 
HETATM 1587 O O   . HOH E 2 .  ? -7.939  -18.864 2.282   1.00 45.83 ? 104 HOH A O   1 
HETATM 1588 O O   . HOH E 2 .  ? 3.528   -7.324  -12.416 1.00 46.32 ? 105 HOH A O   1 
HETATM 1589 O O   . HOH E 2 .  ? 0.245   -4.917  -14.065 1.00 47.46 ? 106 HOH A O   1 
HETATM 1590 O O   . HOH E 2 .  ? -22.510 -12.378 -6.257  1.00 47.93 ? 107 HOH A O   1 
HETATM 1591 O O   . HOH E 2 .  ? -14.762 -15.183 -16.985 1.00 48.78 ? 108 HOH A O   1 
HETATM 1592 O O   . HOH E 2 .  ? -24.178 -8.005  -9.988  1.00 49.62 ? 109 HOH A O   1 
HETATM 1593 O O   . HOH E 2 .  ? -23.219 -13.330 -8.935  1.00 49.69 ? 110 HOH A O   1 
HETATM 1594 O O   . HOH F 2 .  ? -16.562 -6.326  2.420   1.00 23.68 ? 65  HOH B O   1 
HETATM 1595 O O   . HOH F 2 .  ? -6.379  1.581   -5.515  1.00 28.80 ? 66  HOH B O   1 
HETATM 1596 O O   . HOH F 2 .  ? 4.569   -1.043  6.998   1.00 29.03 ? 67  HOH B O   1 
HETATM 1597 O O   . HOH F 2 .  ? 6.581   -2.385  3.955   1.00 31.33 ? 68  HOH B O   1 
HETATM 1598 O O   . HOH F 2 .  ? -12.936 -4.476  13.953  1.00 32.26 ? 69  HOH B O   1 
HETATM 1599 O O   . HOH F 2 .  ? -9.002  -5.475  -15.533 1.00 33.38 ? 70  HOH B O   1 
HETATM 1600 O O   . HOH F 2 .  ? -15.800 -1.873  8.251   1.00 34.20 ? 71  HOH B O   1 
HETATM 1601 O O   . HOH F 2 .  ? -3.893  1.665   0.012   1.00 34.55 ? 72  HOH B O   1 
HETATM 1602 O O   . HOH F 2 .  ? -20.774 -5.354  -9.424  1.00 34.67 ? 73  HOH B O   1 
HETATM 1603 O O   . HOH F 2 .  ? -9.136  0.641   -11.874 1.00 35.31 ? 74  HOH B O   1 
HETATM 1604 O O   . HOH F 2 .  ? 4.378   -9.310  2.305   1.00 35.54 ? 75  HOH B O   1 
HETATM 1605 O O   . HOH F 2 .  ? -16.071 -4.341  10.839  1.00 35.57 ? 76  HOH B O   1 
HETATM 1606 O O   . HOH F 2 .  ? -10.426 -10.223 -15.403 1.00 36.27 ? 77  HOH B O   1 
HETATM 1607 O O   . HOH F 2 .  ? -14.664 1.498   -14.371 1.00 36.34 ? 78  HOH B O   1 
HETATM 1608 O O   . HOH F 2 .  ? 3.369   -3.716  9.992   1.00 36.83 ? 79  HOH B O   1 
HETATM 1609 O O   . HOH F 2 .  ? -12.749 -2.674  11.787  1.00 37.38 ? 80  HOH B O   1 
HETATM 1610 O O   . HOH F 2 .  ? -21.865 2.208   -2.465  1.00 38.27 ? 81  HOH B O   1 
HETATM 1611 O O   . HOH F 2 .  ? -2.168  0.005   19.576  1.00 38.62 ? 82  HOH B O   1 
HETATM 1612 O O   . HOH F 2 .  ? -21.717 -7.566  -8.498  1.00 38.79 ? 83  HOH B O   1 
HETATM 1613 O O   . HOH F 2 .  ? 2.737   -7.270  10.303  1.00 38.80 ? 84  HOH B O   1 
HETATM 1614 O O   . HOH F 2 .  ? -4.136  2.884   10.773  1.00 39.70 ? 85  HOH B O   1 
HETATM 1615 O O   . HOH F 2 .  ? -22.883 -4.121  -6.888  1.00 40.26 ? 86  HOH B O   1 
HETATM 1616 O O   . HOH F 2 .  ? -7.291  -6.530  19.778  1.00 40.58 ? 87  HOH B O   1 
HETATM 1617 O O   . HOH F 2 .  ? -7.197  3.834   3.748   1.00 40.84 ? 88  HOH B O   1 
HETATM 1618 O O   . HOH F 2 .  ? -11.260 -0.758  -16.853 1.00 41.11 ? 89  HOH B O   1 
HETATM 1619 O O   . HOH F 2 .  ? -11.535 -11.515 -17.917 1.00 42.12 ? 90  HOH B O   1 
HETATM 1620 O O   . HOH F 2 .  ? -14.108 2.884   4.181   1.00 42.23 ? 91  HOH B O   1 
HETATM 1621 O O   . HOH F 2 .  ? -1.899  3.201   15.339  1.00 42.84 ? 92  HOH B O   1 
HETATM 1622 O O   . HOH F 2 .  ? -8.415  2.179   -7.353  1.00 43.20 ? 93  HOH B O   1 
HETATM 1623 O O   . HOH F 2 .  ? -23.169 -6.688  -6.464  1.00 44.66 ? 94  HOH B O   1 
HETATM 1624 O O   . HOH F 2 .  ? -5.880  1.705   20.575  1.00 44.68 ? 95  HOH B O   1 
HETATM 1625 O O   . HOH F 2 .  ? -6.123  2.876   -3.319  1.00 44.86 ? 96  HOH B O   1 
HETATM 1626 O O   . HOH F 2 .  ? -4.083  4.389   -4.234  1.00 45.06 ? 97  HOH B O   1 
HETATM 1627 O O   . HOH F 2 .  ? -24.649 -1.499  -0.668  1.00 46.33 ? 98  HOH B O   1 
HETATM 1628 O O   . HOH F 2 .  ? -11.898 -6.570  17.591  1.00 46.84 ? 99  HOH B O   1 
HETATM 1629 O O   . HOH F 2 .  ? -3.670  3.708   17.231  1.00 48.43 ? 100 HOH B O   1 
HETATM 1630 O O   . HOH F 2 .  ? -11.231 1.705   -16.063 1.00 49.20 ? 101 HOH B O   1 
HETATM 1631 O O   . HOH G 2 .  ? 4.859   -0.900  -10.105 1.00 25.21 ? 65  HOH C O   1 
HETATM 1632 O O   . HOH G 2 .  ? 15.295  8.891   5.128   1.00 27.16 ? 66  HOH C O   1 
HETATM 1633 O O   . HOH G 2 .  ? 2.885   10.338  -9.043  1.00 28.03 ? 67  HOH C O   1 
HETATM 1634 O O   . HOH G 2 .  ? 5.263   15.161  -4.866  1.00 28.56 ? 68  HOH C O   1 
HETATM 1635 O O   . HOH G 2 .  ? 26.241  8.276   -17.601 1.00 28.74 ? 69  HOH C O   1 
HETATM 1636 O O   . HOH G 2 .  ? -0.674  -15.247 -2.088  1.00 29.04 ? 70  HOH C O   1 
HETATM 1637 O O   . HOH G 2 .  ? 22.746  6.153   -2.446  1.00 29.92 ? 71  HOH C O   1 
HETATM 1638 O O   . HOH G 2 .  ? 13.644  0.302   -13.950 1.00 31.85 ? 72  HOH C O   1 
HETATM 1639 O O   . HOH G 2 .  ? 20.933  9.660   0.059   1.00 32.16 ? 73  HOH C O   1 
HETATM 1640 O O   . HOH G 2 .  ? -3.784  11.604  7.449   1.00 34.43 ? 74  HOH C O   1 
HETATM 1641 O O   . HOH G 2 .  ? 23.670  3.219   -14.596 1.00 34.56 ? 75  HOH C O   1 
HETATM 1642 O O   . HOH G 2 .  ? 23.036  12.636  -3.892  1.00 34.77 ? 76  HOH C O   1 
HETATM 1643 O O   . HOH G 2 .  ? 11.622  3.226   -15.767 1.00 35.62 ? 77  HOH C O   1 
HETATM 1644 O O   . HOH G 2 .  ? 8.038   17.717  -1.781  1.00 36.32 ? 78  HOH C O   1 
HETATM 1645 O O   . HOH G 2 .  ? 6.893   21.851  6.984   1.00 36.61 ? 79  HOH C O   1 
HETATM 1646 O O   . HOH G 2 .  ? 13.029  17.775  1.106   1.00 36.93 ? 80  HOH C O   1 
HETATM 1647 O O   . HOH G 2 .  ? 17.456  9.457   6.800   1.00 36.99 ? 81  HOH C O   1 
HETATM 1648 O O   . HOH G 2 .  ? 18.662  9.035   8.926   1.00 37.30 ? 82  HOH C O   1 
HETATM 1649 O O   . HOH G 2 .  ? 25.970  4.785   -17.256 1.00 37.64 ? 83  HOH C O   1 
HETATM 1650 O O   . HOH G 2 .  ? 24.629  7.542   -2.056  1.00 39.10 ? 84  HOH C O   1 
HETATM 1651 O O   . HOH G 2 .  ? 10.541  17.709  -3.389  1.00 39.28 ? 85  HOH C O   1 
HETATM 1652 O O   . HOH G 2 .  ? 0.578   17.899  -0.604  1.00 39.65 ? 86  HOH C O   1 
HETATM 1653 O O   . HOH G 2 .  ? -1.127  -17.231 -0.366  1.00 41.33 ? 87  HOH C O   1 
HETATM 1654 O O   . HOH G 2 .  ? 3.829   -3.080  -11.164 1.00 41.49 ? 88  HOH C O   1 
HETATM 1655 O O   . HOH G 2 .  ? 7.082   14.645  -6.785  1.00 41.76 ? 89  HOH C O   1 
HETATM 1656 O O   . HOH G 2 .  ? -3.213  15.346  4.711   1.00 42.11 ? 90  HOH C O   1 
HETATM 1657 O O   . HOH G 2 .  ? 25.282  4.882   -7.342  1.00 42.41 ? 91  HOH C O   1 
HETATM 1658 O O   . HOH G 2 .  ? 8.743   22.860  5.357   1.00 46.33 ? 92  HOH C O   1 
HETATM 1659 O O   . HOH G 2 .  ? -0.907  19.966  0.330   1.00 46.63 ? 93  HOH C O   1 
HETATM 1660 O O   . HOH G 2 .  ? 5.233   17.090  -2.864  1.00 47.54 ? 94  HOH C O   1 
HETATM 1661 O O   . HOH G 2 .  ? 5.795   -12.478 -7.014  1.00 47.84 ? 95  HOH C O   1 
HETATM 1662 O O   . HOH G 2 .  ? 17.831  10.804  10.760  1.00 49.00 ? 96  HOH C O   1 
HETATM 1663 O O   . HOH G 2 .  ? 3.197   -2.259  -13.387 1.00 49.65 ? 97  HOH C O   1 
HETATM 1664 O O   . HOH H 2 .  ? 4.604   1.902   3.893   1.00 27.45 ? 65  HOH D O   1 
HETATM 1665 O O   . HOH H 2 .  ? 7.276   -2.876  1.085   1.00 28.17 ? 66  HOH D O   1 
HETATM 1666 O O   . HOH H 2 .  ? 24.321  4.298   0.272   1.00 33.52 ? 67  HOH D O   1 
HETATM 1667 O O   . HOH H 2 .  ? 8.640   11.850  12.710  1.00 35.06 ? 68  HOH D O   1 
HETATM 1668 O O   . HOH H 2 .  ? 23.686  3.693   -2.194  1.00 36.54 ? 69  HOH D O   1 
HETATM 1669 O O   . HOH H 2 .  ? -6.610  6.980   8.370   1.00 37.85 ? 70  HOH D O   1 
HETATM 1670 O O   . HOH H 2 .  ? 8.420   14.377  13.293  1.00 39.51 ? 71  HOH D O   1 
HETATM 1671 O O   . HOH H 2 .  ? 23.384  0.715   -1.583  1.00 39.78 ? 72  HOH D O   1 
HETATM 1672 O O   . HOH H 2 .  ? 6.306   -0.113  4.397   1.00 39.87 ? 73  HOH D O   1 
HETATM 1673 O O   . HOH H 2 .  ? 1.992   16.323  12.042  1.00 39.88 ? 74  HOH D O   1 
HETATM 1674 O O   . HOH H 2 .  ? 15.297  -4.309  -9.563  1.00 39.97 ? 75  HOH D O   1 
HETATM 1675 O O   . HOH H 2 .  ? 5.763   1.284   10.307  1.00 40.26 ? 76  HOH D O   1 
HETATM 1676 O O   . HOH H 2 .  ? -0.828  15.018  16.118  1.00 40.42 ? 77  HOH D O   1 
HETATM 1677 O O   . HOH H 2 .  ? -6.993  16.507  -1.434  1.00 40.69 ? 78  HOH D O   1 
HETATM 1678 O O   . HOH H 2 .  ? -4.958  12.871  3.797   1.00 41.52 ? 79  HOH D O   1 
HETATM 1679 O O   . HOH H 2 .  ? 10.357  2.400   10.682  1.00 41.86 ? 80  HOH D O   1 
HETATM 1680 O O   . HOH H 2 .  ? 15.253  -0.155  -12.250 1.00 42.03 ? 81  HOH D O   1 
HETATM 1681 O O   . HOH H 2 .  ? 3.668   -0.118  9.905   1.00 42.48 ? 82  HOH D O   1 
HETATM 1682 O O   . HOH H 2 .  ? 6.738   -1.661  8.048   1.00 42.99 ? 83  HOH D O   1 
HETATM 1683 O O   . HOH H 2 .  ? 22.069  6.413   7.536   1.00 43.52 ? 84  HOH D O   1 
HETATM 1684 O O   . HOH H 2 .  ? 2.679   14.642  15.922  1.00 44.29 ? 85  HOH D O   1 
HETATM 1685 O O   . HOH H 2 .  ? 11.622  12.896  11.727  1.00 44.29 ? 86  HOH D O   1 
HETATM 1686 O O   . HOH H 2 .  ? 12.132  9.227   11.445  1.00 44.40 ? 87  HOH D O   1 
HETATM 1687 O O   . HOH H 2 .  ? -6.205  5.751   5.409   1.00 44.69 ? 88  HOH D O   1 
HETATM 1688 O O   . HOH H 2 .  ? 22.416  9.804   5.779   1.00 45.29 ? 89  HOH D O   1 
HETATM 1689 O O   . HOH H 2 .  ? 10.800  -5.276  1.351   1.00 45.81 ? 90  HOH D O   1 
HETATM 1690 O O   . HOH H 2 .  ? -2.732  18.130  -3.893  1.00 46.02 ? 91  HOH D O   1 
HETATM 1691 O O   . HOH H 2 .  ? -5.593  9.558   6.245   1.00 46.51 ? 92  HOH D O   1 
HETATM 1692 O O   . HOH H 2 .  ? 12.498  -6.989  -2.567  1.00 46.85 ? 93  HOH D O   1 
HETATM 1693 O O   . HOH H 2 .  ? 4.622   17.173  12.384  1.00 47.33 ? 94  HOH D O   1 
HETATM 1694 O O   . HOH H 2 .  ? -3.808  13.576  16.941  1.00 49.63 ? 95  HOH D O   1 
# 
